data_2MYE
# 
_entry.id   2MYE 
# 
_audit_conform.dict_name       mmcif_pdbx.dic 
_audit_conform.dict_version    5.387 
_audit_conform.dict_location   http://mmcif.pdb.org/dictionaries/ascii/mmcif_pdbx.dic 
# 
loop_
_database_2.database_id 
_database_2.database_code 
_database_2.pdbx_database_accession 
_database_2.pdbx_DOI 
PDB   2MYE         pdb_00002mye 10.2210/pdb2mye/pdb 
WWPDB D_1000178391 ?            ?                   
# 
loop_
_pdbx_audit_revision_history.ordinal 
_pdbx_audit_revision_history.data_content_type 
_pdbx_audit_revision_history.major_revision 
_pdbx_audit_revision_history.minor_revision 
_pdbx_audit_revision_history.revision_date 
1 'Structure model' 1 0 1994-01-31 
2 'Structure model' 1 1 2008-03-24 
3 'Structure model' 1 2 2011-07-13 
4 'Structure model' 1 3 2024-02-21 
# 
_pdbx_audit_revision_details.ordinal             1 
_pdbx_audit_revision_details.revision_ordinal    1 
_pdbx_audit_revision_details.data_content_type   'Structure model' 
_pdbx_audit_revision_details.provider            repository 
_pdbx_audit_revision_details.type                'Initial release' 
_pdbx_audit_revision_details.description         ? 
_pdbx_audit_revision_details.details             ? 
# 
loop_
_pdbx_audit_revision_group.ordinal 
_pdbx_audit_revision_group.revision_ordinal 
_pdbx_audit_revision_group.data_content_type 
_pdbx_audit_revision_group.group 
1 2 'Structure model' 'Version format compliance' 
2 3 'Structure model' 'Version format compliance' 
3 4 'Structure model' 'Data collection'           
4 4 'Structure model' 'Database references'       
5 4 'Structure model' 'Derived calculations'      
6 4 'Structure model' Other                       
# 
loop_
_pdbx_audit_revision_category.ordinal 
_pdbx_audit_revision_category.revision_ordinal 
_pdbx_audit_revision_category.data_content_type 
_pdbx_audit_revision_category.category 
1 4 'Structure model' chem_comp_atom       
2 4 'Structure model' chem_comp_bond       
3 4 'Structure model' database_2           
4 4 'Structure model' pdbx_database_status 
5 4 'Structure model' struct_conn          
6 4 'Structure model' struct_site          
# 
loop_
_pdbx_audit_revision_item.ordinal 
_pdbx_audit_revision_item.revision_ordinal 
_pdbx_audit_revision_item.data_content_type 
_pdbx_audit_revision_item.item 
1  4 'Structure model' '_database_2.pdbx_DOI'                
2  4 'Structure model' '_database_2.pdbx_database_accession' 
3  4 'Structure model' '_pdbx_database_status.process_site'  
4  4 'Structure model' '_struct_conn.ptnr1_auth_comp_id'     
5  4 'Structure model' '_struct_conn.ptnr1_auth_seq_id'      
6  4 'Structure model' '_struct_conn.ptnr1_label_asym_id'    
7  4 'Structure model' '_struct_conn.ptnr1_label_atom_id'    
8  4 'Structure model' '_struct_conn.ptnr1_label_comp_id'    
9  4 'Structure model' '_struct_conn.ptnr1_label_seq_id'     
10 4 'Structure model' '_struct_conn.ptnr2_auth_comp_id'     
11 4 'Structure model' '_struct_conn.ptnr2_auth_seq_id'      
12 4 'Structure model' '_struct_conn.ptnr2_label_asym_id'    
13 4 'Structure model' '_struct_conn.ptnr2_label_atom_id'    
14 4 'Structure model' '_struct_conn.ptnr2_label_comp_id'    
15 4 'Structure model' '_struct_conn.ptnr2_label_seq_id'     
16 4 'Structure model' '_struct_site.pdbx_auth_asym_id'      
17 4 'Structure model' '_struct_site.pdbx_auth_comp_id'      
18 4 'Structure model' '_struct_site.pdbx_auth_seq_id'       
# 
_pdbx_database_status.status_code                     REL 
_pdbx_database_status.entry_id                        2MYE 
_pdbx_database_status.recvd_initial_deposition_date   1993-08-04 
_pdbx_database_status.deposit_site                    ? 
_pdbx_database_status.process_site                    BNL 
_pdbx_database_status.SG_entry                        . 
_pdbx_database_status.pdb_format_compatible           Y 
_pdbx_database_status.status_code_mr                  ? 
_pdbx_database_status.status_code_sf                  ? 
_pdbx_database_status.status_code_cs                  ? 
_pdbx_database_status.status_code_nmr_data            ? 
_pdbx_database_status.methods_development_category    ? 
# 
loop_
_audit_author.name 
_audit_author.pdbx_ordinal 
'Johnson, K.A.'      1 
'Olson, J.S.'        2 
'Phillips Jr., G.N.' 3 
# 
loop_
_citation.id 
_citation.title 
_citation.journal_abbrev 
_citation.journal_volume 
_citation.page_first 
_citation.page_last 
_citation.year 
_citation.journal_id_ASTM 
_citation.country 
_citation.journal_id_ISSN 
_citation.journal_id_CSD 
_citation.book_publisher 
_citation.pdbx_database_id_PubMed 
_citation.pdbx_database_id_DOI 
primary 'High Resolution X-Ray Structures of Myoglobin-and Hemoglobin-Alkyl Isocyanide Complexes' Thesis      ?   ?   ? 1993 ? US 
?         0806 ? -1 ? 
1       'Structure of Myoglobin-Ethyl Isocyanide: Histidine as a Swinging Door for Ligand Entry'  J.Mol.Biol. 207 459 ? 1989 
JMOBAK UK 0022-2836 0070 ? ?  ? 
# 
loop_
_citation_author.citation_id 
_citation_author.name 
_citation_author.ordinal 
_citation_author.identifier_ORCID 
primary 'Johnson, K.A.'      1 ? 
1       'Johnson, K.A.'      2 ? 
1       'Olson, J.S.'        3 ? 
1       'Phillips Jr., G.N.' 4 ? 
# 
loop_
_entity.id 
_entity.type 
_entity.src_method 
_entity.pdbx_description 
_entity.formula_weight 
_entity.pdbx_number_of_molecules 
_entity.pdbx_ec 
_entity.pdbx_mutation 
_entity.pdbx_fragment 
_entity.details 
1 polymer     man 'MYOGLOBIN (ETHYL ISOCYANIDE)'    17234.951 1   ? ? ? ? 
2 non-polymer syn 'SULFATE ION'                     96.063    1   ? ? ? ? 
3 non-polymer syn 'PROTOPORPHYRIN IX CONTAINING FE' 616.487   1   ? ? ? ? 
4 non-polymer syn 'ETHYL ISOCYANIDE'                56.086    1   ? ? ? ? 
5 water       nat water                             18.015    185 ? ? ? ? 
# 
_entity_poly.entity_id                      1 
_entity_poly.type                           'polypeptide(L)' 
_entity_poly.nstd_linkage                   no 
_entity_poly.nstd_monomer                   no 
_entity_poly.pdbx_seq_one_letter_code       
;VLSEGEWQLVLHVWAKVEADVAGHGQDILIRLFKSHPETLEKFDRFKHLKTEAEMKASEDLKKHGVTVLTALGAILKKKG
HHEAELKPLAQSHATKHKIPIKYLEFISEAIIHVLHSRHPGDFGADAQGAMNKALELFRKDIAAKYKELGYQG
;
_entity_poly.pdbx_seq_one_letter_code_can   
;VLSEGEWQLVLHVWAKVEADVAGHGQDILIRLFKSHPETLEKFDRFKHLKTEAEMKASEDLKKHGVTVLTALGAILKKKG
HHEAELKPLAQSHATKHKIPIKYLEFISEAIIHVLHSRHPGDFGADAQGAMNKALELFRKDIAAKYKELGYQG
;
_entity_poly.pdbx_strand_id                 A 
_entity_poly.pdbx_target_identifier         ? 
# 
loop_
_pdbx_entity_nonpoly.entity_id 
_pdbx_entity_nonpoly.name 
_pdbx_entity_nonpoly.comp_id 
2 'SULFATE ION'                     SO4 
3 'PROTOPORPHYRIN IX CONTAINING FE' HEM 
4 'ETHYL ISOCYANIDE'                ENC 
5 water                             HOH 
# 
loop_
_entity_poly_seq.entity_id 
_entity_poly_seq.num 
_entity_poly_seq.mon_id 
_entity_poly_seq.hetero 
1 1   VAL n 
1 2   LEU n 
1 3   SER n 
1 4   GLU n 
1 5   GLY n 
1 6   GLU n 
1 7   TRP n 
1 8   GLN n 
1 9   LEU n 
1 10  VAL n 
1 11  LEU n 
1 12  HIS n 
1 13  VAL n 
1 14  TRP n 
1 15  ALA n 
1 16  LYS n 
1 17  VAL n 
1 18  GLU n 
1 19  ALA n 
1 20  ASP n 
1 21  VAL n 
1 22  ALA n 
1 23  GLY n 
1 24  HIS n 
1 25  GLY n 
1 26  GLN n 
1 27  ASP n 
1 28  ILE n 
1 29  LEU n 
1 30  ILE n 
1 31  ARG n 
1 32  LEU n 
1 33  PHE n 
1 34  LYS n 
1 35  SER n 
1 36  HIS n 
1 37  PRO n 
1 38  GLU n 
1 39  THR n 
1 40  LEU n 
1 41  GLU n 
1 42  LYS n 
1 43  PHE n 
1 44  ASP n 
1 45  ARG n 
1 46  PHE n 
1 47  LYS n 
1 48  HIS n 
1 49  LEU n 
1 50  LYS n 
1 51  THR n 
1 52  GLU n 
1 53  ALA n 
1 54  GLU n 
1 55  MET n 
1 56  LYS n 
1 57  ALA n 
1 58  SER n 
1 59  GLU n 
1 60  ASP n 
1 61  LEU n 
1 62  LYS n 
1 63  LYS n 
1 64  HIS n 
1 65  GLY n 
1 66  VAL n 
1 67  THR n 
1 68  VAL n 
1 69  LEU n 
1 70  THR n 
1 71  ALA n 
1 72  LEU n 
1 73  GLY n 
1 74  ALA n 
1 75  ILE n 
1 76  LEU n 
1 77  LYS n 
1 78  LYS n 
1 79  LYS n 
1 80  GLY n 
1 81  HIS n 
1 82  HIS n 
1 83  GLU n 
1 84  ALA n 
1 85  GLU n 
1 86  LEU n 
1 87  LYS n 
1 88  PRO n 
1 89  LEU n 
1 90  ALA n 
1 91  GLN n 
1 92  SER n 
1 93  HIS n 
1 94  ALA n 
1 95  THR n 
1 96  LYS n 
1 97  HIS n 
1 98  LYS n 
1 99  ILE n 
1 100 PRO n 
1 101 ILE n 
1 102 LYS n 
1 103 TYR n 
1 104 LEU n 
1 105 GLU n 
1 106 PHE n 
1 107 ILE n 
1 108 SER n 
1 109 GLU n 
1 110 ALA n 
1 111 ILE n 
1 112 ILE n 
1 113 HIS n 
1 114 VAL n 
1 115 LEU n 
1 116 HIS n 
1 117 SER n 
1 118 ARG n 
1 119 HIS n 
1 120 PRO n 
1 121 GLY n 
1 122 ASP n 
1 123 PHE n 
1 124 GLY n 
1 125 ALA n 
1 126 ASP n 
1 127 ALA n 
1 128 GLN n 
1 129 GLY n 
1 130 ALA n 
1 131 MET n 
1 132 ASN n 
1 133 LYS n 
1 134 ALA n 
1 135 LEU n 
1 136 GLU n 
1 137 LEU n 
1 138 PHE n 
1 139 ARG n 
1 140 LYS n 
1 141 ASP n 
1 142 ILE n 
1 143 ALA n 
1 144 ALA n 
1 145 LYS n 
1 146 TYR n 
1 147 LYS n 
1 148 GLU n 
1 149 LEU n 
1 150 GLY n 
1 151 TYR n 
1 152 GLN n 
1 153 GLY n 
# 
_entity_src_gen.entity_id                          1 
_entity_src_gen.pdbx_src_id                        1 
_entity_src_gen.pdbx_alt_source_flag               sample 
_entity_src_gen.pdbx_seq_type                      ? 
_entity_src_gen.pdbx_beg_seq_num                   ? 
_entity_src_gen.pdbx_end_seq_num                   ? 
_entity_src_gen.gene_src_common_name               'sperm whale' 
_entity_src_gen.gene_src_genus                     Physeter 
_entity_src_gen.pdbx_gene_src_gene                 ? 
_entity_src_gen.gene_src_species                   ? 
_entity_src_gen.gene_src_strain                    ? 
_entity_src_gen.gene_src_tissue                    ? 
_entity_src_gen.gene_src_tissue_fraction           ? 
_entity_src_gen.gene_src_details                   ? 
_entity_src_gen.pdbx_gene_src_fragment             ? 
_entity_src_gen.pdbx_gene_src_scientific_name      'Physeter catodon' 
_entity_src_gen.pdbx_gene_src_ncbi_taxonomy_id     9755 
_entity_src_gen.pdbx_gene_src_variant              ? 
_entity_src_gen.pdbx_gene_src_cell_line            ? 
_entity_src_gen.pdbx_gene_src_atcc                 ? 
_entity_src_gen.pdbx_gene_src_organ                ? 
_entity_src_gen.pdbx_gene_src_organelle            ? 
_entity_src_gen.pdbx_gene_src_cell                 ? 
_entity_src_gen.pdbx_gene_src_cellular_location    ? 
_entity_src_gen.host_org_common_name               ? 
_entity_src_gen.pdbx_host_org_scientific_name      ? 
_entity_src_gen.pdbx_host_org_ncbi_taxonomy_id     ? 
_entity_src_gen.host_org_genus                     ? 
_entity_src_gen.pdbx_host_org_gene                 ? 
_entity_src_gen.pdbx_host_org_organ                ? 
_entity_src_gen.host_org_species                   ? 
_entity_src_gen.pdbx_host_org_tissue               ? 
_entity_src_gen.pdbx_host_org_tissue_fraction      ? 
_entity_src_gen.pdbx_host_org_strain               ? 
_entity_src_gen.pdbx_host_org_variant              ? 
_entity_src_gen.pdbx_host_org_cell_line            ? 
_entity_src_gen.pdbx_host_org_atcc                 ? 
_entity_src_gen.pdbx_host_org_culture_collection   ? 
_entity_src_gen.pdbx_host_org_cell                 ? 
_entity_src_gen.pdbx_host_org_organelle            ? 
_entity_src_gen.pdbx_host_org_cellular_location    ? 
_entity_src_gen.pdbx_host_org_vector_type          ? 
_entity_src_gen.pdbx_host_org_vector               ? 
_entity_src_gen.host_org_details                   ? 
_entity_src_gen.expression_system_id               ? 
_entity_src_gen.plasmid_name                       ? 
_entity_src_gen.plasmid_details                    ? 
_entity_src_gen.pdbx_description                   ? 
# 
loop_
_chem_comp.id 
_chem_comp.type 
_chem_comp.mon_nstd_flag 
_chem_comp.name 
_chem_comp.pdbx_synonyms 
_chem_comp.formula 
_chem_comp.formula_weight 
ALA 'L-peptide linking' y ALANINE                           ?    'C3 H7 N O2'       89.093  
ARG 'L-peptide linking' y ARGININE                          ?    'C6 H15 N4 O2 1'   175.209 
ASN 'L-peptide linking' y ASPARAGINE                        ?    'C4 H8 N2 O3'      132.118 
ASP 'L-peptide linking' y 'ASPARTIC ACID'                   ?    'C4 H7 N O4'       133.103 
ENC non-polymer         . 'ETHYL ISOCYANIDE'                ?    'C3 H6 N 1'        56.086  
GLN 'L-peptide linking' y GLUTAMINE                         ?    'C5 H10 N2 O3'     146.144 
GLU 'L-peptide linking' y 'GLUTAMIC ACID'                   ?    'C5 H9 N O4'       147.129 
GLY 'peptide linking'   y GLYCINE                           ?    'C2 H5 N O2'       75.067  
HEM non-polymer         . 'PROTOPORPHYRIN IX CONTAINING FE' HEME 'C34 H32 Fe N4 O4' 616.487 
HIS 'L-peptide linking' y HISTIDINE                         ?    'C6 H10 N3 O2 1'   156.162 
HOH non-polymer         . WATER                             ?    'H2 O'             18.015  
ILE 'L-peptide linking' y ISOLEUCINE                        ?    'C6 H13 N O2'      131.173 
LEU 'L-peptide linking' y LEUCINE                           ?    'C6 H13 N O2'      131.173 
LYS 'L-peptide linking' y LYSINE                            ?    'C6 H15 N2 O2 1'   147.195 
MET 'L-peptide linking' y METHIONINE                        ?    'C5 H11 N O2 S'    149.211 
PHE 'L-peptide linking' y PHENYLALANINE                     ?    'C9 H11 N O2'      165.189 
PRO 'L-peptide linking' y PROLINE                           ?    'C5 H9 N O2'       115.130 
SER 'L-peptide linking' y SERINE                            ?    'C3 H7 N O3'       105.093 
SO4 non-polymer         . 'SULFATE ION'                     ?    'O4 S -2'          96.063  
THR 'L-peptide linking' y THREONINE                         ?    'C4 H9 N O3'       119.119 
TRP 'L-peptide linking' y TRYPTOPHAN                        ?    'C11 H12 N2 O2'    204.225 
TYR 'L-peptide linking' y TYROSINE                          ?    'C9 H11 N O3'      181.189 
VAL 'L-peptide linking' y VALINE                            ?    'C5 H11 N O2'      117.146 
# 
loop_
_pdbx_poly_seq_scheme.asym_id 
_pdbx_poly_seq_scheme.entity_id 
_pdbx_poly_seq_scheme.seq_id 
_pdbx_poly_seq_scheme.mon_id 
_pdbx_poly_seq_scheme.ndb_seq_num 
_pdbx_poly_seq_scheme.pdb_seq_num 
_pdbx_poly_seq_scheme.auth_seq_num 
_pdbx_poly_seq_scheme.pdb_mon_id 
_pdbx_poly_seq_scheme.auth_mon_id 
_pdbx_poly_seq_scheme.pdb_strand_id 
_pdbx_poly_seq_scheme.pdb_ins_code 
_pdbx_poly_seq_scheme.hetero 
A 1 1   VAL 1   1   1   VAL VAL A . n 
A 1 2   LEU 2   2   2   LEU LEU A . n 
A 1 3   SER 3   3   3   SER SER A . n 
A 1 4   GLU 4   4   4   GLU GLU A . n 
A 1 5   GLY 5   5   5   GLY GLY A . n 
A 1 6   GLU 6   6   6   GLU GLU A . n 
A 1 7   TRP 7   7   7   TRP TRP A . n 
A 1 8   GLN 8   8   8   GLN GLN A . n 
A 1 9   LEU 9   9   9   LEU LEU A . n 
A 1 10  VAL 10  10  10  VAL VAL A . n 
A 1 11  LEU 11  11  11  LEU LEU A . n 
A 1 12  HIS 12  12  12  HIS HIS A . n 
A 1 13  VAL 13  13  13  VAL VAL A . n 
A 1 14  TRP 14  14  14  TRP TRP A . n 
A 1 15  ALA 15  15  15  ALA ALA A . n 
A 1 16  LYS 16  16  16  LYS LYS A . n 
A 1 17  VAL 17  17  17  VAL VAL A . n 
A 1 18  GLU 18  18  18  GLU GLU A . n 
A 1 19  ALA 19  19  19  ALA ALA A . n 
A 1 20  ASP 20  20  20  ASP ASP A . n 
A 1 21  VAL 21  21  21  VAL VAL A . n 
A 1 22  ALA 22  22  22  ALA ALA A . n 
A 1 23  GLY 23  23  23  GLY GLY A . n 
A 1 24  HIS 24  24  24  HIS HIS A . n 
A 1 25  GLY 25  25  25  GLY GLY A . n 
A 1 26  GLN 26  26  26  GLN GLN A . n 
A 1 27  ASP 27  27  27  ASP ASP A . n 
A 1 28  ILE 28  28  28  ILE ILE A . n 
A 1 29  LEU 29  29  29  LEU LEU A . n 
A 1 30  ILE 30  30  30  ILE ILE A . n 
A 1 31  ARG 31  31  31  ARG ARG A . n 
A 1 32  LEU 32  32  32  LEU LEU A . n 
A 1 33  PHE 33  33  33  PHE PHE A . n 
A 1 34  LYS 34  34  34  LYS LYS A . n 
A 1 35  SER 35  35  35  SER SER A . n 
A 1 36  HIS 36  36  36  HIS HIS A . n 
A 1 37  PRO 37  37  37  PRO PRO A . n 
A 1 38  GLU 38  38  38  GLU GLU A . n 
A 1 39  THR 39  39  39  THR THR A . n 
A 1 40  LEU 40  40  40  LEU LEU A . n 
A 1 41  GLU 41  41  41  GLU GLU A . n 
A 1 42  LYS 42  42  42  LYS LYS A . n 
A 1 43  PHE 43  43  43  PHE PHE A . n 
A 1 44  ASP 44  44  44  ASP ASP A . n 
A 1 45  ARG 45  45  45  ARG ARG A . n 
A 1 46  PHE 46  46  46  PHE PHE A . n 
A 1 47  LYS 47  47  47  LYS LYS A . n 
A 1 48  HIS 48  48  48  HIS HIS A . n 
A 1 49  LEU 49  49  49  LEU LEU A . n 
A 1 50  LYS 50  50  50  LYS LYS A . n 
A 1 51  THR 51  51  51  THR THR A . n 
A 1 52  GLU 52  52  52  GLU GLU A . n 
A 1 53  ALA 53  53  53  ALA ALA A . n 
A 1 54  GLU 54  54  54  GLU GLU A . n 
A 1 55  MET 55  55  55  MET MET A . n 
A 1 56  LYS 56  56  56  LYS LYS A . n 
A 1 57  ALA 57  57  57  ALA ALA A . n 
A 1 58  SER 58  58  58  SER SER A . n 
A 1 59  GLU 59  59  59  GLU GLU A . n 
A 1 60  ASP 60  60  60  ASP ASP A . n 
A 1 61  LEU 61  61  61  LEU LEU A . n 
A 1 62  LYS 62  62  62  LYS LYS A . n 
A 1 63  LYS 63  63  63  LYS LYS A . n 
A 1 64  HIS 64  64  64  HIS HIS A . n 
A 1 65  GLY 65  65  65  GLY GLY A . n 
A 1 66  VAL 66  66  66  VAL VAL A . n 
A 1 67  THR 67  67  67  THR THR A . n 
A 1 68  VAL 68  68  68  VAL VAL A . n 
A 1 69  LEU 69  69  69  LEU LEU A . n 
A 1 70  THR 70  70  70  THR THR A . n 
A 1 71  ALA 71  71  71  ALA ALA A . n 
A 1 72  LEU 72  72  72  LEU LEU A . n 
A 1 73  GLY 73  73  73  GLY GLY A . n 
A 1 74  ALA 74  74  74  ALA ALA A . n 
A 1 75  ILE 75  75  75  ILE ILE A . n 
A 1 76  LEU 76  76  76  LEU LEU A . n 
A 1 77  LYS 77  77  77  LYS LYS A . n 
A 1 78  LYS 78  78  78  LYS LYS A . n 
A 1 79  LYS 79  79  79  LYS LYS A . n 
A 1 80  GLY 80  80  80  GLY GLY A . n 
A 1 81  HIS 81  81  81  HIS HIS A . n 
A 1 82  HIS 82  82  82  HIS HIS A . n 
A 1 83  GLU 83  83  83  GLU GLU A . n 
A 1 84  ALA 84  84  84  ALA ALA A . n 
A 1 85  GLU 85  85  85  GLU GLU A . n 
A 1 86  LEU 86  86  86  LEU LEU A . n 
A 1 87  LYS 87  87  87  LYS LYS A . n 
A 1 88  PRO 88  88  88  PRO PRO A . n 
A 1 89  LEU 89  89  89  LEU LEU A . n 
A 1 90  ALA 90  90  90  ALA ALA A . n 
A 1 91  GLN 91  91  91  GLN GLN A . n 
A 1 92  SER 92  92  92  SER SER A . n 
A 1 93  HIS 93  93  93  HIS HIS A . n 
A 1 94  ALA 94  94  94  ALA ALA A . n 
A 1 95  THR 95  95  95  THR THR A . n 
A 1 96  LYS 96  96  96  LYS LYS A . n 
A 1 97  HIS 97  97  97  HIS HIS A . n 
A 1 98  LYS 98  98  98  LYS LYS A . n 
A 1 99  ILE 99  99  99  ILE ILE A . n 
A 1 100 PRO 100 100 100 PRO PRO A . n 
A 1 101 ILE 101 101 101 ILE ILE A . n 
A 1 102 LYS 102 102 102 LYS LYS A . n 
A 1 103 TYR 103 103 103 TYR TYR A . n 
A 1 104 LEU 104 104 104 LEU LEU A . n 
A 1 105 GLU 105 105 105 GLU GLU A . n 
A 1 106 PHE 106 106 106 PHE PHE A . n 
A 1 107 ILE 107 107 107 ILE ILE A . n 
A 1 108 SER 108 108 108 SER SER A . n 
A 1 109 GLU 109 109 109 GLU GLU A . n 
A 1 110 ALA 110 110 110 ALA ALA A . n 
A 1 111 ILE 111 111 111 ILE ILE A . n 
A 1 112 ILE 112 112 112 ILE ILE A . n 
A 1 113 HIS 113 113 113 HIS HIS A . n 
A 1 114 VAL 114 114 114 VAL VAL A . n 
A 1 115 LEU 115 115 115 LEU LEU A . n 
A 1 116 HIS 116 116 116 HIS HIS A . n 
A 1 117 SER 117 117 117 SER SER A . n 
A 1 118 ARG 118 118 118 ARG ARG A . n 
A 1 119 HIS 119 119 119 HIS HIS A . n 
A 1 120 PRO 120 120 120 PRO PRO A . n 
A 1 121 GLY 121 121 121 GLY GLY A . n 
A 1 122 ASP 122 122 122 ASP ASP A . n 
A 1 123 PHE 123 123 123 PHE PHE A . n 
A 1 124 GLY 124 124 124 GLY GLY A . n 
A 1 125 ALA 125 125 125 ALA ALA A . n 
A 1 126 ASP 126 126 126 ASP ASP A . n 
A 1 127 ALA 127 127 127 ALA ALA A . n 
A 1 128 GLN 128 128 128 GLN GLN A . n 
A 1 129 GLY 129 129 129 GLY GLY A . n 
A 1 130 ALA 130 130 130 ALA ALA A . n 
A 1 131 MET 131 131 131 MET MET A . n 
A 1 132 ASN 132 132 132 ASN ASN A . n 
A 1 133 LYS 133 133 133 LYS LYS A . n 
A 1 134 ALA 134 134 134 ALA ALA A . n 
A 1 135 LEU 135 135 135 LEU LEU A . n 
A 1 136 GLU 136 136 136 GLU GLU A . n 
A 1 137 LEU 137 137 137 LEU LEU A . n 
A 1 138 PHE 138 138 138 PHE PHE A . n 
A 1 139 ARG 139 139 139 ARG ARG A . n 
A 1 140 LYS 140 140 140 LYS LYS A . n 
A 1 141 ASP 141 141 141 ASP ASP A . n 
A 1 142 ILE 142 142 142 ILE ILE A . n 
A 1 143 ALA 143 143 143 ALA ALA A . n 
A 1 144 ALA 144 144 144 ALA ALA A . n 
A 1 145 LYS 145 145 145 LYS LYS A . n 
A 1 146 TYR 146 146 146 TYR TYR A . n 
A 1 147 LYS 147 147 147 LYS LYS A . n 
A 1 148 GLU 148 148 148 GLU GLU A . n 
A 1 149 LEU 149 149 149 LEU LEU A . n 
A 1 150 GLY 150 150 150 GLY GLY A . n 
A 1 151 TYR 151 151 151 TYR TYR A . n 
A 1 152 GLN 152 152 152 GLN GLN A . n 
A 1 153 GLY 153 153 153 GLY GLY A . n 
# 
loop_
_pdbx_nonpoly_scheme.asym_id 
_pdbx_nonpoly_scheme.entity_id 
_pdbx_nonpoly_scheme.mon_id 
_pdbx_nonpoly_scheme.ndb_seq_num 
_pdbx_nonpoly_scheme.pdb_seq_num 
_pdbx_nonpoly_scheme.auth_seq_num 
_pdbx_nonpoly_scheme.pdb_mon_id 
_pdbx_nonpoly_scheme.auth_mon_id 
_pdbx_nonpoly_scheme.pdb_strand_id 
_pdbx_nonpoly_scheme.pdb_ins_code 
B 2 SO4 1   156 156 SO4 SO4 A . 
C 3 HEM 1   154 154 HEM HEM A . 
D 4 ENC 1   155 155 ENC ENC A . 
E 5 HOH 1   158 158 HOH HOH A . 
E 5 HOH 2   159 159 HOH HOH A . 
E 5 HOH 3   160 160 HOH HOH A . 
E 5 HOH 4   161 161 HOH HOH A . 
E 5 HOH 5   162 162 HOH HOH A . 
E 5 HOH 6   163 163 HOH HOH A . 
E 5 HOH 7   164 164 HOH HOH A . 
E 5 HOH 8   165 165 HOH HOH A . 
E 5 HOH 9   167 167 HOH HOH A . 
E 5 HOH 10  168 168 HOH HOH A . 
E 5 HOH 11  172 172 HOH HOH A . 
E 5 HOH 12  173 173 HOH HOH A . 
E 5 HOH 13  175 175 HOH HOH A . 
E 5 HOH 14  177 177 HOH HOH A . 
E 5 HOH 15  178 178 HOH HOH A . 
E 5 HOH 16  181 181 HOH HOH A . 
E 5 HOH 17  186 186 HOH HOH A . 
E 5 HOH 18  187 187 HOH HOH A . 
E 5 HOH 19  190 190 HOH HOH A . 
E 5 HOH 20  192 192 HOH HOH A . 
E 5 HOH 21  193 193 HOH HOH A . 
E 5 HOH 22  194 194 HOH HOH A . 
E 5 HOH 23  195 195 HOH HOH A . 
E 5 HOH 24  196 196 HOH HOH A . 
E 5 HOH 25  197 197 HOH HOH A . 
E 5 HOH 26  198 198 HOH HOH A . 
E 5 HOH 27  200 200 HOH HOH A . 
E 5 HOH 28  201 201 HOH HOH A . 
E 5 HOH 29  202 202 HOH HOH A . 
E 5 HOH 30  205 205 HOH HOH A . 
E 5 HOH 31  207 207 HOH HOH A . 
E 5 HOH 32  208 208 HOH HOH A . 
E 5 HOH 33  209 209 HOH HOH A . 
E 5 HOH 34  210 210 HOH HOH A . 
E 5 HOH 35  213 213 HOH HOH A . 
E 5 HOH 36  214 214 HOH HOH A . 
E 5 HOH 37  215 215 HOH HOH A . 
E 5 HOH 38  216 216 HOH HOH A . 
E 5 HOH 39  218 218 HOH HOH A . 
E 5 HOH 40  221 221 HOH HOH A . 
E 5 HOH 41  227 227 HOH HOH A . 
E 5 HOH 42  228 228 HOH HOH A . 
E 5 HOH 43  229 229 HOH HOH A . 
E 5 HOH 44  233 233 HOH HOH A . 
E 5 HOH 45  234 234 HOH HOH A . 
E 5 HOH 46  235 235 HOH HOH A . 
E 5 HOH 47  236 236 HOH HOH A . 
E 5 HOH 48  237 237 HOH HOH A . 
E 5 HOH 49  240 240 HOH HOH A . 
E 5 HOH 50  255 255 HOH HOH A . 
E 5 HOH 51  257 257 HOH HOH A . 
E 5 HOH 52  258 258 HOH HOH A . 
E 5 HOH 53  259 259 HOH HOH A . 
E 5 HOH 54  261 261 HOH HOH A . 
E 5 HOH 55  265 265 HOH HOH A . 
E 5 HOH 56  266 266 HOH HOH A . 
E 5 HOH 57  267 267 HOH HOH A . 
E 5 HOH 58  268 268 HOH HOH A . 
E 5 HOH 59  269 269 HOH HOH A . 
E 5 HOH 60  270 270 HOH HOH A . 
E 5 HOH 61  273 273 HOH HOH A . 
E 5 HOH 62  276 276 HOH HOH A . 
E 5 HOH 63  277 277 HOH HOH A . 
E 5 HOH 64  278 278 HOH HOH A . 
E 5 HOH 65  282 282 HOH HOH A . 
E 5 HOH 66  283 283 HOH HOH A . 
E 5 HOH 67  284 284 HOH HOH A . 
E 5 HOH 68  285 285 HOH HOH A . 
E 5 HOH 69  286 286 HOH HOH A . 
E 5 HOH 70  289 289 HOH HOH A . 
E 5 HOH 71  290 290 HOH HOH A . 
E 5 HOH 72  291 291 HOH HOH A . 
E 5 HOH 73  292 292 HOH HOH A . 
E 5 HOH 74  295 295 HOH HOH A . 
E 5 HOH 75  296 296 HOH HOH A . 
E 5 HOH 76  297 297 HOH HOH A . 
E 5 HOH 77  298 298 HOH HOH A . 
E 5 HOH 78  299 299 HOH HOH A . 
E 5 HOH 79  300 300 HOH HOH A . 
E 5 HOH 80  301 301 HOH HOH A . 
E 5 HOH 81  305 305 HOH HOH A . 
E 5 HOH 82  307 307 HOH HOH A . 
E 5 HOH 83  308 308 HOH HOH A . 
E 5 HOH 84  311 311 HOH HOH A . 
E 5 HOH 85  314 314 HOH HOH A . 
E 5 HOH 86  317 317 HOH HOH A . 
E 5 HOH 87  325 325 HOH HOH A . 
E 5 HOH 88  326 326 HOH HOH A . 
E 5 HOH 89  327 327 HOH HOH A . 
E 5 HOH 90  338 338 HOH HOH A . 
E 5 HOH 91  350 350 HOH HOH A . 
E 5 HOH 92  361 361 HOH HOH A . 
E 5 HOH 93  362 362 HOH HOH A . 
E 5 HOH 94  368 368 HOH HOH A . 
E 5 HOH 95  371 371 HOH HOH A . 
E 5 HOH 96  372 372 HOH HOH A . 
E 5 HOH 97  373 373 HOH HOH A . 
E 5 HOH 98  380 380 HOH HOH A . 
E 5 HOH 99  382 382 HOH HOH A . 
E 5 HOH 100 389 389 HOH HOH A . 
E 5 HOH 101 392 392 HOH HOH A . 
E 5 HOH 102 397 397 HOH HOH A . 
E 5 HOH 103 400 400 HOH HOH A . 
E 5 HOH 104 402 402 HOH HOH A . 
E 5 HOH 105 403 403 HOH HOH A . 
E 5 HOH 106 407 407 HOH HOH A . 
E 5 HOH 107 413 413 HOH HOH A . 
E 5 HOH 108 414 414 HOH HOH A . 
E 5 HOH 109 418 418 HOH HOH A . 
E 5 HOH 110 419 419 HOH HOH A . 
E 5 HOH 111 430 430 HOH HOH A . 
E 5 HOH 112 434 434 HOH HOH A . 
E 5 HOH 113 435 435 HOH HOH A . 
E 5 HOH 114 439 439 HOH HOH A . 
E 5 HOH 115 441 441 HOH HOH A . 
E 5 HOH 116 443 443 HOH HOH A . 
E 5 HOH 117 444 444 HOH HOH A . 
E 5 HOH 118 448 448 HOH HOH A . 
E 5 HOH 119 449 449 HOH HOH A . 
E 5 HOH 120 451 451 HOH HOH A . 
E 5 HOH 121 454 454 HOH HOH A . 
E 5 HOH 122 461 461 HOH HOH A . 
E 5 HOH 123 463 463 HOH HOH A . 
E 5 HOH 124 464 464 HOH HOH A . 
E 5 HOH 125 467 467 HOH HOH A . 
E 5 HOH 126 468 468 HOH HOH A . 
E 5 HOH 127 471 471 HOH HOH A . 
E 5 HOH 128 473 473 HOH HOH A . 
E 5 HOH 129 475 475 HOH HOH A . 
E 5 HOH 130 477 477 HOH HOH A . 
E 5 HOH 131 478 478 HOH HOH A . 
E 5 HOH 132 479 479 HOH HOH A . 
E 5 HOH 133 480 480 HOH HOH A . 
E 5 HOH 134 482 482 HOH HOH A . 
E 5 HOH 135 484 484 HOH HOH A . 
E 5 HOH 136 493 493 HOH HOH A . 
E 5 HOH 137 494 494 HOH HOH A . 
E 5 HOH 138 495 495 HOH HOH A . 
E 5 HOH 139 519 519 HOH HOH A . 
E 5 HOH 140 524 524 HOH HOH A . 
E 5 HOH 141 525 525 HOH HOH A . 
E 5 HOH 142 526 526 HOH HOH A . 
E 5 HOH 143 531 531 HOH HOH A . 
E 5 HOH 144 536 536 HOH HOH A . 
E 5 HOH 145 545 545 HOH HOH A . 
E 5 HOH 146 549 549 HOH HOH A . 
E 5 HOH 147 551 551 HOH HOH A . 
E 5 HOH 148 569 569 HOH HOH A . 
E 5 HOH 149 576 576 HOH HOH A . 
E 5 HOH 150 577 577 HOH HOH A . 
E 5 HOH 151 584 584 HOH HOH A . 
E 5 HOH 152 586 586 HOH HOH A . 
E 5 HOH 153 588 588 HOH HOH A . 
E 5 HOH 154 590 590 HOH HOH A . 
E 5 HOH 155 592 592 HOH HOH A . 
E 5 HOH 156 603 603 HOH HOH A . 
E 5 HOH 157 604 604 HOH HOH A . 
E 5 HOH 158 615 615 HOH HOH A . 
E 5 HOH 159 624 624 HOH HOH A . 
E 5 HOH 160 630 630 HOH HOH A . 
E 5 HOH 161 642 642 HOH HOH A . 
E 5 HOH 162 652 652 HOH HOH A . 
E 5 HOH 163 657 657 HOH HOH A . 
E 5 HOH 164 660 660 HOH HOH A . 
E 5 HOH 165 661 661 HOH HOH A . 
E 5 HOH 166 667 667 HOH HOH A . 
E 5 HOH 167 679 679 HOH HOH A . 
E 5 HOH 168 680 680 HOH HOH A . 
E 5 HOH 169 682 682 HOH HOH A . 
E 5 HOH 170 688 688 HOH HOH A . 
E 5 HOH 171 692 692 HOH HOH A . 
E 5 HOH 172 693 693 HOH HOH A . 
E 5 HOH 173 695 695 HOH HOH A . 
E 5 HOH 174 700 700 HOH HOH A . 
E 5 HOH 175 705 705 HOH HOH A . 
E 5 HOH 176 770 770 HOH HOH A . 
E 5 HOH 177 785 785 HOH HOH A . 
E 5 HOH 178 790 790 HOH HOH A . 
E 5 HOH 179 805 805 HOH HOH A . 
E 5 HOH 180 820 820 HOH HOH A . 
E 5 HOH 181 825 825 HOH HOH A . 
E 5 HOH 182 830 830 HOH HOH A . 
E 5 HOH 183 835 835 HOH HOH A . 
E 5 HOH 184 836 836 HOH HOH A . 
E 5 HOH 185 841 841 HOH HOH A . 
# 
_pdbx_unobs_or_zero_occ_atoms.id               1 
_pdbx_unobs_or_zero_occ_atoms.PDB_model_num    1 
_pdbx_unobs_or_zero_occ_atoms.polymer_flag     N 
_pdbx_unobs_or_zero_occ_atoms.occupancy_flag   1 
_pdbx_unobs_or_zero_occ_atoms.auth_asym_id     A 
_pdbx_unobs_or_zero_occ_atoms.auth_comp_id     ENC 
_pdbx_unobs_or_zero_occ_atoms.auth_seq_id      155 
_pdbx_unobs_or_zero_occ_atoms.PDB_ins_code     ? 
_pdbx_unobs_or_zero_occ_atoms.auth_atom_id     C2 
_pdbx_unobs_or_zero_occ_atoms.label_alt_id     ? 
_pdbx_unobs_or_zero_occ_atoms.label_asym_id    D 
_pdbx_unobs_or_zero_occ_atoms.label_comp_id    ENC 
_pdbx_unobs_or_zero_occ_atoms.label_seq_id     1 
_pdbx_unobs_or_zero_occ_atoms.label_atom_id    C2 
# 
loop_
_software.name 
_software.classification 
_software.version 
_software.citation_id 
_software.pdbx_ordinal 
X-PLOR 'model building' 3.1 ? 1 
X-PLOR refinement       3.1 ? 2 
X-PLOR phasing          3.1 ? 3 
# 
_cell.entry_id           2MYE 
_cell.length_a           64.640 
_cell.length_b           30.950 
_cell.length_c           34.950 
_cell.angle_alpha        90.00 
_cell.angle_beta         106.08 
_cell.angle_gamma        90.00 
_cell.Z_PDB              2 
_cell.pdbx_unique_axis   ? 
# 
_symmetry.entry_id                         2MYE 
_symmetry.space_group_name_H-M             'P 1 21 1' 
_symmetry.pdbx_full_space_group_name_H-M   ? 
_symmetry.cell_setting                     ? 
_symmetry.Int_Tables_number                4 
# 
_exptl.entry_id          2MYE 
_exptl.method            'X-RAY DIFFRACTION' 
_exptl.crystals_number   ? 
# 
_exptl_crystal.id                    1 
_exptl_crystal.density_meas          ? 
_exptl_crystal.density_Matthews      1.95 
_exptl_crystal.density_percent_sol   36.88 
_exptl_crystal.description           ? 
# 
_exptl_crystal_grow.crystal_id      1 
_exptl_crystal_grow.method          ? 
_exptl_crystal_grow.temp            ? 
_exptl_crystal_grow.temp_details    ? 
_exptl_crystal_grow.pH              ? 
_exptl_crystal_grow.pdbx_pH_range   ? 
_exptl_crystal_grow.pdbx_details    
;THE PH IN THIS CRYSTAL IS WEAKLY BUFFERED (10 MM PHOSPHATE)
AND THE STRUCTURE INDICATES THAT THE PH MAY HAVE FALLEN TO
PH 6 OR BELOW.  THE RESIDUE HIS 64 MAY BE DOUBLY
PROTONATED.  COMPARE THIS STRUCTURE WITH THE WELL-BUFFERED
(100 MM PHOSPHATE) PH 7.0 MYOGLOBIN-ETHYL ISOCYANIDE
STRUCTURE (PROTEIN DATA BANK ENTRY 2MYB).
;
# 
_refine.entry_id                                 2MYE 
_refine.ls_number_reflns_obs                     ? 
_refine.ls_number_reflns_all                     ? 
_refine.pdbx_ls_sigma_I                          ? 
_refine.pdbx_ls_sigma_F                          0.0 
_refine.pdbx_data_cutoff_high_absF               ? 
_refine.pdbx_data_cutoff_low_absF                ? 
_refine.pdbx_data_cutoff_high_rms_absF           ? 
_refine.ls_d_res_low                             5.0 
_refine.ls_d_res_high                            1.68 
_refine.ls_percent_reflns_obs                    ? 
_refine.ls_R_factor_obs                          0.1720000 
_refine.ls_R_factor_all                          ? 
_refine.ls_R_factor_R_work                       0.1720000 
_refine.ls_R_factor_R_free                       ? 
_refine.ls_R_factor_R_free_error                 ? 
_refine.ls_R_factor_R_free_error_details         ? 
_refine.ls_percent_reflns_R_free                 ? 
_refine.ls_number_reflns_R_free                  ? 
_refine.ls_number_parameters                     ? 
_refine.ls_number_restraints                     ? 
_refine.occupancy_min                            ? 
_refine.occupancy_max                            ? 
_refine.B_iso_mean                               ? 
_refine.aniso_B[1][1]                            ? 
_refine.aniso_B[2][2]                            ? 
_refine.aniso_B[3][3]                            ? 
_refine.aniso_B[1][2]                            ? 
_refine.aniso_B[1][3]                            ? 
_refine.aniso_B[2][3]                            ? 
_refine.solvent_model_details                    ? 
_refine.solvent_model_param_ksol                 ? 
_refine.solvent_model_param_bsol                 ? 
_refine.pdbx_ls_cross_valid_method               ? 
_refine.details                                  
;WATERS WERE RETAINED FROM THE STARTING STRUCTURE OF
OXYMYOGLOBIN (PROTEIN DATA BANK ENTRY 1MBO).  ADDITIONAL
WATERS WERE ADDED IF THEY LAY IN 3.5 - 4.O SIGMA PEAKS IN
FO-FC ELECTRON DENSITY MAPS AND 1 SIGMA PEAKS IN 2FO-FC
MAPS.  CONCURRENTLY, A WATER WOULD BE DELETED IF ITS
OCCUPANCY (Q) AND TEMPERATURE FACTOR (B) COMBINED TO MAKE
THE VALUE Q*EXP(-B/36)*100% FALL BELOW 10%.  A PEAK NUMBER
OF 341 WATERS WAS REACHED.  THIS WAS REDUCED TO 185 WATERS
OVER THE LAST FEW REFINEMENT CYCLES BY DELETING WATERS
WHICH FELL BELOW A 20% THRESHOLD.
;
_refine.pdbx_starting_model                      ? 
_refine.pdbx_method_to_determine_struct          ? 
_refine.pdbx_isotropic_thermal_model             ? 
_refine.pdbx_stereochemistry_target_values       ? 
_refine.pdbx_stereochem_target_val_spec_case     ? 
_refine.pdbx_R_Free_selection_details            ? 
_refine.pdbx_overall_ESU_R                       ? 
_refine.pdbx_overall_ESU_R_Free                  ? 
_refine.overall_SU_ML                            ? 
_refine.overall_SU_B                             ? 
_refine.pdbx_refine_id                           'X-RAY DIFFRACTION' 
_refine.pdbx_diffrn_id                           1 
_refine.pdbx_TLS_residual_ADP_flag               ? 
_refine.correlation_coeff_Fo_to_Fc               ? 
_refine.correlation_coeff_Fo_to_Fc_free          ? 
_refine.pdbx_solvent_vdw_probe_radii             ? 
_refine.pdbx_solvent_ion_probe_radii             ? 
_refine.pdbx_solvent_shrinkage_radii             ? 
_refine.pdbx_overall_phase_error                 ? 
_refine.overall_SU_R_Cruickshank_DPI             ? 
_refine.pdbx_overall_SU_R_free_Cruickshank_DPI   ? 
_refine.pdbx_overall_SU_R_Blow_DPI               ? 
_refine.pdbx_overall_SU_R_free_Blow_DPI          ? 
# 
_refine_hist.pdbx_refine_id                   'X-RAY DIFFRACTION' 
_refine_hist.cycle_id                         LAST 
_refine_hist.pdbx_number_atoms_protein        1217 
_refine_hist.pdbx_number_atoms_nucleic_acid   0 
_refine_hist.pdbx_number_atoms_ligand         52 
_refine_hist.number_atoms_solvent             185 
_refine_hist.number_atoms_total               1454 
_refine_hist.d_res_high                       1.68 
_refine_hist.d_res_low                        5.0 
# 
loop_
_refine_ls_restr.type 
_refine_ls_restr.dev_ideal 
_refine_ls_restr.dev_ideal_target 
_refine_ls_restr.weight 
_refine_ls_restr.number 
_refine_ls_restr.pdbx_refine_id 
_refine_ls_restr.pdbx_restraint_function 
x_bond_d                0.020 ? ? ? 'X-RAY DIFFRACTION' ? 
x_bond_d_na             ?     ? ? ? 'X-RAY DIFFRACTION' ? 
x_bond_d_prot           ?     ? ? ? 'X-RAY DIFFRACTION' ? 
x_angle_d               ?     ? ? ? 'X-RAY DIFFRACTION' ? 
x_angle_d_na            ?     ? ? ? 'X-RAY DIFFRACTION' ? 
x_angle_d_prot          ?     ? ? ? 'X-RAY DIFFRACTION' ? 
x_angle_deg             1.751 ? ? ? 'X-RAY DIFFRACTION' ? 
x_angle_deg_na          ?     ? ? ? 'X-RAY DIFFRACTION' ? 
x_angle_deg_prot        ?     ? ? ? 'X-RAY DIFFRACTION' ? 
x_dihedral_angle_d      ?     ? ? ? 'X-RAY DIFFRACTION' ? 
x_dihedral_angle_d_na   ?     ? ? ? 'X-RAY DIFFRACTION' ? 
x_dihedral_angle_d_prot ?     ? ? ? 'X-RAY DIFFRACTION' ? 
x_improper_angle_d      ?     ? ? ? 'X-RAY DIFFRACTION' ? 
x_improper_angle_d_na   ?     ? ? ? 'X-RAY DIFFRACTION' ? 
x_improper_angle_d_prot ?     ? ? ? 'X-RAY DIFFRACTION' ? 
x_mcbond_it             ?     ? ? ? 'X-RAY DIFFRACTION' ? 
x_mcangle_it            ?     ? ? ? 'X-RAY DIFFRACTION' ? 
x_scbond_it             ?     ? ? ? 'X-RAY DIFFRACTION' ? 
x_scangle_it            ?     ? ? ? 'X-RAY DIFFRACTION' ? 
# 
_struct.entry_id                  2MYE 
_struct.title                     'HIGH RESOLUTION X-RAY STRUCTURES OF MYOGLOBIN-AND HEMOGLOBIN-ALKYL ISOCYANIDE COMPLEXES' 
_struct.pdbx_model_details        ? 
_struct.pdbx_CASP_flag            ? 
_struct.pdbx_model_type_details   ? 
# 
_struct_keywords.entry_id        2MYE 
_struct_keywords.pdbx_keywords   'OXYGEN STORAGE' 
_struct_keywords.text            'OXYGEN STORAGE' 
# 
loop_
_struct_asym.id 
_struct_asym.pdbx_blank_PDB_chainid_flag 
_struct_asym.pdbx_modified 
_struct_asym.entity_id 
_struct_asym.details 
A N N 1 ? 
B N N 2 ? 
C N N 3 ? 
D N N 4 ? 
E N N 5 ? 
# 
_struct_ref.id                         1 
_struct_ref.db_name                    UNP 
_struct_ref.db_code                    MYG_PHYCA 
_struct_ref.entity_id                  1 
_struct_ref.pdbx_db_accession          P02185 
_struct_ref.pdbx_align_begin           1 
_struct_ref.pdbx_seq_one_letter_code   
;VLSEGEWQLVLHVWAKVEADVAGHGQDILIRLFKSHPETLEKFDRFKHLKTEAEMKASEDLKKHGVTVLTALGAILKKKG
HHEAELKPLAQSHATKHKIPIKYLEFISEAIIHVLHSRHPGDFGADAQGAMNKALELFRKDIAAKYKELGYQG
;
_struct_ref.pdbx_db_isoform            ? 
# 
_struct_ref_seq.align_id                      1 
_struct_ref_seq.ref_id                        1 
_struct_ref_seq.pdbx_PDB_id_code              2MYE 
_struct_ref_seq.pdbx_strand_id                A 
_struct_ref_seq.seq_align_beg                 1 
_struct_ref_seq.pdbx_seq_align_beg_ins_code   ? 
_struct_ref_seq.seq_align_end                 153 
_struct_ref_seq.pdbx_seq_align_end_ins_code   ? 
_struct_ref_seq.pdbx_db_accession             P02185 
_struct_ref_seq.db_align_beg                  1 
_struct_ref_seq.pdbx_db_align_beg_ins_code    ? 
_struct_ref_seq.db_align_end                  153 
_struct_ref_seq.pdbx_db_align_end_ins_code    ? 
_struct_ref_seq.pdbx_auth_seq_align_beg       1 
_struct_ref_seq.pdbx_auth_seq_align_end       153 
# 
_pdbx_struct_assembly.id                   1 
_pdbx_struct_assembly.details              author_defined_assembly 
_pdbx_struct_assembly.method_details       ? 
_pdbx_struct_assembly.oligomeric_details   monomeric 
_pdbx_struct_assembly.oligomeric_count     1 
# 
_pdbx_struct_assembly_gen.assembly_id       1 
_pdbx_struct_assembly_gen.oper_expression   1 
_pdbx_struct_assembly_gen.asym_id_list      A,B,C,D,E 
# 
_pdbx_struct_oper_list.id                   1 
_pdbx_struct_oper_list.type                 'identity operation' 
_pdbx_struct_oper_list.name                 1_555 
_pdbx_struct_oper_list.symmetry_operation   x,y,z 
_pdbx_struct_oper_list.matrix[1][1]         1.0000000000 
_pdbx_struct_oper_list.matrix[1][2]         0.0000000000 
_pdbx_struct_oper_list.matrix[1][3]         0.0000000000 
_pdbx_struct_oper_list.vector[1]            0.0000000000 
_pdbx_struct_oper_list.matrix[2][1]         0.0000000000 
_pdbx_struct_oper_list.matrix[2][2]         1.0000000000 
_pdbx_struct_oper_list.matrix[2][3]         0.0000000000 
_pdbx_struct_oper_list.vector[2]            0.0000000000 
_pdbx_struct_oper_list.matrix[3][1]         0.0000000000 
_pdbx_struct_oper_list.matrix[3][2]         0.0000000000 
_pdbx_struct_oper_list.matrix[3][3]         1.0000000000 
_pdbx_struct_oper_list.vector[3]            0.0000000000 
# 
_struct_biol.id   1 
# 
loop_
_struct_conf.conf_type_id 
_struct_conf.id 
_struct_conf.pdbx_PDB_helix_id 
_struct_conf.beg_label_comp_id 
_struct_conf.beg_label_asym_id 
_struct_conf.beg_label_seq_id 
_struct_conf.pdbx_beg_PDB_ins_code 
_struct_conf.end_label_comp_id 
_struct_conf.end_label_asym_id 
_struct_conf.end_label_seq_id 
_struct_conf.pdbx_end_PDB_ins_code 
_struct_conf.beg_auth_comp_id 
_struct_conf.beg_auth_asym_id 
_struct_conf.beg_auth_seq_id 
_struct_conf.end_auth_comp_id 
_struct_conf.end_auth_asym_id 
_struct_conf.end_auth_seq_id 
_struct_conf.pdbx_PDB_helix_class 
_struct_conf.details 
_struct_conf.pdbx_PDB_helix_length 
HELX_P HELX_P1 A SER A 3   ? GLU A 18  ? SER A 3   GLU A 18  1 ? 16 
HELX_P HELX_P2 B ASP A 20  ? SER A 35  ? ASP A 20  SER A 35  1 ? 16 
HELX_P HELX_P3 C HIS A 36  ? LYS A 42  ? HIS A 36  LYS A 42  1 ? 7  
HELX_P HELX_P4 D THR A 51  ? ALA A 57  ? THR A 51  ALA A 57  1 ? 7  
HELX_P HELX_P5 E SER A 58  ? LYS A 77  ? SER A 58  LYS A 77  1 ? 20 
HELX_P HELX_P6 F LEU A 86  ? THR A 95  ? LEU A 86  THR A 95  1 ? 10 
HELX_P HELX_P7 G PRO A 100 ? ARG A 118 ? PRO A 100 ARG A 118 1 ? 19 
HELX_P HELX_P8 H GLY A 124 ? LEU A 149 ? GLY A 124 LEU A 149 1 ? 26 
# 
_struct_conf_type.id          HELX_P 
_struct_conf_type.criteria    ? 
_struct_conf_type.reference   ? 
# 
loop_
_struct_conn.id 
_struct_conn.conn_type_id 
_struct_conn.pdbx_leaving_atom_flag 
_struct_conn.pdbx_PDB_id 
_struct_conn.ptnr1_label_asym_id 
_struct_conn.ptnr1_label_comp_id 
_struct_conn.ptnr1_label_seq_id 
_struct_conn.ptnr1_label_atom_id 
_struct_conn.pdbx_ptnr1_label_alt_id 
_struct_conn.pdbx_ptnr1_PDB_ins_code 
_struct_conn.pdbx_ptnr1_standard_comp_id 
_struct_conn.ptnr1_symmetry 
_struct_conn.ptnr2_label_asym_id 
_struct_conn.ptnr2_label_comp_id 
_struct_conn.ptnr2_label_seq_id 
_struct_conn.ptnr2_label_atom_id 
_struct_conn.pdbx_ptnr2_label_alt_id 
_struct_conn.pdbx_ptnr2_PDB_ins_code 
_struct_conn.ptnr1_auth_asym_id 
_struct_conn.ptnr1_auth_comp_id 
_struct_conn.ptnr1_auth_seq_id 
_struct_conn.ptnr2_auth_asym_id 
_struct_conn.ptnr2_auth_comp_id 
_struct_conn.ptnr2_auth_seq_id 
_struct_conn.ptnr2_symmetry 
_struct_conn.pdbx_ptnr3_label_atom_id 
_struct_conn.pdbx_ptnr3_label_seq_id 
_struct_conn.pdbx_ptnr3_label_comp_id 
_struct_conn.pdbx_ptnr3_label_asym_id 
_struct_conn.pdbx_ptnr3_label_alt_id 
_struct_conn.pdbx_ptnr3_PDB_ins_code 
_struct_conn.details 
_struct_conn.pdbx_dist_value 
_struct_conn.pdbx_value_order 
_struct_conn.pdbx_role 
metalc1 metalc ? ? A HIS 93 NE2 ? ? ? 1_555 C HEM . FE ? ? A HIS 93  A HEM 154 1_555 ? ? ? ? ? ? ? 2.081 ? ? 
metalc2 metalc ? ? C HEM .  FE  ? ? ? 1_555 D ENC . N  ? ? A HEM 154 A ENC 155 1_555 ? ? ? ? ? ? ? 2.957 ? ? 
# 
_struct_conn_type.id          metalc 
_struct_conn_type.criteria    ? 
_struct_conn_type.reference   ? 
# 
loop_
_pdbx_struct_conn_angle.id 
_pdbx_struct_conn_angle.ptnr1_label_atom_id 
_pdbx_struct_conn_angle.ptnr1_label_alt_id 
_pdbx_struct_conn_angle.ptnr1_label_asym_id 
_pdbx_struct_conn_angle.ptnr1_label_comp_id 
_pdbx_struct_conn_angle.ptnr1_label_seq_id 
_pdbx_struct_conn_angle.ptnr1_auth_atom_id 
_pdbx_struct_conn_angle.ptnr1_auth_asym_id 
_pdbx_struct_conn_angle.ptnr1_auth_comp_id 
_pdbx_struct_conn_angle.ptnr1_auth_seq_id 
_pdbx_struct_conn_angle.ptnr1_PDB_ins_code 
_pdbx_struct_conn_angle.ptnr1_symmetry 
_pdbx_struct_conn_angle.ptnr2_label_atom_id 
_pdbx_struct_conn_angle.ptnr2_label_alt_id 
_pdbx_struct_conn_angle.ptnr2_label_asym_id 
_pdbx_struct_conn_angle.ptnr2_label_comp_id 
_pdbx_struct_conn_angle.ptnr2_label_seq_id 
_pdbx_struct_conn_angle.ptnr2_auth_atom_id 
_pdbx_struct_conn_angle.ptnr2_auth_asym_id 
_pdbx_struct_conn_angle.ptnr2_auth_comp_id 
_pdbx_struct_conn_angle.ptnr2_auth_seq_id 
_pdbx_struct_conn_angle.ptnr2_PDB_ins_code 
_pdbx_struct_conn_angle.ptnr2_symmetry 
_pdbx_struct_conn_angle.ptnr3_label_atom_id 
_pdbx_struct_conn_angle.ptnr3_label_alt_id 
_pdbx_struct_conn_angle.ptnr3_label_asym_id 
_pdbx_struct_conn_angle.ptnr3_label_comp_id 
_pdbx_struct_conn_angle.ptnr3_label_seq_id 
_pdbx_struct_conn_angle.ptnr3_auth_atom_id 
_pdbx_struct_conn_angle.ptnr3_auth_asym_id 
_pdbx_struct_conn_angle.ptnr3_auth_comp_id 
_pdbx_struct_conn_angle.ptnr3_auth_seq_id 
_pdbx_struct_conn_angle.ptnr3_PDB_ins_code 
_pdbx_struct_conn_angle.ptnr3_symmetry 
_pdbx_struct_conn_angle.value 
_pdbx_struct_conn_angle.value_esd 
1  NE2 ? A HIS 93 ? A HIS 93  ? 1_555 FE ? C HEM . ? A HEM 154 ? 1_555 NA ? C HEM . ? A HEM 154 ? 1_555 90.5  ? 
2  NE2 ? A HIS 93 ? A HIS 93  ? 1_555 FE ? C HEM . ? A HEM 154 ? 1_555 NB ? C HEM . ? A HEM 154 ? 1_555 88.0  ? 
3  NA  ? C HEM .  ? A HEM 154 ? 1_555 FE ? C HEM . ? A HEM 154 ? 1_555 NB ? C HEM . ? A HEM 154 ? 1_555 87.7  ? 
4  NE2 ? A HIS 93 ? A HIS 93  ? 1_555 FE ? C HEM . ? A HEM 154 ? 1_555 NC ? C HEM . ? A HEM 154 ? 1_555 92.4  ? 
5  NA  ? C HEM .  ? A HEM 154 ? 1_555 FE ? C HEM . ? A HEM 154 ? 1_555 NC ? C HEM . ? A HEM 154 ? 1_555 173.7 ? 
6  NB  ? C HEM .  ? A HEM 154 ? 1_555 FE ? C HEM . ? A HEM 154 ? 1_555 NC ? C HEM . ? A HEM 154 ? 1_555 86.8  ? 
7  NE2 ? A HIS 93 ? A HIS 93  ? 1_555 FE ? C HEM . ? A HEM 154 ? 1_555 ND ? C HEM . ? A HEM 154 ? 1_555 94.7  ? 
8  NA  ? C HEM .  ? A HEM 154 ? 1_555 FE ? C HEM . ? A HEM 154 ? 1_555 ND ? C HEM . ? A HEM 154 ? 1_555 96.4  ? 
9  NB  ? C HEM .  ? A HEM 154 ? 1_555 FE ? C HEM . ? A HEM 154 ? 1_555 ND ? C HEM . ? A HEM 154 ? 1_555 175.1 ? 
10 NC  ? C HEM .  ? A HEM 154 ? 1_555 FE ? C HEM . ? A HEM 154 ? 1_555 ND ? C HEM . ? A HEM 154 ? 1_555 89.0  ? 
11 NE2 ? A HIS 93 ? A HIS 93  ? 1_555 FE ? C HEM . ? A HEM 154 ? 1_555 N  ? D ENC . ? A ENC 155 ? 1_555 170.7 ? 
12 NA  ? C HEM .  ? A HEM 154 ? 1_555 FE ? C HEM . ? A HEM 154 ? 1_555 N  ? D ENC . ? A ENC 155 ? 1_555 94.7  ? 
13 NB  ? C HEM .  ? A HEM 154 ? 1_555 FE ? C HEM . ? A HEM 154 ? 1_555 N  ? D ENC . ? A ENC 155 ? 1_555 99.9  ? 
14 NC  ? C HEM .  ? A HEM 154 ? 1_555 FE ? C HEM . ? A HEM 154 ? 1_555 N  ? D ENC . ? A ENC 155 ? 1_555 83.2  ? 
15 ND  ? C HEM .  ? A HEM 154 ? 1_555 FE ? C HEM . ? A HEM 154 ? 1_555 N  ? D ENC . ? A ENC 155 ? 1_555 77.1  ? 
# 
loop_
_struct_site.id 
_struct_site.pdbx_evidence_code 
_struct_site.pdbx_auth_asym_id 
_struct_site.pdbx_auth_comp_id 
_struct_site.pdbx_auth_seq_id 
_struct_site.pdbx_auth_ins_code 
_struct_site.pdbx_num_residues 
_struct_site.details 
AC1 Software A SO4 156 ? 6  'BINDING SITE FOR RESIDUE SO4 A 156' 
AC2 Software A HEM 154 ? 18 'BINDING SITE FOR RESIDUE HEM A 154' 
AC3 Software A ENC 155 ? 4  'BINDING SITE FOR RESIDUE ENC A 155' 
# 
loop_
_struct_site_gen.id 
_struct_site_gen.site_id 
_struct_site_gen.pdbx_num_res 
_struct_site_gen.label_comp_id 
_struct_site_gen.label_asym_id 
_struct_site_gen.label_seq_id 
_struct_site_gen.pdbx_auth_ins_code 
_struct_site_gen.auth_comp_id 
_struct_site_gen.auth_asym_id 
_struct_site_gen.auth_seq_id 
_struct_site_gen.label_atom_id 
_struct_site_gen.label_alt_id 
_struct_site_gen.symmetry 
_struct_site_gen.details 
1  AC1 6  SER A 58  ? SER A 58  . ? 1_555 ? 
2  AC1 6  GLU A 59  ? GLU A 59  . ? 1_555 ? 
3  AC1 6  ASP A 60  ? ASP A 60  . ? 1_555 ? 
4  AC1 6  HOH E .   ? HOH A 200 . ? 1_555 ? 
5  AC1 6  HOH E .   ? HOH A 373 . ? 1_555 ? 
6  AC1 6  HOH E .   ? HOH A 380 . ? 1_555 ? 
7  AC2 18 THR A 39  ? THR A 39  . ? 1_555 ? 
8  AC2 18 LYS A 42  ? LYS A 42  . ? 1_555 ? 
9  AC2 18 PHE A 43  ? PHE A 43  . ? 1_555 ? 
10 AC2 18 ARG A 45  ? ARG A 45  . ? 1_555 ? 
11 AC2 18 THR A 67  ? THR A 67  . ? 1_555 ? 
12 AC2 18 VAL A 68  ? VAL A 68  . ? 1_555 ? 
13 AC2 18 SER A 92  ? SER A 92  . ? 1_555 ? 
14 AC2 18 HIS A 93  ? HIS A 93  . ? 1_555 ? 
15 AC2 18 HIS A 97  ? HIS A 97  . ? 1_555 ? 
16 AC2 18 ILE A 99  ? ILE A 99  . ? 1_555 ? 
17 AC2 18 TYR A 103 ? TYR A 103 . ? 1_555 ? 
18 AC2 18 GLN A 128 ? GLN A 128 . ? 1_565 ? 
19 AC2 18 ENC D .   ? ENC A 155 . ? 1_555 ? 
20 AC2 18 HOH E .   ? HOH A 164 . ? 1_555 ? 
21 AC2 18 HOH E .   ? HOH A 234 . ? 1_555 ? 
22 AC2 18 HOH E .   ? HOH A 265 . ? 1_555 ? 
23 AC2 18 HOH E .   ? HOH A 270 . ? 1_555 ? 
24 AC2 18 HOH E .   ? HOH A 325 . ? 1_555 ? 
25 AC3 4  PHE A 43  ? PHE A 43  . ? 1_555 ? 
26 AC3 4  VAL A 68  ? VAL A 68  . ? 1_555 ? 
27 AC3 4  HEM C .   ? HEM A 154 . ? 1_555 ? 
28 AC3 4  HOH E .   ? HOH A 836 . ? 1_555 ? 
# 
_pdbx_validate_close_contact.id               1 
_pdbx_validate_close_contact.PDB_model_num    1 
_pdbx_validate_close_contact.auth_atom_id_1   FE 
_pdbx_validate_close_contact.auth_asym_id_1   A 
_pdbx_validate_close_contact.auth_comp_id_1   HEM 
_pdbx_validate_close_contact.auth_seq_id_1    154 
_pdbx_validate_close_contact.PDB_ins_code_1   ? 
_pdbx_validate_close_contact.label_alt_id_1   ? 
_pdbx_validate_close_contact.auth_atom_id_2   C1 
_pdbx_validate_close_contact.auth_asym_id_2   A 
_pdbx_validate_close_contact.auth_comp_id_2   ENC 
_pdbx_validate_close_contact.auth_seq_id_2    155 
_pdbx_validate_close_contact.PDB_ins_code_2   ? 
_pdbx_validate_close_contact.label_alt_id_2   ? 
_pdbx_validate_close_contact.dist             2.10 
# 
_pdbx_validate_rmsd_angle.id                         1 
_pdbx_validate_rmsd_angle.PDB_model_num              1 
_pdbx_validate_rmsd_angle.auth_atom_id_1             NE 
_pdbx_validate_rmsd_angle.auth_asym_id_1             A 
_pdbx_validate_rmsd_angle.auth_comp_id_1             ARG 
_pdbx_validate_rmsd_angle.auth_seq_id_1              139 
_pdbx_validate_rmsd_angle.PDB_ins_code_1             ? 
_pdbx_validate_rmsd_angle.label_alt_id_1             ? 
_pdbx_validate_rmsd_angle.auth_atom_id_2             CZ 
_pdbx_validate_rmsd_angle.auth_asym_id_2             A 
_pdbx_validate_rmsd_angle.auth_comp_id_2             ARG 
_pdbx_validate_rmsd_angle.auth_seq_id_2              139 
_pdbx_validate_rmsd_angle.PDB_ins_code_2             ? 
_pdbx_validate_rmsd_angle.label_alt_id_2             ? 
_pdbx_validate_rmsd_angle.auth_atom_id_3             NH1 
_pdbx_validate_rmsd_angle.auth_asym_id_3             A 
_pdbx_validate_rmsd_angle.auth_comp_id_3             ARG 
_pdbx_validate_rmsd_angle.auth_seq_id_3              139 
_pdbx_validate_rmsd_angle.PDB_ins_code_3             ? 
_pdbx_validate_rmsd_angle.label_alt_id_3             ? 
_pdbx_validate_rmsd_angle.angle_value                113.34 
_pdbx_validate_rmsd_angle.angle_target_value         120.30 
_pdbx_validate_rmsd_angle.angle_deviation            -6.96 
_pdbx_validate_rmsd_angle.angle_standard_deviation   0.50 
_pdbx_validate_rmsd_angle.linker_flag                N 
# 
loop_
_pdbx_validate_torsion.id 
_pdbx_validate_torsion.PDB_model_num 
_pdbx_validate_torsion.auth_comp_id 
_pdbx_validate_torsion.auth_asym_id 
_pdbx_validate_torsion.auth_seq_id 
_pdbx_validate_torsion.PDB_ins_code 
_pdbx_validate_torsion.label_alt_id 
_pdbx_validate_torsion.phi 
_pdbx_validate_torsion.psi 
1 1 ASP A 20  ? ? -157.54 71.12 
2 1 HIS A 81  ? ? -108.51 65.84 
3 1 GLN A 152 ? ? -8.92   83.24 
# 
loop_
_pdbx_validate_planes.id 
_pdbx_validate_planes.PDB_model_num 
_pdbx_validate_planes.auth_comp_id 
_pdbx_validate_planes.auth_asym_id 
_pdbx_validate_planes.auth_seq_id 
_pdbx_validate_planes.PDB_ins_code 
_pdbx_validate_planes.label_alt_id 
_pdbx_validate_planes.rmsd 
_pdbx_validate_planes.type 
1 1 ARG A 31  ? ? 0.082 'SIDE CHAIN' 
2 1 ARG A 139 ? ? 0.216 'SIDE CHAIN' 
# 
loop_
_chem_comp_atom.comp_id 
_chem_comp_atom.atom_id 
_chem_comp_atom.type_symbol 
_chem_comp_atom.pdbx_aromatic_flag 
_chem_comp_atom.pdbx_stereo_config 
_chem_comp_atom.pdbx_ordinal 
ALA N    N  N N 1   
ALA CA   C  N S 2   
ALA C    C  N N 3   
ALA O    O  N N 4   
ALA CB   C  N N 5   
ALA OXT  O  N N 6   
ALA H    H  N N 7   
ALA H2   H  N N 8   
ALA HA   H  N N 9   
ALA HB1  H  N N 10  
ALA HB2  H  N N 11  
ALA HB3  H  N N 12  
ALA HXT  H  N N 13  
ARG N    N  N N 14  
ARG CA   C  N S 15  
ARG C    C  N N 16  
ARG O    O  N N 17  
ARG CB   C  N N 18  
ARG CG   C  N N 19  
ARG CD   C  N N 20  
ARG NE   N  N N 21  
ARG CZ   C  N N 22  
ARG NH1  N  N N 23  
ARG NH2  N  N N 24  
ARG OXT  O  N N 25  
ARG H    H  N N 26  
ARG H2   H  N N 27  
ARG HA   H  N N 28  
ARG HB2  H  N N 29  
ARG HB3  H  N N 30  
ARG HG2  H  N N 31  
ARG HG3  H  N N 32  
ARG HD2  H  N N 33  
ARG HD3  H  N N 34  
ARG HE   H  N N 35  
ARG HH11 H  N N 36  
ARG HH12 H  N N 37  
ARG HH21 H  N N 38  
ARG HH22 H  N N 39  
ARG HXT  H  N N 40  
ASN N    N  N N 41  
ASN CA   C  N S 42  
ASN C    C  N N 43  
ASN O    O  N N 44  
ASN CB   C  N N 45  
ASN CG   C  N N 46  
ASN OD1  O  N N 47  
ASN ND2  N  N N 48  
ASN OXT  O  N N 49  
ASN H    H  N N 50  
ASN H2   H  N N 51  
ASN HA   H  N N 52  
ASN HB2  H  N N 53  
ASN HB3  H  N N 54  
ASN HD21 H  N N 55  
ASN HD22 H  N N 56  
ASN HXT  H  N N 57  
ASP N    N  N N 58  
ASP CA   C  N S 59  
ASP C    C  N N 60  
ASP O    O  N N 61  
ASP CB   C  N N 62  
ASP CG   C  N N 63  
ASP OD1  O  N N 64  
ASP OD2  O  N N 65  
ASP OXT  O  N N 66  
ASP H    H  N N 67  
ASP H2   H  N N 68  
ASP HA   H  N N 69  
ASP HB2  H  N N 70  
ASP HB3  H  N N 71  
ASP HD2  H  N N 72  
ASP HXT  H  N N 73  
ENC C    C  N N 74  
ENC N    N  N N 75  
ENC C1   C  N N 76  
ENC C2   C  N N 77  
ENC H    H  N N 78  
ENC H11  H  N N 79  
ENC H12  H  N N 80  
ENC H21  H  N N 81  
ENC H22  H  N N 82  
ENC H23  H  N N 83  
GLN N    N  N N 84  
GLN CA   C  N S 85  
GLN C    C  N N 86  
GLN O    O  N N 87  
GLN CB   C  N N 88  
GLN CG   C  N N 89  
GLN CD   C  N N 90  
GLN OE1  O  N N 91  
GLN NE2  N  N N 92  
GLN OXT  O  N N 93  
GLN H    H  N N 94  
GLN H2   H  N N 95  
GLN HA   H  N N 96  
GLN HB2  H  N N 97  
GLN HB3  H  N N 98  
GLN HG2  H  N N 99  
GLN HG3  H  N N 100 
GLN HE21 H  N N 101 
GLN HE22 H  N N 102 
GLN HXT  H  N N 103 
GLU N    N  N N 104 
GLU CA   C  N S 105 
GLU C    C  N N 106 
GLU O    O  N N 107 
GLU CB   C  N N 108 
GLU CG   C  N N 109 
GLU CD   C  N N 110 
GLU OE1  O  N N 111 
GLU OE2  O  N N 112 
GLU OXT  O  N N 113 
GLU H    H  N N 114 
GLU H2   H  N N 115 
GLU HA   H  N N 116 
GLU HB2  H  N N 117 
GLU HB3  H  N N 118 
GLU HG2  H  N N 119 
GLU HG3  H  N N 120 
GLU HE2  H  N N 121 
GLU HXT  H  N N 122 
GLY N    N  N N 123 
GLY CA   C  N N 124 
GLY C    C  N N 125 
GLY O    O  N N 126 
GLY OXT  O  N N 127 
GLY H    H  N N 128 
GLY H2   H  N N 129 
GLY HA2  H  N N 130 
GLY HA3  H  N N 131 
GLY HXT  H  N N 132 
HEM CHA  C  N N 133 
HEM CHB  C  N N 134 
HEM CHC  C  N N 135 
HEM CHD  C  N N 136 
HEM C1A  C  Y N 137 
HEM C2A  C  Y N 138 
HEM C3A  C  Y N 139 
HEM C4A  C  Y N 140 
HEM CMA  C  N N 141 
HEM CAA  C  N N 142 
HEM CBA  C  N N 143 
HEM CGA  C  N N 144 
HEM O1A  O  N N 145 
HEM O2A  O  N N 146 
HEM C1B  C  N N 147 
HEM C2B  C  N N 148 
HEM C3B  C  N N 149 
HEM C4B  C  N N 150 
HEM CMB  C  N N 151 
HEM CAB  C  N N 152 
HEM CBB  C  N N 153 
HEM C1C  C  Y N 154 
HEM C2C  C  Y N 155 
HEM C3C  C  Y N 156 
HEM C4C  C  Y N 157 
HEM CMC  C  N N 158 
HEM CAC  C  N N 159 
HEM CBC  C  N N 160 
HEM C1D  C  N N 161 
HEM C2D  C  N N 162 
HEM C3D  C  N N 163 
HEM C4D  C  N N 164 
HEM CMD  C  N N 165 
HEM CAD  C  N N 166 
HEM CBD  C  N N 167 
HEM CGD  C  N N 168 
HEM O1D  O  N N 169 
HEM O2D  O  N N 170 
HEM NA   N  Y N 171 
HEM NB   N  N N 172 
HEM NC   N  Y N 173 
HEM ND   N  N N 174 
HEM FE   FE N N 175 
HEM HHB  H  N N 176 
HEM HHC  H  N N 177 
HEM HHD  H  N N 178 
HEM HMA  H  N N 179 
HEM HMAA H  N N 180 
HEM HMAB H  N N 181 
HEM HAA  H  N N 182 
HEM HAAA H  N N 183 
HEM HBA  H  N N 184 
HEM HBAA H  N N 185 
HEM HMB  H  N N 186 
HEM HMBA H  N N 187 
HEM HMBB H  N N 188 
HEM HAB  H  N N 189 
HEM HBB  H  N N 190 
HEM HBBA H  N N 191 
HEM HMC  H  N N 192 
HEM HMCA H  N N 193 
HEM HMCB H  N N 194 
HEM HAC  H  N N 195 
HEM HBC  H  N N 196 
HEM HBCA H  N N 197 
HEM HMD  H  N N 198 
HEM HMDA H  N N 199 
HEM HMDB H  N N 200 
HEM HAD  H  N N 201 
HEM HADA H  N N 202 
HEM HBD  H  N N 203 
HEM HBDA H  N N 204 
HEM H2A  H  N N 205 
HEM H2D  H  N N 206 
HEM HHA  H  N N 207 
HIS N    N  N N 208 
HIS CA   C  N S 209 
HIS C    C  N N 210 
HIS O    O  N N 211 
HIS CB   C  N N 212 
HIS CG   C  Y N 213 
HIS ND1  N  Y N 214 
HIS CD2  C  Y N 215 
HIS CE1  C  Y N 216 
HIS NE2  N  Y N 217 
HIS OXT  O  N N 218 
HIS H    H  N N 219 
HIS H2   H  N N 220 
HIS HA   H  N N 221 
HIS HB2  H  N N 222 
HIS HB3  H  N N 223 
HIS HD1  H  N N 224 
HIS HD2  H  N N 225 
HIS HE1  H  N N 226 
HIS HE2  H  N N 227 
HIS HXT  H  N N 228 
HOH O    O  N N 229 
HOH H1   H  N N 230 
HOH H2   H  N N 231 
ILE N    N  N N 232 
ILE CA   C  N S 233 
ILE C    C  N N 234 
ILE O    O  N N 235 
ILE CB   C  N S 236 
ILE CG1  C  N N 237 
ILE CG2  C  N N 238 
ILE CD1  C  N N 239 
ILE OXT  O  N N 240 
ILE H    H  N N 241 
ILE H2   H  N N 242 
ILE HA   H  N N 243 
ILE HB   H  N N 244 
ILE HG12 H  N N 245 
ILE HG13 H  N N 246 
ILE HG21 H  N N 247 
ILE HG22 H  N N 248 
ILE HG23 H  N N 249 
ILE HD11 H  N N 250 
ILE HD12 H  N N 251 
ILE HD13 H  N N 252 
ILE HXT  H  N N 253 
LEU N    N  N N 254 
LEU CA   C  N S 255 
LEU C    C  N N 256 
LEU O    O  N N 257 
LEU CB   C  N N 258 
LEU CG   C  N N 259 
LEU CD1  C  N N 260 
LEU CD2  C  N N 261 
LEU OXT  O  N N 262 
LEU H    H  N N 263 
LEU H2   H  N N 264 
LEU HA   H  N N 265 
LEU HB2  H  N N 266 
LEU HB3  H  N N 267 
LEU HG   H  N N 268 
LEU HD11 H  N N 269 
LEU HD12 H  N N 270 
LEU HD13 H  N N 271 
LEU HD21 H  N N 272 
LEU HD22 H  N N 273 
LEU HD23 H  N N 274 
LEU HXT  H  N N 275 
LYS N    N  N N 276 
LYS CA   C  N S 277 
LYS C    C  N N 278 
LYS O    O  N N 279 
LYS CB   C  N N 280 
LYS CG   C  N N 281 
LYS CD   C  N N 282 
LYS CE   C  N N 283 
LYS NZ   N  N N 284 
LYS OXT  O  N N 285 
LYS H    H  N N 286 
LYS H2   H  N N 287 
LYS HA   H  N N 288 
LYS HB2  H  N N 289 
LYS HB3  H  N N 290 
LYS HG2  H  N N 291 
LYS HG3  H  N N 292 
LYS HD2  H  N N 293 
LYS HD3  H  N N 294 
LYS HE2  H  N N 295 
LYS HE3  H  N N 296 
LYS HZ1  H  N N 297 
LYS HZ2  H  N N 298 
LYS HZ3  H  N N 299 
LYS HXT  H  N N 300 
MET N    N  N N 301 
MET CA   C  N S 302 
MET C    C  N N 303 
MET O    O  N N 304 
MET CB   C  N N 305 
MET CG   C  N N 306 
MET SD   S  N N 307 
MET CE   C  N N 308 
MET OXT  O  N N 309 
MET H    H  N N 310 
MET H2   H  N N 311 
MET HA   H  N N 312 
MET HB2  H  N N 313 
MET HB3  H  N N 314 
MET HG2  H  N N 315 
MET HG3  H  N N 316 
MET HE1  H  N N 317 
MET HE2  H  N N 318 
MET HE3  H  N N 319 
MET HXT  H  N N 320 
PHE N    N  N N 321 
PHE CA   C  N S 322 
PHE C    C  N N 323 
PHE O    O  N N 324 
PHE CB   C  N N 325 
PHE CG   C  Y N 326 
PHE CD1  C  Y N 327 
PHE CD2  C  Y N 328 
PHE CE1  C  Y N 329 
PHE CE2  C  Y N 330 
PHE CZ   C  Y N 331 
PHE OXT  O  N N 332 
PHE H    H  N N 333 
PHE H2   H  N N 334 
PHE HA   H  N N 335 
PHE HB2  H  N N 336 
PHE HB3  H  N N 337 
PHE HD1  H  N N 338 
PHE HD2  H  N N 339 
PHE HE1  H  N N 340 
PHE HE2  H  N N 341 
PHE HZ   H  N N 342 
PHE HXT  H  N N 343 
PRO N    N  N N 344 
PRO CA   C  N S 345 
PRO C    C  N N 346 
PRO O    O  N N 347 
PRO CB   C  N N 348 
PRO CG   C  N N 349 
PRO CD   C  N N 350 
PRO OXT  O  N N 351 
PRO H    H  N N 352 
PRO HA   H  N N 353 
PRO HB2  H  N N 354 
PRO HB3  H  N N 355 
PRO HG2  H  N N 356 
PRO HG3  H  N N 357 
PRO HD2  H  N N 358 
PRO HD3  H  N N 359 
PRO HXT  H  N N 360 
SER N    N  N N 361 
SER CA   C  N S 362 
SER C    C  N N 363 
SER O    O  N N 364 
SER CB   C  N N 365 
SER OG   O  N N 366 
SER OXT  O  N N 367 
SER H    H  N N 368 
SER H2   H  N N 369 
SER HA   H  N N 370 
SER HB2  H  N N 371 
SER HB3  H  N N 372 
SER HG   H  N N 373 
SER HXT  H  N N 374 
SO4 S    S  N N 375 
SO4 O1   O  N N 376 
SO4 O2   O  N N 377 
SO4 O3   O  N N 378 
SO4 O4   O  N N 379 
THR N    N  N N 380 
THR CA   C  N S 381 
THR C    C  N N 382 
THR O    O  N N 383 
THR CB   C  N R 384 
THR OG1  O  N N 385 
THR CG2  C  N N 386 
THR OXT  O  N N 387 
THR H    H  N N 388 
THR H2   H  N N 389 
THR HA   H  N N 390 
THR HB   H  N N 391 
THR HG1  H  N N 392 
THR HG21 H  N N 393 
THR HG22 H  N N 394 
THR HG23 H  N N 395 
THR HXT  H  N N 396 
TRP N    N  N N 397 
TRP CA   C  N S 398 
TRP C    C  N N 399 
TRP O    O  N N 400 
TRP CB   C  N N 401 
TRP CG   C  Y N 402 
TRP CD1  C  Y N 403 
TRP CD2  C  Y N 404 
TRP NE1  N  Y N 405 
TRP CE2  C  Y N 406 
TRP CE3  C  Y N 407 
TRP CZ2  C  Y N 408 
TRP CZ3  C  Y N 409 
TRP CH2  C  Y N 410 
TRP OXT  O  N N 411 
TRP H    H  N N 412 
TRP H2   H  N N 413 
TRP HA   H  N N 414 
TRP HB2  H  N N 415 
TRP HB3  H  N N 416 
TRP HD1  H  N N 417 
TRP HE1  H  N N 418 
TRP HE3  H  N N 419 
TRP HZ2  H  N N 420 
TRP HZ3  H  N N 421 
TRP HH2  H  N N 422 
TRP HXT  H  N N 423 
TYR N    N  N N 424 
TYR CA   C  N S 425 
TYR C    C  N N 426 
TYR O    O  N N 427 
TYR CB   C  N N 428 
TYR CG   C  Y N 429 
TYR CD1  C  Y N 430 
TYR CD2  C  Y N 431 
TYR CE1  C  Y N 432 
TYR CE2  C  Y N 433 
TYR CZ   C  Y N 434 
TYR OH   O  N N 435 
TYR OXT  O  N N 436 
TYR H    H  N N 437 
TYR H2   H  N N 438 
TYR HA   H  N N 439 
TYR HB2  H  N N 440 
TYR HB3  H  N N 441 
TYR HD1  H  N N 442 
TYR HD2  H  N N 443 
TYR HE1  H  N N 444 
TYR HE2  H  N N 445 
TYR HH   H  N N 446 
TYR HXT  H  N N 447 
VAL N    N  N N 448 
VAL CA   C  N S 449 
VAL C    C  N N 450 
VAL O    O  N N 451 
VAL CB   C  N N 452 
VAL CG1  C  N N 453 
VAL CG2  C  N N 454 
VAL OXT  O  N N 455 
VAL H    H  N N 456 
VAL H2   H  N N 457 
VAL HA   H  N N 458 
VAL HB   H  N N 459 
VAL HG11 H  N N 460 
VAL HG12 H  N N 461 
VAL HG13 H  N N 462 
VAL HG21 H  N N 463 
VAL HG22 H  N N 464 
VAL HG23 H  N N 465 
VAL HXT  H  N N 466 
# 
loop_
_chem_comp_bond.comp_id 
_chem_comp_bond.atom_id_1 
_chem_comp_bond.atom_id_2 
_chem_comp_bond.value_order 
_chem_comp_bond.pdbx_aromatic_flag 
_chem_comp_bond.pdbx_stereo_config 
_chem_comp_bond.pdbx_ordinal 
ALA N   CA   sing N N 1   
ALA N   H    sing N N 2   
ALA N   H2   sing N N 3   
ALA CA  C    sing N N 4   
ALA CA  CB   sing N N 5   
ALA CA  HA   sing N N 6   
ALA C   O    doub N N 7   
ALA C   OXT  sing N N 8   
ALA CB  HB1  sing N N 9   
ALA CB  HB2  sing N N 10  
ALA CB  HB3  sing N N 11  
ALA OXT HXT  sing N N 12  
ARG N   CA   sing N N 13  
ARG N   H    sing N N 14  
ARG N   H2   sing N N 15  
ARG CA  C    sing N N 16  
ARG CA  CB   sing N N 17  
ARG CA  HA   sing N N 18  
ARG C   O    doub N N 19  
ARG C   OXT  sing N N 20  
ARG CB  CG   sing N N 21  
ARG CB  HB2  sing N N 22  
ARG CB  HB3  sing N N 23  
ARG CG  CD   sing N N 24  
ARG CG  HG2  sing N N 25  
ARG CG  HG3  sing N N 26  
ARG CD  NE   sing N N 27  
ARG CD  HD2  sing N N 28  
ARG CD  HD3  sing N N 29  
ARG NE  CZ   sing N N 30  
ARG NE  HE   sing N N 31  
ARG CZ  NH1  sing N N 32  
ARG CZ  NH2  doub N N 33  
ARG NH1 HH11 sing N N 34  
ARG NH1 HH12 sing N N 35  
ARG NH2 HH21 sing N N 36  
ARG NH2 HH22 sing N N 37  
ARG OXT HXT  sing N N 38  
ASN N   CA   sing N N 39  
ASN N   H    sing N N 40  
ASN N   H2   sing N N 41  
ASN CA  C    sing N N 42  
ASN CA  CB   sing N N 43  
ASN CA  HA   sing N N 44  
ASN C   O    doub N N 45  
ASN C   OXT  sing N N 46  
ASN CB  CG   sing N N 47  
ASN CB  HB2  sing N N 48  
ASN CB  HB3  sing N N 49  
ASN CG  OD1  doub N N 50  
ASN CG  ND2  sing N N 51  
ASN ND2 HD21 sing N N 52  
ASN ND2 HD22 sing N N 53  
ASN OXT HXT  sing N N 54  
ASP N   CA   sing N N 55  
ASP N   H    sing N N 56  
ASP N   H2   sing N N 57  
ASP CA  C    sing N N 58  
ASP CA  CB   sing N N 59  
ASP CA  HA   sing N N 60  
ASP C   O    doub N N 61  
ASP C   OXT  sing N N 62  
ASP CB  CG   sing N N 63  
ASP CB  HB2  sing N N 64  
ASP CB  HB3  sing N N 65  
ASP CG  OD1  doub N N 66  
ASP CG  OD2  sing N N 67  
ASP OD2 HD2  sing N N 68  
ASP OXT HXT  sing N N 69  
ENC C   N    trip N N 70  
ENC C   H    sing N N 71  
ENC N   C1   sing N N 72  
ENC C1  C2   sing N N 73  
ENC C1  H11  sing N N 74  
ENC C1  H12  sing N N 75  
ENC C2  H21  sing N N 76  
ENC C2  H22  sing N N 77  
ENC C2  H23  sing N N 78  
GLN N   CA   sing N N 79  
GLN N   H    sing N N 80  
GLN N   H2   sing N N 81  
GLN CA  C    sing N N 82  
GLN CA  CB   sing N N 83  
GLN CA  HA   sing N N 84  
GLN C   O    doub N N 85  
GLN C   OXT  sing N N 86  
GLN CB  CG   sing N N 87  
GLN CB  HB2  sing N N 88  
GLN CB  HB3  sing N N 89  
GLN CG  CD   sing N N 90  
GLN CG  HG2  sing N N 91  
GLN CG  HG3  sing N N 92  
GLN CD  OE1  doub N N 93  
GLN CD  NE2  sing N N 94  
GLN NE2 HE21 sing N N 95  
GLN NE2 HE22 sing N N 96  
GLN OXT HXT  sing N N 97  
GLU N   CA   sing N N 98  
GLU N   H    sing N N 99  
GLU N   H2   sing N N 100 
GLU CA  C    sing N N 101 
GLU CA  CB   sing N N 102 
GLU CA  HA   sing N N 103 
GLU C   O    doub N N 104 
GLU C   OXT  sing N N 105 
GLU CB  CG   sing N N 106 
GLU CB  HB2  sing N N 107 
GLU CB  HB3  sing N N 108 
GLU CG  CD   sing N N 109 
GLU CG  HG2  sing N N 110 
GLU CG  HG3  sing N N 111 
GLU CD  OE1  doub N N 112 
GLU CD  OE2  sing N N 113 
GLU OE2 HE2  sing N N 114 
GLU OXT HXT  sing N N 115 
GLY N   CA   sing N N 116 
GLY N   H    sing N N 117 
GLY N   H2   sing N N 118 
GLY CA  C    sing N N 119 
GLY CA  HA2  sing N N 120 
GLY CA  HA3  sing N N 121 
GLY C   O    doub N N 122 
GLY C   OXT  sing N N 123 
GLY OXT HXT  sing N N 124 
HEM CHA C1A  sing N N 125 
HEM CHA C4D  doub N N 126 
HEM CHA HHA  sing N N 127 
HEM CHB C4A  sing N N 128 
HEM CHB C1B  doub N N 129 
HEM CHB HHB  sing N N 130 
HEM CHC C4B  sing N N 131 
HEM CHC C1C  doub N N 132 
HEM CHC HHC  sing N N 133 
HEM CHD C4C  doub N N 134 
HEM CHD C1D  sing N N 135 
HEM CHD HHD  sing N N 136 
HEM C1A C2A  doub Y N 137 
HEM C1A NA   sing Y N 138 
HEM C2A C3A  sing Y N 139 
HEM C2A CAA  sing N N 140 
HEM C3A C4A  doub Y N 141 
HEM C3A CMA  sing N N 142 
HEM C4A NA   sing Y N 143 
HEM CMA HMA  sing N N 144 
HEM CMA HMAA sing N N 145 
HEM CMA HMAB sing N N 146 
HEM CAA CBA  sing N N 147 
HEM CAA HAA  sing N N 148 
HEM CAA HAAA sing N N 149 
HEM CBA CGA  sing N N 150 
HEM CBA HBA  sing N N 151 
HEM CBA HBAA sing N N 152 
HEM CGA O1A  doub N N 153 
HEM CGA O2A  sing N N 154 
HEM C1B C2B  sing N N 155 
HEM C1B NB   sing N N 156 
HEM C2B C3B  doub N N 157 
HEM C2B CMB  sing N N 158 
HEM C3B C4B  sing N N 159 
HEM C3B CAB  sing N N 160 
HEM C4B NB   doub N N 161 
HEM CMB HMB  sing N N 162 
HEM CMB HMBA sing N N 163 
HEM CMB HMBB sing N N 164 
HEM CAB CBB  doub N N 165 
HEM CAB HAB  sing N N 166 
HEM CBB HBB  sing N N 167 
HEM CBB HBBA sing N N 168 
HEM C1C C2C  sing Y N 169 
HEM C1C NC   sing Y N 170 
HEM C2C C3C  doub Y N 171 
HEM C2C CMC  sing N N 172 
HEM C3C C4C  sing Y N 173 
HEM C3C CAC  sing N N 174 
HEM C4C NC   sing Y N 175 
HEM CMC HMC  sing N N 176 
HEM CMC HMCA sing N N 177 
HEM CMC HMCB sing N N 178 
HEM CAC CBC  doub N N 179 
HEM CAC HAC  sing N N 180 
HEM CBC HBC  sing N N 181 
HEM CBC HBCA sing N N 182 
HEM C1D C2D  sing N N 183 
HEM C1D ND   doub N N 184 
HEM C2D C3D  doub N N 185 
HEM C2D CMD  sing N N 186 
HEM C3D C4D  sing N N 187 
HEM C3D CAD  sing N N 188 
HEM C4D ND   sing N N 189 
HEM CMD HMD  sing N N 190 
HEM CMD HMDA sing N N 191 
HEM CMD HMDB sing N N 192 
HEM CAD CBD  sing N N 193 
HEM CAD HAD  sing N N 194 
HEM CAD HADA sing N N 195 
HEM CBD CGD  sing N N 196 
HEM CBD HBD  sing N N 197 
HEM CBD HBDA sing N N 198 
HEM CGD O1D  doub N N 199 
HEM CGD O2D  sing N N 200 
HEM O2A H2A  sing N N 201 
HEM O2D H2D  sing N N 202 
HEM FE  NA   sing N N 203 
HEM FE  NB   sing N N 204 
HEM FE  NC   sing N N 205 
HEM FE  ND   sing N N 206 
HIS N   CA   sing N N 207 
HIS N   H    sing N N 208 
HIS N   H2   sing N N 209 
HIS CA  C    sing N N 210 
HIS CA  CB   sing N N 211 
HIS CA  HA   sing N N 212 
HIS C   O    doub N N 213 
HIS C   OXT  sing N N 214 
HIS CB  CG   sing N N 215 
HIS CB  HB2  sing N N 216 
HIS CB  HB3  sing N N 217 
HIS CG  ND1  sing Y N 218 
HIS CG  CD2  doub Y N 219 
HIS ND1 CE1  doub Y N 220 
HIS ND1 HD1  sing N N 221 
HIS CD2 NE2  sing Y N 222 
HIS CD2 HD2  sing N N 223 
HIS CE1 NE2  sing Y N 224 
HIS CE1 HE1  sing N N 225 
HIS NE2 HE2  sing N N 226 
HIS OXT HXT  sing N N 227 
HOH O   H1   sing N N 228 
HOH O   H2   sing N N 229 
ILE N   CA   sing N N 230 
ILE N   H    sing N N 231 
ILE N   H2   sing N N 232 
ILE CA  C    sing N N 233 
ILE CA  CB   sing N N 234 
ILE CA  HA   sing N N 235 
ILE C   O    doub N N 236 
ILE C   OXT  sing N N 237 
ILE CB  CG1  sing N N 238 
ILE CB  CG2  sing N N 239 
ILE CB  HB   sing N N 240 
ILE CG1 CD1  sing N N 241 
ILE CG1 HG12 sing N N 242 
ILE CG1 HG13 sing N N 243 
ILE CG2 HG21 sing N N 244 
ILE CG2 HG22 sing N N 245 
ILE CG2 HG23 sing N N 246 
ILE CD1 HD11 sing N N 247 
ILE CD1 HD12 sing N N 248 
ILE CD1 HD13 sing N N 249 
ILE OXT HXT  sing N N 250 
LEU N   CA   sing N N 251 
LEU N   H    sing N N 252 
LEU N   H2   sing N N 253 
LEU CA  C    sing N N 254 
LEU CA  CB   sing N N 255 
LEU CA  HA   sing N N 256 
LEU C   O    doub N N 257 
LEU C   OXT  sing N N 258 
LEU CB  CG   sing N N 259 
LEU CB  HB2  sing N N 260 
LEU CB  HB3  sing N N 261 
LEU CG  CD1  sing N N 262 
LEU CG  CD2  sing N N 263 
LEU CG  HG   sing N N 264 
LEU CD1 HD11 sing N N 265 
LEU CD1 HD12 sing N N 266 
LEU CD1 HD13 sing N N 267 
LEU CD2 HD21 sing N N 268 
LEU CD2 HD22 sing N N 269 
LEU CD2 HD23 sing N N 270 
LEU OXT HXT  sing N N 271 
LYS N   CA   sing N N 272 
LYS N   H    sing N N 273 
LYS N   H2   sing N N 274 
LYS CA  C    sing N N 275 
LYS CA  CB   sing N N 276 
LYS CA  HA   sing N N 277 
LYS C   O    doub N N 278 
LYS C   OXT  sing N N 279 
LYS CB  CG   sing N N 280 
LYS CB  HB2  sing N N 281 
LYS CB  HB3  sing N N 282 
LYS CG  CD   sing N N 283 
LYS CG  HG2  sing N N 284 
LYS CG  HG3  sing N N 285 
LYS CD  CE   sing N N 286 
LYS CD  HD2  sing N N 287 
LYS CD  HD3  sing N N 288 
LYS CE  NZ   sing N N 289 
LYS CE  HE2  sing N N 290 
LYS CE  HE3  sing N N 291 
LYS NZ  HZ1  sing N N 292 
LYS NZ  HZ2  sing N N 293 
LYS NZ  HZ3  sing N N 294 
LYS OXT HXT  sing N N 295 
MET N   CA   sing N N 296 
MET N   H    sing N N 297 
MET N   H2   sing N N 298 
MET CA  C    sing N N 299 
MET CA  CB   sing N N 300 
MET CA  HA   sing N N 301 
MET C   O    doub N N 302 
MET C   OXT  sing N N 303 
MET CB  CG   sing N N 304 
MET CB  HB2  sing N N 305 
MET CB  HB3  sing N N 306 
MET CG  SD   sing N N 307 
MET CG  HG2  sing N N 308 
MET CG  HG3  sing N N 309 
MET SD  CE   sing N N 310 
MET CE  HE1  sing N N 311 
MET CE  HE2  sing N N 312 
MET CE  HE3  sing N N 313 
MET OXT HXT  sing N N 314 
PHE N   CA   sing N N 315 
PHE N   H    sing N N 316 
PHE N   H2   sing N N 317 
PHE CA  C    sing N N 318 
PHE CA  CB   sing N N 319 
PHE CA  HA   sing N N 320 
PHE C   O    doub N N 321 
PHE C   OXT  sing N N 322 
PHE CB  CG   sing N N 323 
PHE CB  HB2  sing N N 324 
PHE CB  HB3  sing N N 325 
PHE CG  CD1  doub Y N 326 
PHE CG  CD2  sing Y N 327 
PHE CD1 CE1  sing Y N 328 
PHE CD1 HD1  sing N N 329 
PHE CD2 CE2  doub Y N 330 
PHE CD2 HD2  sing N N 331 
PHE CE1 CZ   doub Y N 332 
PHE CE1 HE1  sing N N 333 
PHE CE2 CZ   sing Y N 334 
PHE CE2 HE2  sing N N 335 
PHE CZ  HZ   sing N N 336 
PHE OXT HXT  sing N N 337 
PRO N   CA   sing N N 338 
PRO N   CD   sing N N 339 
PRO N   H    sing N N 340 
PRO CA  C    sing N N 341 
PRO CA  CB   sing N N 342 
PRO CA  HA   sing N N 343 
PRO C   O    doub N N 344 
PRO C   OXT  sing N N 345 
PRO CB  CG   sing N N 346 
PRO CB  HB2  sing N N 347 
PRO CB  HB3  sing N N 348 
PRO CG  CD   sing N N 349 
PRO CG  HG2  sing N N 350 
PRO CG  HG3  sing N N 351 
PRO CD  HD2  sing N N 352 
PRO CD  HD3  sing N N 353 
PRO OXT HXT  sing N N 354 
SER N   CA   sing N N 355 
SER N   H    sing N N 356 
SER N   H2   sing N N 357 
SER CA  C    sing N N 358 
SER CA  CB   sing N N 359 
SER CA  HA   sing N N 360 
SER C   O    doub N N 361 
SER C   OXT  sing N N 362 
SER CB  OG   sing N N 363 
SER CB  HB2  sing N N 364 
SER CB  HB3  sing N N 365 
SER OG  HG   sing N N 366 
SER OXT HXT  sing N N 367 
SO4 S   O1   doub N N 368 
SO4 S   O2   doub N N 369 
SO4 S   O3   sing N N 370 
SO4 S   O4   sing N N 371 
THR N   CA   sing N N 372 
THR N   H    sing N N 373 
THR N   H2   sing N N 374 
THR CA  C    sing N N 375 
THR CA  CB   sing N N 376 
THR CA  HA   sing N N 377 
THR C   O    doub N N 378 
THR C   OXT  sing N N 379 
THR CB  OG1  sing N N 380 
THR CB  CG2  sing N N 381 
THR CB  HB   sing N N 382 
THR OG1 HG1  sing N N 383 
THR CG2 HG21 sing N N 384 
THR CG2 HG22 sing N N 385 
THR CG2 HG23 sing N N 386 
THR OXT HXT  sing N N 387 
TRP N   CA   sing N N 388 
TRP N   H    sing N N 389 
TRP N   H2   sing N N 390 
TRP CA  C    sing N N 391 
TRP CA  CB   sing N N 392 
TRP CA  HA   sing N N 393 
TRP C   O    doub N N 394 
TRP C   OXT  sing N N 395 
TRP CB  CG   sing N N 396 
TRP CB  HB2  sing N N 397 
TRP CB  HB3  sing N N 398 
TRP CG  CD1  doub Y N 399 
TRP CG  CD2  sing Y N 400 
TRP CD1 NE1  sing Y N 401 
TRP CD1 HD1  sing N N 402 
TRP CD2 CE2  doub Y N 403 
TRP CD2 CE3  sing Y N 404 
TRP NE1 CE2  sing Y N 405 
TRP NE1 HE1  sing N N 406 
TRP CE2 CZ2  sing Y N 407 
TRP CE3 CZ3  doub Y N 408 
TRP CE3 HE3  sing N N 409 
TRP CZ2 CH2  doub Y N 410 
TRP CZ2 HZ2  sing N N 411 
TRP CZ3 CH2  sing Y N 412 
TRP CZ3 HZ3  sing N N 413 
TRP CH2 HH2  sing N N 414 
TRP OXT HXT  sing N N 415 
TYR N   CA   sing N N 416 
TYR N   H    sing N N 417 
TYR N   H2   sing N N 418 
TYR CA  C    sing N N 419 
TYR CA  CB   sing N N 420 
TYR CA  HA   sing N N 421 
TYR C   O    doub N N 422 
TYR C   OXT  sing N N 423 
TYR CB  CG   sing N N 424 
TYR CB  HB2  sing N N 425 
TYR CB  HB3  sing N N 426 
TYR CG  CD1  doub Y N 427 
TYR CG  CD2  sing Y N 428 
TYR CD1 CE1  sing Y N 429 
TYR CD1 HD1  sing N N 430 
TYR CD2 CE2  doub Y N 431 
TYR CD2 HD2  sing N N 432 
TYR CE1 CZ   doub Y N 433 
TYR CE1 HE1  sing N N 434 
TYR CE2 CZ   sing Y N 435 
TYR CE2 HE2  sing N N 436 
TYR CZ  OH   sing N N 437 
TYR OH  HH   sing N N 438 
TYR OXT HXT  sing N N 439 
VAL N   CA   sing N N 440 
VAL N   H    sing N N 441 
VAL N   H2   sing N N 442 
VAL CA  C    sing N N 443 
VAL CA  CB   sing N N 444 
VAL CA  HA   sing N N 445 
VAL C   O    doub N N 446 
VAL C   OXT  sing N N 447 
VAL CB  CG1  sing N N 448 
VAL CB  CG2  sing N N 449 
VAL CB  HB   sing N N 450 
VAL CG1 HG11 sing N N 451 
VAL CG1 HG12 sing N N 452 
VAL CG1 HG13 sing N N 453 
VAL CG2 HG21 sing N N 454 
VAL CG2 HG22 sing N N 455 
VAL CG2 HG23 sing N N 456 
VAL OXT HXT  sing N N 457 
# 
_atom_sites.entry_id                    2MYE 
_atom_sites.fract_transf_matrix[1][1]   0.01338024 
_atom_sites.fract_transf_matrix[1][2]   -0.00653226 
_atom_sites.fract_transf_matrix[1][3]   0.00612391 
_atom_sites.fract_transf_matrix[2][1]   -0.01361336 
_atom_sites.fract_transf_matrix[2][2]   -0.02926507 
_atom_sites.fract_transf_matrix[2][3]   -0.00147243 
_atom_sites.fract_transf_matrix[3][1]   0.01724061 
_atom_sites.fract_transf_matrix[3][2]   -0.00684797 
_atom_sites.fract_transf_matrix[3][3]   -0.02329241 
_atom_sites.fract_transf_vector[1]      0.248415 
_atom_sites.fract_transf_vector[2]      0.664705 
_atom_sites.fract_transf_vector[3]      0.248698 
# 
loop_
_atom_type.symbol 
C  
FE 
H  
N  
O  
S  
# 
loop_
_atom_site.group_PDB 
_atom_site.id 
_atom_site.type_symbol 
_atom_site.label_atom_id 
_atom_site.label_alt_id 
_atom_site.label_comp_id 
_atom_site.label_asym_id 
_atom_site.label_entity_id 
_atom_site.label_seq_id 
_atom_site.pdbx_PDB_ins_code 
_atom_site.Cartn_x 
_atom_site.Cartn_y 
_atom_site.Cartn_z 
_atom_site.occupancy 
_atom_site.B_iso_or_equiv 
_atom_site.pdbx_formal_charge 
_atom_site.auth_seq_id 
_atom_site.auth_comp_id 
_atom_site.auth_asym_id 
_atom_site.auth_atom_id 
_atom_site.pdbx_PDB_model_num 
ATOM   1    N  N   . VAL A 1 1   ? -6.734  10.047  -15.207 1.00 27.65 ? 1   VAL A N   1 
ATOM   2    C  CA  . VAL A 1 1   ? -5.888  9.052   -15.908 1.00 27.00 ? 1   VAL A CA  1 
ATOM   3    C  C   . VAL A 1 1   ? -4.463  9.566   -15.783 1.00 25.31 ? 1   VAL A C   1 
ATOM   4    O  O   . VAL A 1 1   ? -4.244  10.755  -15.995 1.00 26.93 ? 1   VAL A O   1 
ATOM   5    C  CB  . VAL A 1 1   ? -6.246  8.980   -17.397 1.00 28.20 ? 1   VAL A CB  1 
ATOM   6    C  CG1 . VAL A 1 1   ? -7.513  8.197   -17.593 1.00 30.31 ? 1   VAL A CG1 1 
ATOM   7    C  CG2 . VAL A 1 1   ? -6.457  10.353  -17.941 1.00 29.85 ? 1   VAL A CG2 1 
ATOM   8    N  N   . LEU A 1 2   ? -3.502  8.723   -15.409 1.00 20.66 ? 2   LEU A N   1 
ATOM   9    C  CA  . LEU A 1 2   ? -2.127  9.185   -15.380 1.00 18.05 ? 2   LEU A CA  1 
ATOM   10   C  C   . LEU A 1 2   ? -1.620  9.199   -16.794 1.00 16.37 ? 2   LEU A C   1 
ATOM   11   O  O   . LEU A 1 2   ? -1.907  8.261   -17.523 1.00 16.61 ? 2   LEU A O   1 
ATOM   12   C  CB  . LEU A 1 2   ? -1.244  8.230   -14.573 1.00 16.62 ? 2   LEU A CB  1 
ATOM   13   C  CG  . LEU A 1 2   ? -1.244  8.451   -13.055 1.00 16.94 ? 2   LEU A CG  1 
ATOM   14   C  CD1 . LEU A 1 2   ? -2.509  7.847   -12.459 1.00 15.47 ? 2   LEU A CD1 1 
ATOM   15   C  CD2 . LEU A 1 2   ? 0.007   7.741   -12.484 1.00 17.47 ? 2   LEU A CD2 1 
ATOM   16   N  N   . SER A 1 3   ? -0.774  10.166  -17.145 1.00 14.99 ? 3   SER A N   1 
ATOM   17   C  CA  . SER A 1 3   ? -0.121  10.128  -18.451 1.00 15.50 ? 3   SER A CA  1 
ATOM   18   C  C   . SER A 1 3   ? 0.991   9.088   -18.471 1.00 15.21 ? 3   SER A C   1 
ATOM   19   O  O   . SER A 1 3   ? 1.441   8.646   -17.428 1.00 15.52 ? 3   SER A O   1 
ATOM   20   C  CB  . SER A 1 3   ? 0.514   11.450  -18.753 1.00 16.74 ? 3   SER A CB  1 
ATOM   21   O  OG  . SER A 1 3   ? 1.627   11.643  -17.897 1.00 17.08 ? 3   SER A OG  1 
ATOM   22   N  N   . GLU A 1 4   ? 1.589   8.878   -19.628 1.00 15.90 ? 4   GLU A N   1 
ATOM   23   C  CA  . GLU A 1 4   ? 2.611   7.861   -19.762 1.00 15.96 ? 4   GLU A CA  1 
ATOM   24   C  C   . GLU A 1 4   ? 3.871   8.290   -19.008 1.00 16.30 ? 4   GLU A C   1 
ATOM   25   O  O   . GLU A 1 4   ? 4.506   7.486   -18.305 1.00 16.13 ? 4   GLU A O   1 
ATOM   26   C  CB  . GLU A 1 4   ? 2.891   7.654   -21.231 1.00 17.77 ? 4   GLU A CB  1 
ATOM   27   C  CG  . GLU A 1 4   ? 3.658   6.413   -21.538 1.00 20.34 ? 4   GLU A CG  1 
ATOM   28   C  CD  . GLU A 1 4   ? 2.893   5.154   -21.251 1.00 23.31 ? 4   GLU A CD  1 
ATOM   29   O  OE1 . GLU A 1 4   ? 1.691   4.974   -21.634 1.00 26.90 ? 4   GLU A OE1 1 
ATOM   30   O  OE2 . GLU A 1 4   ? 3.513   4.279   -20.689 1.00 26.35 ? 4   GLU A OE2 1 
ATOM   31   N  N   . GLY A 1 5   ? 4.143   9.585   -19.028 1.00 14.68 ? 5   GLY A N   1 
ATOM   32   C  CA  . GLY A 1 5   ? 5.269   10.092  -18.290 1.00 14.09 ? 5   GLY A CA  1 
ATOM   33   C  C   . GLY A 1 5   ? 5.072   9.973   -16.796 1.00 14.51 ? 5   GLY A C   1 
ATOM   34   O  O   . GLY A 1 5   ? 6.011   9.621   -16.107 1.00 14.67 ? 5   GLY A O   1 
ATOM   35   N  N   . GLU A 1 6   ? 3.846   10.089  -16.307 1.00 11.46 ? 6   GLU A N   1 
ATOM   36   C  CA  . GLU A 1 6   ? 3.661   9.896   -14.881 1.00 12.49 ? 6   GLU A CA  1 
ATOM   37   C  C   . GLU A 1 6   ? 3.832   8.423   -14.514 1.00 11.63 ? 6   GLU A C   1 
ATOM   38   O  O   . GLU A 1 6   ? 4.380   8.123   -13.475 1.00 10.92 ? 6   GLU A O   1 
ATOM   39   C  CB  . GLU A 1 6   ? 2.288   10.427  -14.421 1.00 13.22 ? 6   GLU A CB  1 
ATOM   40   C  CG  . GLU A 1 6   ? 2.225   11.991  -14.423 1.00 14.53 ? 6   GLU A CG  1 
ATOM   41   C  CD  . GLU A 1 6   ? 0.790   12.530  -14.451 1.00 16.92 ? 6   GLU A CD  1 
ATOM   42   O  OE1 . GLU A 1 6   ? -0.114  11.842  -14.951 1.00 17.57 ? 6   GLU A OE1 1 
ATOM   43   O  OE2 . GLU A 1 6   ? 0.537   13.613  -13.902 1.00 19.84 ? 6   GLU A OE2 1 
ATOM   44   N  N   . TRP A 1 7   ? 3.340   7.504   -15.356 1.00 11.71 ? 7   TRP A N   1 
ATOM   45   C  CA  . TRP A 1 7   ? 3.500   6.067   -15.081 1.00 11.25 ? 7   TRP A CA  1 
ATOM   46   C  C   . TRP A 1 7   ? 4.978   5.696   -15.087 1.00 12.82 ? 7   TRP A C   1 
ATOM   47   O  O   . TRP A 1 7   ? 5.413   4.848   -14.270 1.00 12.34 ? 7   TRP A O   1 
ATOM   48   C  CB  . TRP A 1 7   ? 2.810   5.189   -16.099 1.00 10.00 ? 7   TRP A CB  1 
ATOM   49   C  CG  . TRP A 1 7   ? 1.335   5.058   -15.841 1.00 11.45 ? 7   TRP A CG  1 
ATOM   50   C  CD1 . TRP A 1 7   ? 0.329   5.419   -16.695 1.00 12.51 ? 7   TRP A CD1 1 
ATOM   51   C  CD2 . TRP A 1 7   ? 0.696   4.550   -14.652 1.00 11.40 ? 7   TRP A CD2 1 
ATOM   52   N  NE1 . TRP A 1 7   ? -0.902  5.172   -16.105 1.00 11.54 ? 7   TRP A NE1 1 
ATOM   53   C  CE2 . TRP A 1 7   ? -0.700  4.656   -14.842 1.00 11.57 ? 7   TRP A CE2 1 
ATOM   54   C  CE3 . TRP A 1 7   ? 1.175   3.997   -13.441 1.00 11.79 ? 7   TRP A CE3 1 
ATOM   55   C  CZ2 . TRP A 1 7   ? -1.630  4.252   -13.883 1.00 11.44 ? 7   TRP A CZ2 1 
ATOM   56   C  CZ3 . TRP A 1 7   ? 0.249   3.577   -12.477 1.00 11.56 ? 7   TRP A CZ3 1 
ATOM   57   C  CH2 . TRP A 1 7   ? -1.155  3.722   -12.712 1.00 13.90 ? 7   TRP A CH2 1 
ATOM   58   N  N   . GLN A 1 8   ? 5.760   6.301   -15.976 1.00 11.58 ? 8   GLN A N   1 
ATOM   59   C  CA  . GLN A 1 8   ? 7.201   6.038   -15.923 1.00 13.39 ? 8   GLN A CA  1 
ATOM   60   C  C   . GLN A 1 8   ? 7.858   6.458   -14.608 1.00 12.48 ? 8   GLN A C   1 
ATOM   61   O  O   . GLN A 1 8   ? 8.699   5.751   -14.093 1.00 12.29 ? 8   GLN A O   1 
ATOM   62   C  CB  . GLN A 1 8   ? 7.910   6.720   -17.087 1.00 16.66 ? 8   GLN A CB  1 
ATOM   63   C  CG  . GLN A 1 8   ? 7.776   5.969   -18.369 1.00 22.55 ? 8   GLN A CG  1 
ATOM   64   C  CD  . GLN A 1 8   ? 8.381   6.724   -19.550 1.00 25.84 ? 8   GLN A CD  1 
ATOM   65   O  OE1 . GLN A 1 8   ? 7.941   6.555   -20.692 1.00 29.28 ? 8   GLN A OE1 1 
ATOM   66   N  NE2 . GLN A 1 8   ? 9.369   7.576   -19.283 1.00 26.72 ? 8   GLN A NE2 1 
ATOM   67   N  N   . LEU A 1 9   ? 7.475   7.599   -14.056 1.00 11.52 ? 9   LEU A N   1 
ATOM   68   C  CA  . LEU A 1 9   ? 8.041   8.021   -12.785 1.00 10.99 ? 9   LEU A CA  1 
ATOM   69   C  C   . LEU A 1 9   ? 7.685   7.024   -11.696 1.00 11.53 ? 9   LEU A C   1 
ATOM   70   O  O   . LEU A 1 9   ? 8.523   6.701   -10.837 1.00 10.81 ? 9   LEU A O   1 
ATOM   71   C  CB  . LEU A 1 9   ? 7.527   9.400   -12.368 1.00 12.13 ? 9   LEU A CB  1 
ATOM   72   C  CG  . LEU A 1 9   ? 7.982   10.551  -13.266 1.00 13.37 ? 9   LEU A CG  1 
ATOM   73   C  CD1 . LEU A 1 9   ? 7.187   11.792  -12.895 1.00 13.15 ? 9   LEU A CD1 1 
ATOM   74   C  CD2 . LEU A 1 9   ? 9.448   10.824  -13.100 1.00 14.45 ? 9   LEU A CD2 1 
ATOM   75   N  N   . VAL A 1 10  ? 6.450   6.519   -11.727 1.00 8.97  ? 10  VAL A N   1 
ATOM   76   C  CA  . VAL A 1 10  ? 5.983   5.592   -10.690 1.00 8.47  ? 10  VAL A CA  1 
ATOM   77   C  C   . VAL A 1 10  ? 6.750   4.271   -10.760 1.00 9.91  ? 10  VAL A C   1 
ATOM   78   O  O   . VAL A 1 10  ? 7.123   3.700   -9.756  1.00 8.46  ? 10  VAL A O   1 
ATOM   79   C  CB  . VAL A 1 10  ? 4.471   5.284   -10.853 1.00 10.70 ? 10  VAL A CB  1 
ATOM   80   C  CG1 . VAL A 1 10  ? 4.046   4.181   -9.896  1.00 10.05 ? 10  VAL A CG1 1 
ATOM   81   C  CG2 . VAL A 1 10  ? 3.662   6.523   -10.539 1.00 9.07  ? 10  VAL A CG2 1 
ATOM   82   N  N   . LEU A 1 11  ? 6.877   3.734   -11.962 1.00 9.40  ? 11  LEU A N   1 
ATOM   83   C  CA  . LEU A 1 11  ? 7.466   2.426   -12.115 1.00 9.16  ? 11  LEU A CA  1 
ATOM   84   C  C   . LEU A 1 11  ? 8.987   2.511   -12.030 1.00 10.18 ? 11  LEU A C   1 
ATOM   85   O  O   . LEU A 1 11  ? 9.625   1.530   -11.622 1.00 10.81 ? 11  LEU A O   1 
ATOM   86   C  CB  . LEU A 1 11  ? 7.020   1.828   -13.447 1.00 10.22 ? 11  LEU A CB  1 
ATOM   87   C  CG  . LEU A 1 11  ? 5.515   1.506   -13.513 1.00 11.23 ? 11  LEU A CG  1 
ATOM   88   C  CD1 . LEU A 1 11  ? 5.182   0.931   -14.843 1.00 11.88 ? 11  LEU A CD1 1 
ATOM   89   C  CD2 . LEU A 1 11  ? 5.188   0.465   -12.482 1.00 13.09 ? 11  LEU A CD2 1 
ATOM   90   N  N   . HIS A 1 12  ? 9.551   3.682   -12.275 1.00 9.39  ? 12  HIS A N   1 
ATOM   91   C  CA  . HIS A 1 12  ? 11.000  3.842   -12.085 1.00 12.34 ? 12  HIS A CA  1 
ATOM   92   C  C   . HIS A 1 12  ? 11.372  3.739   -10.612 1.00 12.68 ? 12  HIS A C   1 
ATOM   93   O  O   . HIS A 1 12  ? 12.255  2.963   -10.277 1.00 14.17 ? 12  HIS A O   1 
ATOM   94   C  CB  . HIS A 1 12  ? 11.509  5.174   -12.641 1.00 15.32 ? 12  HIS A CB  1 
ATOM   95   C  CG  . HIS A 1 12  ? 12.999  5.336   -12.559 1.00 18.25 ? 12  HIS A CG  1 
ATOM   96   N  ND1 . HIS A 1 12  ? 13.867  4.727   -13.449 1.00 20.41 ? 12  HIS A ND1 1 
ATOM   97   C  CD2 . HIS A 1 12  ? 13.787  5.965   -11.643 1.00 19.24 ? 12  HIS A CD2 1 
ATOM   98   C  CE1 . HIS A 1 12  ? 15.140  4.989   -13.001 1.00 18.59 ? 12  HIS A CE1 1 
ATOM   99   N  NE2 . HIS A 1 12  ? 15.075  5.733   -11.915 1.00 20.69 ? 12  HIS A NE2 1 
ATOM   100  N  N   . VAL A 1 13  ? 10.631  4.418   -9.724  1.00 11.11 ? 13  VAL A N   1 
ATOM   101  C  CA  . VAL A 1 13  ? 10.863  4.223   -8.296  1.00 11.89 ? 13  VAL A CA  1 
ATOM   102  C  C   . VAL A 1 13  ? 10.455  2.833   -7.811  1.00 12.34 ? 13  VAL A C   1 
ATOM   103  O  O   . VAL A 1 13  ? 11.190  2.230   -7.001  1.00 13.71 ? 13  VAL A O   1 
ATOM   104  C  CB  . VAL A 1 13  ? 10.187  5.237   -7.359  1.00 14.63 ? 13  VAL A CB  1 
ATOM   105  C  CG1 . VAL A 1 13  ? 11.003  5.291   -6.021  0.83 12.94 ? 13  VAL A CG1 1 
ATOM   106  C  CG2 . VAL A 1 13  ? 10.096  6.616   -7.980  0.68 16.31 ? 13  VAL A CG2 1 
ATOM   107  N  N   . TRP A 1 14  ? 9.352   2.270   -8.311  1.00 8.98  ? 14  TRP A N   1 
ATOM   108  C  CA  . TRP A 1 14  ? 8.975   0.960   -7.807  1.00 9.01  ? 14  TRP A CA  1 
ATOM   109  C  C   . TRP A 1 14  ? 10.043  -0.101  -8.096  1.00 10.72 ? 14  TRP A C   1 
ATOM   110  O  O   . TRP A 1 14  ? 10.207  -1.020  -7.287  1.00 10.54 ? 14  TRP A O   1 
ATOM   111  C  CB  . TRP A 1 14  ? 7.680   0.465   -8.443  1.00 10.20 ? 14  TRP A CB  1 
ATOM   112  C  CG  . TRP A 1 14  ? 7.044   -0.571  -7.643  1.00 10.77 ? 14  TRP A CG  1 
ATOM   113  C  CD1 . TRP A 1 14  ? 7.064   -1.943  -7.878  1.00 11.88 ? 14  TRP A CD1 1 
ATOM   114  C  CD2 . TRP A 1 14  ? 6.369   -0.395  -6.404  1.00 11.03 ? 14  TRP A CD2 1 
ATOM   115  N  NE1 . TRP A 1 14  ? 6.451   -2.603  -6.826  1.00 11.48 ? 14  TRP A NE1 1 
ATOM   116  C  CE2 . TRP A 1 14  ? 6.036   -1.673  -5.898  1.00 12.06 ? 14  TRP A CE2 1 
ATOM   117  C  CE3 . TRP A 1 14  ? 6.030   0.738   -5.642  1.00 11.69 ? 14  TRP A CE3 1 
ATOM   118  C  CZ2 . TRP A 1 14  ? 5.383   -1.853  -4.688  1.00 13.10 ? 14  TRP A CZ2 1 
ATOM   119  C  CZ3 . TRP A 1 14  ? 5.393   0.548   -4.405  1.00 13.05 ? 14  TRP A CZ3 1 
ATOM   120  C  CH2 . TRP A 1 14  ? 5.075   -0.714  -3.950  1.00 13.03 ? 14  TRP A CH2 1 
ATOM   121  N  N   . ALA A 1 15  ? 10.733  0.014   -9.242  1.00 10.49 ? 15  ALA A N   1 
ATOM   122  C  CA  . ALA A 1 15  ? 11.796  -0.933  -9.602  1.00 12.40 ? 15  ALA A CA  1 
ATOM   123  C  C   . ALA A 1 15  ? 12.913  -0.866  -8.574  1.00 14.05 ? 15  ALA A C   1 
ATOM   124  O  O   . ALA A 1 15  ? 13.524  -1.871  -8.277  1.00 15.91 ? 15  ALA A O   1 
ATOM   125  C  CB  . ALA A 1 15  ? 12.328  -0.640  -10.988 1.00 11.77 ? 15  ALA A CB  1 
ATOM   126  N  N   . LYS A 1 16  ? 13.041  0.255   -7.894  1.00 15.24 ? 16  LYS A N   1 
ATOM   127  C  CA  . LYS A 1 16  ? 13.972  0.385   -6.769  1.00 16.79 ? 16  LYS A CA  1 
ATOM   128  C  C   . LYS A 1 16  ? 13.408  -0.357  -5.566  1.00 18.28 ? 16  LYS A C   1 
ATOM   129  O  O   . LYS A 1 16  ? 14.177  -0.895  -4.751  1.00 19.52 ? 16  LYS A O   1 
ATOM   130  C  CB  . LYS A 1 16  ? 14.138  1.849   -6.343  1.00 16.55 ? 16  LYS A CB  1 
ATOM   131  C  CG  . LYS A 1 16  ? 14.696  2.848   -7.375  1.00 18.67 ? 16  LYS A CG  1 
ATOM   132  C  CD  . LYS A 1 16  ? 15.750  2.295   -8.303  1.00 19.70 ? 16  LYS A CD  1 
ATOM   133  C  CE  . LYS A 1 16  ? 16.404  3.454   -9.061  1.00 20.67 ? 16  LYS A CE  1 
ATOM   134  N  NZ  . LYS A 1 16  ? 17.832  3.168   -9.514  1.00 23.20 ? 16  LYS A NZ  1 
ATOM   135  N  N   . VAL A 1 17  ? 12.107  -0.190  -5.318  1.00 16.89 ? 17  VAL A N   1 
ATOM   136  C  CA  . VAL A 1 17  ? 11.459  -0.828  -4.170  1.00 16.02 ? 17  VAL A CA  1 
ATOM   137  C  C   . VAL A 1 17  ? 11.664  -2.326  -4.290  1.00 17.04 ? 17  VAL A C   1 
ATOM   138  O  O   . VAL A 1 17  ? 11.891  -3.040  -3.319  1.00 18.68 ? 17  VAL A O   1 
ATOM   139  C  CB  . VAL A 1 17  ? 9.934   -0.567  -4.151  1.00 13.94 ? 17  VAL A CB  1 
ATOM   140  C  CG1 . VAL A 1 17  ? 9.254   -1.505  -3.191  1.00 13.97 ? 17  VAL A CG1 1 
ATOM   141  C  CG2 . VAL A 1 17  ? 9.641   0.878   -3.789  1.00 14.93 ? 17  VAL A CG2 1 
ATOM   142  N  N   . GLU A 1 18  ? 11.631  -2.815  -5.507  1.00 16.62 ? 18  GLU A N   1 
ATOM   143  C  CA  . GLU A 1 18  ? 11.717  -4.239  -5.689  1.00 16.32 ? 18  GLU A CA  1 
ATOM   144  C  C   . GLU A 1 18  ? 13.093  -4.837  -5.395  1.00 16.37 ? 18  GLU A C   1 
ATOM   145  O  O   . GLU A 1 18  ? 13.221  -6.070  -5.228  1.00 15.83 ? 18  GLU A O   1 
ATOM   146  C  CB  . GLU A 1 18  ? 11.223  -4.576  -7.084  1.00 17.64 ? 18  GLU A CB  1 
ATOM   147  C  CG  . GLU A 1 18  ? 9.700   -4.412  -7.091  1.00 18.89 ? 18  GLU A CG  1 
ATOM   148  C  CD  . GLU A 1 18  ? 9.079   -4.993  -8.307  1.00 21.74 ? 18  GLU A CD  1 
ATOM   149  O  OE1 . GLU A 1 18  ? 9.740   -5.045  -9.359  1.00 21.29 ? 18  GLU A OE1 1 
ATOM   150  O  OE2 . GLU A 1 18  ? 7.942   -5.463  -8.198  1.00 24.76 ? 18  GLU A OE2 1 
ATOM   151  N  N   . ALA A 1 19  ? 14.073  -3.962  -5.220  1.00 15.86 ? 19  ALA A N   1 
ATOM   152  C  CA  . ALA A 1 19  ? 15.403  -4.421  -4.796  1.00 15.88 ? 19  ALA A CA  1 
ATOM   153  C  C   . ALA A 1 19  ? 15.382  -4.918  -3.349  1.00 16.86 ? 19  ALA A C   1 
ATOM   154  O  O   . ALA A 1 19  ? 16.382  -5.472  -2.843  1.00 17.77 ? 19  ALA A O   1 
ATOM   155  C  CB  . ALA A 1 19  ? 16.407  -3.286  -4.927  1.00 17.40 ? 19  ALA A CB  1 
ATOM   156  N  N   . ASP A 1 20  ? 14.383  -4.515  -2.589  1.00 13.76 ? 20  ASP A N   1 
ATOM   157  C  CA  . ASP A 1 20  ? 14.351  -4.910  -1.210  1.00 14.12 ? 20  ASP A CA  1 
ATOM   158  C  C   . ASP A 1 20  ? 12.928  -4.815  -0.752  1.00 11.93 ? 20  ASP A C   1 
ATOM   159  O  O   . ASP A 1 20  ? 12.589  -3.975  0.105   1.00 11.86 ? 20  ASP A O   1 
ATOM   160  C  CB  . ASP A 1 20  ? 15.247  -4.003  -0.365  1.00 15.15 ? 20  ASP A CB  1 
ATOM   161  C  CG  . ASP A 1 20  ? 15.215  -4.361  1.126   1.00 17.03 ? 20  ASP A CG  1 
ATOM   162  O  OD1 . ASP A 1 20  ? 14.751  -5.467  1.502   1.00 17.05 ? 20  ASP A OD1 1 
ATOM   163  O  OD2 . ASP A 1 20  ? 15.511  -3.458  1.938   1.00 22.17 ? 20  ASP A OD2 1 
ATOM   164  N  N   . VAL A 1 21  ? 12.121  -5.743  -1.255  1.00 12.44 ? 21  VAL A N   1 
ATOM   165  C  CA  . VAL A 1 21  ? 10.660  -5.728  -1.000  1.00 11.80 ? 21  VAL A CA  1 
ATOM   166  C  C   . VAL A 1 21  ? 10.424  -5.904  0.474   1.00 11.72 ? 21  VAL A C   1 
ATOM   167  O  O   . VAL A 1 21  ? 9.654   -5.158  1.089   1.00 10.00 ? 21  VAL A O   1 
ATOM   168  C  CB  . VAL A 1 21  ? 9.928   -6.852  -1.767  1.00 13.01 ? 21  VAL A CB  1 
ATOM   169  C  CG1 . VAL A 1 21  ? 8.460   -6.874  -1.462  1.00 13.83 ? 21  VAL A CG1 1 
ATOM   170  C  CG2 . VAL A 1 21  ? 10.080  -6.626  -3.257  1.00 15.13 ? 21  VAL A CG2 1 
ATOM   171  N  N   . ALA A 1 22  ? 11.183  -6.809  1.098   1.00 12.42 ? 22  ALA A N   1 
ATOM   172  C  CA  . ALA A 1 22  ? 10.901  -7.118  2.491   1.00 11.61 ? 22  ALA A CA  1 
ATOM   173  C  C   . ALA A 1 22  ? 11.238  -6.000  3.475   1.00 11.67 ? 22  ALA A C   1 
ATOM   174  O  O   . ALA A 1 22  ? 10.443  -5.733  4.397   1.00 12.85 ? 22  ALA A O   1 
ATOM   175  C  CB  . ALA A 1 22  ? 11.583  -8.436  2.885   1.00 12.79 ? 22  ALA A CB  1 
ATOM   176  N  N   . GLY A 1 23  ? 12.302  -5.233  3.225   1.00 11.14 ? 23  GLY A N   1 
ATOM   177  C  CA  . GLY A 1 23  ? 12.606  -4.129  4.134   1.00 9.13  ? 23  GLY A CA  1 
ATOM   178  C  C   . GLY A 1 23  ? 11.604  -2.982  3.943   1.00 9.51  ? 23  GLY A C   1 
ATOM   179  O  O   . GLY A 1 23  ? 11.226  -2.285  4.888   1.00 9.13  ? 23  GLY A O   1 
ATOM   180  N  N   . HIS A 1 24  ? 11.223  -2.730  2.689   1.00 9.19  ? 24  HIS A N   1 
ATOM   181  C  CA  . HIS A 1 24  ? 10.228  -1.695  2.418   1.00 8.53  ? 24  HIS A CA  1 
ATOM   182  C  C   . HIS A 1 24  ? 8.939   -2.062  3.051   1.00 7.48  ? 24  HIS A C   1 
ATOM   183  O  O   . HIS A 1 24  ? 8.273   -1.205  3.611   1.00 7.81  ? 24  HIS A O   1 
ATOM   184  C  CB  . HIS A 1 24  ? 9.994   -1.540  0.937   1.00 8.98  ? 24  HIS A CB  1 
ATOM   185  C  CG  . HIS A 1 24  ? 11.062  -0.745  0.246   1.00 10.01 ? 24  HIS A CG  1 
ATOM   186  N  ND1 . HIS A 1 24  ? 12.240  -1.313  -0.174  1.00 10.88 ? 24  HIS A ND1 1 
ATOM   187  C  CD2 . HIS A 1 24  ? 11.120  0.562   -0.112  1.00 11.00 ? 24  HIS A CD2 1 
ATOM   188  C  CE1 . HIS A 1 24  ? 12.940  -0.312  -0.803  1.00 12.40 ? 24  HIS A CE1 1 
ATOM   189  N  NE2 . HIS A 1 24  ? 12.260  0.824   -0.758  1.00 13.79 ? 24  HIS A NE2 1 
ATOM   190  N  N   . GLY A 1 25  ? 8.566   -3.324  2.988   1.00 7.53  ? 25  GLY A N   1 
ATOM   191  C  CA  . GLY A 1 25  ? 7.276   -3.689  3.549   1.00 8.90  ? 25  GLY A CA  1 
ATOM   192  C  C   . GLY A 1 25  ? 7.267   -3.511  5.046   1.00 11.20 ? 25  GLY A C   1 
ATOM   193  O  O   . GLY A 1 25  ? 6.264   -3.127  5.651   1.00 10.82 ? 25  GLY A O   1 
ATOM   194  N  N   . GLN A 1 26  ? 8.368   -3.881  5.694   1.00 11.93 ? 26  GLN A N   1 
ATOM   195  C  CA  . GLN A 1 26  ? 8.447   -3.685  7.129   1.00 12.39 ? 26  GLN A CA  1 
ATOM   196  C  C   . GLN A 1 26  ? 8.272   -2.235  7.513   1.00 11.33 ? 26  GLN A C   1 
ATOM   197  O  O   . GLN A 1 26  ? 7.558   -1.944  8.444   1.00 12.56 ? 26  GLN A O   1 
ATOM   198  C  CB  . GLN A 1 26  ? 9.805   -4.171  7.664   1.00 16.29 ? 26  GLN A CB  1 
ATOM   199  C  CG  . GLN A 1 26  ? 9.745   -5.513  8.252   1.00 21.27 ? 26  GLN A CG  1 
ATOM   200  C  CD  . GLN A 1 26  ? 10.893  -5.765  9.230   1.00 25.21 ? 26  GLN A CD  1 
ATOM   201  O  OE1 . GLN A 1 26  ? 11.579  -6.762  9.129   1.00 24.72 ? 26  GLN A OE1 1 
ATOM   202  N  NE2 . GLN A 1 26  ? 11.157  -4.818  10.103  1.00 28.39 ? 26  GLN A NE2 1 
ATOM   203  N  N   . ASP A 1 27  ? 9.026   -1.338  6.893   1.00 9.12  ? 27  ASP A N   1 
ATOM   204  C  CA  . ASP A 1 27  ? 8.990   0.059   7.252   1.00 9.26  ? 27  ASP A CA  1 
ATOM   205  C  C   . ASP A 1 27  ? 7.557   0.613   7.051   1.00 9.74  ? 27  ASP A C   1 
ATOM   206  O  O   . ASP A 1 27  ? 7.064   1.421   7.822   1.00 8.55  ? 27  ASP A O   1 
ATOM   207  C  CB  . ASP A 1 27  ? 9.944   0.836   6.340   1.00 10.61 ? 27  ASP A CB  1 
ATOM   208  C  CG  . ASP A 1 27  ? 11.424  0.558   6.637   1.00 16.14 ? 27  ASP A CG  1 
ATOM   209  O  OD1 . ASP A 1 27  ? 11.695  -0.112  7.642   1.00 13.57 ? 27  ASP A OD1 1 
ATOM   210  O  OD2 . ASP A 1 27  ? 12.280  1.059   5.867   1.00 15.46 ? 27  ASP A OD2 1 
ATOM   211  N  N   . ILE A 1 28  ? 6.909   0.180   5.993   1.00 8.16  ? 28  ILE A N   1 
ATOM   212  C  CA  . ILE A 1 28  ? 5.546   0.712   5.668   1.00 8.52  ? 28  ILE A CA  1 
ATOM   213  C  C   . ILE A 1 28  ? 4.497   0.219   6.672   1.00 8.94  ? 28  ILE A C   1 
ATOM   214  O  O   . ILE A 1 28  ? 3.742   1.014   7.232   1.00 9.84  ? 28  ILE A O   1 
ATOM   215  C  CB  . ILE A 1 28  ? 5.128   0.287   4.227   1.00 6.60  ? 28  ILE A CB  1 
ATOM   216  C  CG1 . ILE A 1 28  ? 5.938   1.064   3.216   1.00 6.07  ? 28  ILE A CG1 1 
ATOM   217  C  CG2 . ILE A 1 28  ? 3.609   0.514   4.015   1.00 7.90  ? 28  ILE A CG2 1 
ATOM   218  C  CD1 . ILE A 1 28  ? 5.934   0.464   1.787   1.00 7.07  ? 28  ILE A CD1 1 
ATOM   219  N  N   . LEU A 1 29  ? 4.494   -1.082  6.970   1.00 9.09  ? 29  LEU A N   1 
ATOM   220  C  CA  . LEU A 1 29  ? 3.555   -1.588  7.971   1.00 7.36  ? 29  LEU A CA  1 
ATOM   221  C  C   . LEU A 1 29  ? 3.824   -0.998  9.350   1.00 8.95  ? 29  LEU A C   1 
ATOM   222  O  O   . LEU A 1 29  ? 2.879   -0.673  10.095  1.00 7.84  ? 29  LEU A O   1 
ATOM   223  C  CB  . LEU A 1 29  ? 3.582   -3.128  8.031   1.00 9.91  ? 29  LEU A CB  1 
ATOM   224  C  CG  . LEU A 1 29  ? 2.979   -3.857  6.823   1.00 12.08 ? 29  LEU A CG  1 
ATOM   225  C  CD1 . LEU A 1 29  ? 2.781   -5.338  7.101   1.00 12.68 ? 29  LEU A CD1 1 
ATOM   226  C  CD2 . LEU A 1 29  ? 1.658   -3.215  6.524   1.00 14.89 ? 29  LEU A CD2 1 
ATOM   227  N  N   . ILE A 1 30  ? 5.095   -0.894  9.751   1.00 7.19  ? 30  ILE A N   1 
ATOM   228  C  CA  . ILE A 1 30  ? 5.368   -0.335  11.056  1.00 8.44  ? 30  ILE A CA  1 
ATOM   229  C  C   . ILE A 1 30  ? 4.952   1.122   11.162  1.00 9.64  ? 30  ILE A C   1 
ATOM   230  O  O   . ILE A 1 30  ? 4.402   1.550   12.184  1.00 9.51  ? 30  ILE A O   1 
ATOM   231  C  CB  . ILE A 1 30  ? 6.882   -0.482  11.384  1.00 10.91 ? 30  ILE A CB  1 
ATOM   232  C  CG1 . ILE A 1 30  ? 7.198   -1.957  11.640  1.00 10.69 ? 30  ILE A CG1 1 
ATOM   233  C  CG2 . ILE A 1 30  ? 7.264   0.391   12.565  1.00 9.59  ? 30  ILE A CG2 1 
ATOM   234  C  CD1 . ILE A 1 30  ? 8.743   -2.247  11.718  1.00 11.71 ? 30  ILE A CD1 1 
ATOM   235  N  N   . ARG A 1 31  ? 5.245   1.907   10.130  1.00 9.55  ? 31  ARG A N   1 
ATOM   236  C  CA  . ARG A 1 31  ? 4.725   3.291   10.080  1.00 10.67 ? 31  ARG A CA  1 
ATOM   237  C  C   . ARG A 1 31  ? 3.204   3.374   10.197  1.00 9.56  ? 31  ARG A C   1 
ATOM   238  O  O   . ARG A 1 31  ? 2.675   4.195   10.921  1.00 9.72  ? 31  ARG A O   1 
ATOM   239  C  CB  . ARG A 1 31  ? 5.152   3.980   8.775   1.00 13.13 ? 31  ARG A CB  1 
ATOM   240  C  CG  . ARG A 1 31  ? 4.655   5.429   8.754   1.00 18.18 ? 31  ARG A CG  1 
ATOM   241  C  CD  . ARG A 1 31  ? 5.487   6.304   7.876   1.00 24.53 ? 31  ARG A CD  1 
ATOM   242  N  NE  . ARG A 1 31  ? 6.365   7.144   8.692   1.00 31.80 ? 31  ARG A NE  1 
ATOM   243  C  CZ  . ARG A 1 31  ? 5.989   8.256   9.325   1.00 34.59 ? 31  ARG A CZ  1 
ATOM   244  N  NH1 . ARG A 1 31  ? 4.907   8.940   8.941   1.00 35.10 ? 31  ARG A NH1 1 
ATOM   245  N  NH2 . ARG A 1 31  ? 6.778   8.752   10.261  1.00 35.32 ? 31  ARG A NH2 1 
ATOM   246  N  N   . LEU A 1 32  ? 2.508   2.558   9.436   1.00 9.66  ? 32  LEU A N   1 
ATOM   247  C  CA  . LEU A 1 32  ? 1.040   2.499   9.477   1.00 9.20  ? 32  LEU A CA  1 
ATOM   248  C  C   . LEU A 1 32  ? 0.579   2.194   10.911  1.00 10.59 ? 32  LEU A C   1 
ATOM   249  O  O   . LEU A 1 32  ? -0.294  2.893   11.478  1.00 9.27  ? 32  LEU A O   1 
ATOM   250  C  CB  . LEU A 1 32  ? 0.542   1.358   8.589   1.00 8.59  ? 32  LEU A CB  1 
ATOM   251  C  CG  . LEU A 1 32  ? -0.987  1.145   8.612   1.00 10.34 ? 32  LEU A CG  1 
ATOM   252  C  CD1 . LEU A 1 32  ? -1.669  2.408   8.008   1.00 8.95  ? 32  LEU A CD1 1 
ATOM   253  C  CD2 . LEU A 1 32  ? -1.394  -0.106  7.797   1.00 11.21 ? 32  LEU A CD2 1 
ATOM   254  N  N   . PHE A 1 33  ? 1.209   1.173   11.537  1.00 9.32  ? 33  PHE A N   1 
ATOM   255  C  CA  . PHE A 1 33  ? 0.686   0.713   12.809  1.00 8.70  ? 33  PHE A CA  1 
ATOM   256  C  C   . PHE A 1 33  ? 0.996   1.682   13.918  1.00 9.32  ? 33  PHE A C   1 
ATOM   257  O  O   . PHE A 1 33  ? 0.216   1.762   14.884  1.00 9.88  ? 33  PHE A O   1 
ATOM   258  C  CB  . PHE A 1 33  ? 1.215   -0.674  13.189  1.00 10.30 ? 33  PHE A CB  1 
ATOM   259  C  CG  . PHE A 1 33  ? 0.818   -1.822  12.253  1.00 10.06 ? 33  PHE A CG  1 
ATOM   260  C  CD1 . PHE A 1 33  ? -0.397  -1.841  11.575  1.00 11.54 ? 33  PHE A CD1 1 
ATOM   261  C  CD2 . PHE A 1 33  ? 1.651   -2.943  12.111  1.00 10.25 ? 33  PHE A CD2 1 
ATOM   262  C  CE1 . PHE A 1 33  ? -0.755  -2.964  10.761  1.00 9.69  ? 33  PHE A CE1 1 
ATOM   263  C  CE2 . PHE A 1 33  ? 1.295   -4.014  11.339  1.00 9.48  ? 33  PHE A CE2 1 
ATOM   264  C  CZ  . PHE A 1 33  ? 0.095   -4.022  10.652  1.00 11.61 ? 33  PHE A CZ  1 
ATOM   265  N  N   . LYS A 1 34  ? 2.138   2.360   13.850  1.00 9.31  ? 34  LYS A N   1 
ATOM   266  C  CA  . LYS A 1 34  ? 2.457   3.408   14.818  1.00 11.33 ? 34  LYS A CA  1 
ATOM   267  C  C   . LYS A 1 34  ? 1.666   4.716   14.645  1.00 11.86 ? 34  LYS A C   1 
ATOM   268  O  O   . LYS A 1 34  ? 1.191   5.294   15.644  1.00 11.30 ? 34  LYS A O   1 
ATOM   269  C  CB  . LYS A 1 34  ? 3.941   3.734   14.796  1.00 14.67 ? 34  LYS A CB  1 
ATOM   270  C  CG  . LYS A 1 34  ? 4.767   2.620   15.460  1.00 19.07 ? 34  LYS A CG  1 
ATOM   271  C  CD  . LYS A 1 34  ? 6.298   2.928   15.423  1.00 24.91 ? 34  LYS A CD  1 
ATOM   272  C  CE  . LYS A 1 34  ? 6.770   3.932   16.506  1.00 27.32 ? 34  LYS A CE  1 
ATOM   273  N  NZ  . LYS A 1 34  ? 7.907   4.787   15.980  1.00 28.17 ? 34  LYS A NZ  1 
ATOM   274  N  N   . SER A 1 35  ? 1.468   5.153   13.402  1.00 10.93 ? 35  SER A N   1 
ATOM   275  C  CA  . SER A 1 35  ? 0.743   6.399   13.166  1.00 10.90 ? 35  SER A CA  1 
ATOM   276  C  C   . SER A 1 35  ? -0.722  6.229   13.389  1.00 10.72 ? 35  SER A C   1 
ATOM   277  O  O   . SER A 1 35  ? -1.351  7.153   13.828  1.00 10.91 ? 35  SER A O   1 
ATOM   278  C  CB  . SER A 1 35  ? 0.963   6.856   11.745  1.00 13.17 ? 35  SER A CB  1 
ATOM   279  O  OG  . SER A 1 35  ? 2.362   6.838   11.566  1.00 18.57 ? 35  SER A OG  1 
ATOM   280  N  N   . HIS A 1 36  ? -1.271  5.078   13.027  1.00 8.92  ? 36  HIS A N   1 
ATOM   281  C  CA  . HIS A 1 36  ? -2.709  4.805   13.188  1.00 8.87  ? 36  HIS A CA  1 
ATOM   282  C  C   . HIS A 1 36  ? -2.896  3.463   13.901  1.00 9.06  ? 36  HIS A C   1 
ATOM   283  O  O   . HIS A 1 36  ? -3.162  2.449   13.271  1.00 9.07  ? 36  HIS A O   1 
ATOM   284  C  CB  . HIS A 1 36  ? -3.357  4.762   11.808  1.00 10.20 ? 36  HIS A CB  1 
ATOM   285  C  CG  . HIS A 1 36  ? -3.080  5.991   10.971  1.00 9.71  ? 36  HIS A CG  1 
ATOM   286  N  ND1 . HIS A 1 36  ? -3.779  7.162   11.113  1.00 11.89 ? 36  HIS A ND1 1 
ATOM   287  C  CD2 . HIS A 1 36  ? -2.118  6.242   10.062  1.00 12.45 ? 36  HIS A CD2 1 
ATOM   288  C  CE1 . HIS A 1 36  ? -3.182  8.063   10.311  1.00 12.41 ? 36  HIS A CE1 1 
ATOM   289  N  NE2 . HIS A 1 36  ? -2.160  7.512   9.677   1.00 12.68 ? 36  HIS A NE2 1 
ATOM   290  N  N   . PRO A 1 37  ? -2.834  3.457   15.262  1.00 9.65  ? 37  PRO A N   1 
ATOM   291  C  CA  . PRO A 1 37  ? -2.901  2.201   16.017  1.00 10.39 ? 37  PRO A CA  1 
ATOM   292  C  C   . PRO A 1 37  ? -4.140  1.388   15.825  1.00 11.53 ? 37  PRO A C   1 
ATOM   293  O  O   . PRO A 1 37  ? -4.094  0.156   15.965  1.00 11.31 ? 37  PRO A O   1 
ATOM   294  C  CB  . PRO A 1 37  ? -2.737  2.659   17.481  1.00 11.45 ? 37  PRO A CB  1 
ATOM   295  C  CG  . PRO A 1 37  ? -1.999  3.941   17.393  1.00 11.26 ? 37  PRO A CG  1 
ATOM   296  C  CD  . PRO A 1 37  ? -2.520  4.598   16.138  1.00 11.58 ? 37  PRO A CD  1 
ATOM   297  N  N   . GLU A 1 38  ? -5.274  2.031   15.506  1.00 10.75 ? 38  GLU A N   1 
ATOM   298  C  CA  . GLU A 1 38  ? -6.465  1.256   15.236  1.00 10.54 ? 38  GLU A CA  1 
ATOM   299  C  C   . GLU A 1 38  ? -6.292  0.235   14.086  1.00 11.82 ? 38  GLU A C   1 
ATOM   300  O  O   . GLU A 1 38  ? -7.011  -0.753  14.048  1.00 14.14 ? 38  GLU A O   1 
ATOM   301  C  CB  . GLU A 1 38  ? -7.653  2.206   14.934  1.00 10.79 ? 38  GLU A CB  1 
ATOM   302  C  CG  . GLU A 1 38  ? -7.575  2.947   13.611  1.00 10.44 ? 38  GLU A CG  1 
ATOM   303  C  CD  . GLU A 1 38  ? -6.830  4.263   13.649  1.00 12.77 ? 38  GLU A CD  1 
ATOM   304  O  OE1 . GLU A 1 38  ? -5.857  4.437   14.415  1.00 11.87 ? 38  GLU A OE1 1 
ATOM   305  O  OE2 . GLU A 1 38  ? -7.219  5.159   12.868  1.00 13.46 ? 38  GLU A OE2 1 
ATOM   306  N  N   . THR A 1 39  ? -5.391  0.468   13.124  1.00 12.14 ? 39  THR A N   1 
ATOM   307  C  CA  . THR A 1 39  ? -5.249  -0.461  11.988  1.00 11.20 ? 39  THR A CA  1 
ATOM   308  C  C   . THR A 1 39  ? -4.633  -1.813  12.425  1.00 13.01 ? 39  THR A C   1 
ATOM   309  O  O   . THR A 1 39  ? -4.921  -2.874  11.848  1.00 11.85 ? 39  THR A O   1 
ATOM   310  C  CB  . THR A 1 39  ? -4.386  0.153   10.857  1.00 11.23 ? 39  THR A CB  1 
ATOM   311  O  OG1 . THR A 1 39  ? -3.098  0.446   11.364  1.00 10.92 ? 39  THR A OG1 1 
ATOM   312  C  CG2 . THR A 1 39  ? -4.972  1.475   10.327  1.00 10.56 ? 39  THR A CG2 1 
ATOM   313  N  N   . LEU A 1 40  ? -3.851  -1.784  13.502  1.00 13.23 ? 40  LEU A N   1 
ATOM   314  C  CA  . LEU A 1 40  ? -3.223  -3.009  13.998  1.00 14.43 ? 40  LEU A CA  1 
ATOM   315  C  C   . LEU A 1 40  ? -4.268  -3.959  14.532  1.00 14.89 ? 40  LEU A C   1 
ATOM   316  O  O   . LEU A 1 40  ? -4.208  -5.138  14.274  1.00 15.17 ? 40  LEU A O   1 
ATOM   317  C  CB  . LEU A 1 40  ? -2.216  -2.667  15.103  1.00 15.52 ? 40  LEU A CB  1 
ATOM   318  C  CG  . LEU A 1 40  ? -1.437  -3.814  15.748  1.00 15.98 ? 40  LEU A CG  1 
ATOM   319  C  CD1 . LEU A 1 40  ? -0.734  -4.560  14.674  1.00 14.32 ? 40  LEU A CD1 1 
ATOM   320  C  CD2 . LEU A 1 40  ? -0.419  -3.247  16.740  1.00 18.49 ? 40  LEU A CD2 1 
ATOM   321  N  N   . GLU A 1 41  ? -5.341  -3.408  15.093  1.00 16.69 ? 41  GLU A N   1 
ATOM   322  C  CA  . GLU A 1 41  ? -6.482  -4.188  15.584  1.00 18.08 ? 41  GLU A CA  1 
ATOM   323  C  C   . GLU A 1 41  ? -7.210  -5.046  14.510  1.00 17.84 ? 41  GLU A C   1 
ATOM   324  O  O   . GLU A 1 41  ? -8.013  -5.935  14.836  1.00 19.12 ? 41  GLU A O   1 
ATOM   325  C  CB  . GLU A 1 41  ? -7.453  -3.204  16.245  1.00 20.91 ? 41  GLU A CB  1 
ATOM   326  C  CG  . GLU A 1 41  ? -7.892  -3.553  17.618  1.00 26.25 ? 41  GLU A CG  1 
ATOM   327  C  CD  . GLU A 1 41  ? -6.797  -4.079  18.476  1.00 29.00 ? 41  GLU A CD  1 
ATOM   328  O  OE1 . GLU A 1 41  ? -5.632  -3.633  18.377  1.00 32.22 ? 41  GLU A OE1 1 
ATOM   329  O  OE2 . GLU A 1 41  ? -7.087  -4.986  19.285  1.00 31.58 ? 41  GLU A OE2 1 
ATOM   330  N  N   . LYS A 1 42  ? -6.962  -4.812  13.220  1.00 15.95 ? 42  LYS A N   1 
ATOM   331  C  CA  . LYS A 1 42  ? -7.627  -5.631  12.219  1.00 14.71 ? 42  LYS A CA  1 
ATOM   332  C  C   . LYS A 1 42  ? -6.929  -6.990  12.056  1.00 15.34 ? 42  LYS A C   1 
ATOM   333  O  O   . LYS A 1 42  ? -7.350  -7.830  11.240  1.00 16.07 ? 42  LYS A O   1 
ATOM   334  C  CB  . LYS A 1 42  ? -7.618  -4.902  10.875  1.00 15.94 ? 42  LYS A CB  1 
ATOM   335  C  CG  . LYS A 1 42  ? -8.599  -3.732  10.756  1.00 16.29 ? 42  LYS A CG  1 
ATOM   336  C  CD  . LYS A 1 42  ? -10.027 -4.257  10.536  1.00 18.65 ? 42  LYS A CD  1 
ATOM   337  C  CE  . LYS A 1 42  ? -11.065 -3.232  10.889  1.00 20.23 ? 42  LYS A CE  1 
ATOM   338  N  NZ  . LYS A 1 42  ? -12.452 -3.757  10.552  1.00 21.13 ? 42  LYS A NZ  1 
ATOM   339  N  N   . PHE A 1 43  ? -5.735  -7.112  12.636  1.00 14.63 ? 43  PHE A N   1 
ATOM   340  C  CA  . PHE A 1 43  ? -4.909  -8.292  12.391  1.00 14.44 ? 43  PHE A CA  1 
ATOM   341  C  C   . PHE A 1 43  ? -4.866  -9.059  13.696  1.00 15.00 ? 43  PHE A C   1 
ATOM   342  O  O   . PHE A 1 43  ? -4.108  -8.681  14.603  1.00 12.87 ? 43  PHE A O   1 
ATOM   343  C  CB  . PHE A 1 43  ? -3.460  -7.873  12.037  1.00 13.21 ? 43  PHE A CB  1 
ATOM   344  C  CG  . PHE A 1 43  ? -3.330  -7.158  10.735  1.00 12.04 ? 43  PHE A CG  1 
ATOM   345  C  CD1 . PHE A 1 43  ? -3.176  -7.867  9.560   1.00 12.56 ? 43  PHE A CD1 1 
ATOM   346  C  CD2 . PHE A 1 43  ? -3.441  -5.767  10.681  1.00 12.88 ? 43  PHE A CD2 1 
ATOM   347  C  CE1 . PHE A 1 43  ? -3.144  -7.202  8.335   1.00 12.00 ? 43  PHE A CE1 1 
ATOM   348  C  CE2 . PHE A 1 43  ? -3.417  -5.097  9.460   1.00 12.09 ? 43  PHE A CE2 1 
ATOM   349  C  CZ  . PHE A 1 43  ? -3.264  -5.816  8.293   1.00 12.87 ? 43  PHE A CZ  1 
ATOM   350  N  N   . ASP A 1 44  ? -5.635  -10.132 13.801  1.00 16.21 ? 44  ASP A N   1 
ATOM   351  C  CA  . ASP A 1 44  ? -5.516  -10.981 14.999  1.00 19.71 ? 44  ASP A CA  1 
ATOM   352  C  C   . ASP A 1 44  ? -4.065  -11.445 15.168  1.00 18.91 ? 44  ASP A C   1 
ATOM   353  O  O   . ASP A 1 44  ? -3.547  -11.470 16.276  1.00 20.38 ? 44  ASP A O   1 
ATOM   354  C  CB  . ASP A 1 44  ? -6.432  -12.234 14.943  1.00 22.65 ? 44  ASP A CB  1 
ATOM   355  C  CG  . ASP A 1 44  ? -7.925  -11.902 15.080  1.00 27.63 ? 44  ASP A CG  1 
ATOM   356  O  OD1 . ASP A 1 44  ? -8.300  -11.004 15.866  1.00 30.17 ? 44  ASP A OD1 1 
ATOM   357  O  OD2 . ASP A 1 44  ? -8.742  -12.587 14.419  1.00 30.96 ? 44  ASP A OD2 1 
ATOM   358  N  N   . ARG A 1 45  ? -3.376  -11.688 14.064  1.00 18.87 ? 45  ARG A N   1 
ATOM   359  C  CA  . ARG A 1 45  ? -2.026  -12.247 14.183  1.00 18.48 ? 45  ARG A CA  1 
ATOM   360  C  C   . ARG A 1 45  ? -0.948  -11.272 14.582  1.00 18.60 ? 45  ARG A C   1 
ATOM   361  O  O   . ARG A 1 45  ? 0.183   -11.698 14.854  1.00 18.94 ? 45  ARG A O   1 
ATOM   362  C  CB  . ARG A 1 45  ? -1.601  -12.904 12.907  1.00 21.03 ? 45  ARG A CB  1 
ATOM   363  C  CG  . ARG A 1 45  ? -1.411  -11.950 11.785  1.00 20.65 ? 45  ARG A CG  1 
ATOM   364  C  CD  . ARG A 1 45  ? -1.872  -12.614 10.561  1.00 25.50 ? 45  ARG A CD  1 
ATOM   365  N  NE  . ARG A 1 45  ? -0.848  -13.467 10.030  1.00 26.95 ? 45  ARG A NE  1 
ATOM   366  C  CZ  . ARG A 1 45  ? -1.038  -14.733 9.700   1.00 29.02 ? 45  ARG A CZ  1 
ATOM   367  N  NH1 . ARG A 1 45  ? -2.250  -15.237 9.676   1.00 29.35 ? 45  ARG A NH1 1 
ATOM   368  N  NH2 . ARG A 1 45  ? 0.009   -15.498 9.413   1.00 30.50 ? 45  ARG A NH2 1 
ATOM   369  N  N   . PHE A 1 46  ? -1.234  -9.970  14.549  1.00 16.43 ? 46  PHE A N   1 
ATOM   370  C  CA  . PHE A 1 46  ? -0.217  -8.982  14.935  1.00 15.63 ? 46  PHE A CA  1 
ATOM   371  C  C   . PHE A 1 46  ? -0.628  -8.218  16.163  1.00 15.88 ? 46  PHE A C   1 
ATOM   372  O  O   . PHE A 1 46  ? 0.108   -7.371  16.641  1.00 15.49 ? 46  PHE A O   1 
ATOM   373  C  CB  . PHE A 1 46  ? 0.063   -7.974  13.814  1.00 14.02 ? 46  PHE A CB  1 
ATOM   374  C  CG  . PHE A 1 46  ? 0.545   -8.585  12.530  1.00 14.50 ? 46  PHE A CG  1 
ATOM   375  C  CD1 . PHE A 1 46  ? 1.524   -9.589  12.527  1.00 14.17 ? 46  PHE A CD1 1 
ATOM   376  C  CD2 . PHE A 1 46  ? 0.019   -8.152  11.311  1.00 14.51 ? 46  PHE A CD2 1 
ATOM   377  C  CE1 . PHE A 1 46  ? 1.942   -10.135 11.351  1.00 14.04 ? 46  PHE A CE1 1 
ATOM   378  C  CE2 . PHE A 1 46  ? 0.424   -8.713  10.130  1.00 14.58 ? 46  PHE A CE2 1 
ATOM   379  C  CZ  . PHE A 1 46  ? 1.378   -9.706  10.135  1.00 15.94 ? 46  PHE A CZ  1 
ATOM   380  N  N   . LYS A 1 47  ? -1.812  -8.497  16.691  1.00 18.22 ? 47  LYS A N   1 
ATOM   381  C  CA  . LYS A 1 47  ? -2.335  -7.722  17.813  1.00 20.09 ? 47  LYS A CA  1 
ATOM   382  C  C   . LYS A 1 47  ? -1.404  -7.735  19.007  1.00 20.08 ? 47  LYS A C   1 
ATOM   383  O  O   . LYS A 1 47  ? -1.507  -6.864  19.877  1.00 21.29 ? 47  LYS A O   1 
ATOM   384  C  CB  . LYS A 1 47  ? -3.693  -8.282  18.269  1.00 24.26 ? 47  LYS A CB  1 
ATOM   385  C  CG  . LYS A 1 47  ? -4.820  -8.044  17.296  1.00 29.40 ? 47  LYS A CG  1 
ATOM   386  C  CD  . LYS A 1 47  ? -6.007  -7.380  17.985  1.00 31.85 ? 47  LYS A CD  1 
ATOM   387  C  CE  . LYS A 1 47  ? -7.214  -8.298  18.081  1.00 34.12 ? 47  LYS A CE  1 
ATOM   388  N  NZ  . LYS A 1 47  ? -6.773  -9.665  18.519  1.00 35.61 ? 47  LYS A NZ  1 
ATOM   389  N  N   . HIS A 1 48  ? -0.617  -8.801  19.143  1.00 18.22 ? 48  HIS A N   1 
ATOM   390  C  CA  . HIS A 1 48  ? 0.238   -8.966  20.293  1.00 17.18 ? 48  HIS A CA  1 
ATOM   391  C  C   . HIS A 1 48  ? 1.471   -8.071  20.284  1.00 17.26 ? 48  HIS A C   1 
ATOM   392  O  O   . HIS A 1 48  ? 2.164   -7.995  21.282  1.00 18.88 ? 48  HIS A O   1 
ATOM   393  C  CB  . HIS A 1 48  ? 0.688   -10.438 20.406  1.00 16.55 ? 48  HIS A CB  1 
ATOM   394  C  CG  . HIS A 1 48  ? 1.623   -10.873 19.328  1.00 15.01 ? 48  HIS A CG  1 
ATOM   395  N  ND1 . HIS A 1 48  ? 1.186   -11.253 18.075  1.00 15.63 ? 48  HIS A ND1 1 
ATOM   396  C  CD2 . HIS A 1 48  ? 2.972   -11.002 19.304  1.00 14.89 ? 48  HIS A CD2 1 
ATOM   397  C  CE1 . HIS A 1 48  ? 2.308   -11.603 17.369  1.00 14.94 ? 48  HIS A CE1 1 
ATOM   398  N  NE2 . HIS A 1 48  ? 3.381   -11.444 18.118  1.00 14.58 ? 48  HIS A NE2 1 
ATOM   399  N  N   . LEU A 1 49  ? 1.791   -7.443  19.160  1.00 16.83 ? 49  LEU A N   1 
ATOM   400  C  CA  . LEU A 1 49  ? 3.013   -6.643  19.024  1.00 16.20 ? 49  LEU A CA  1 
ATOM   401  C  C   . LEU A 1 49  ? 2.825   -5.266  19.648  1.00 18.18 ? 49  LEU A C   1 
ATOM   402  O  O   . LEU A 1 49  ? 1.878   -4.569  19.315  1.00 18.20 ? 49  LEU A O   1 
ATOM   403  C  CB  . LEU A 1 49  ? 3.377   -6.471  17.534  1.00 15.05 ? 49  LEU A CB  1 
ATOM   404  C  CG  . LEU A 1 49  ? 3.644   -7.785  16.822  1.00 13.78 ? 49  LEU A CG  1 
ATOM   405  C  CD1 . LEU A 1 49  ? 3.648   -7.598  15.365  1.00 14.54 ? 49  LEU A CD1 1 
ATOM   406  C  CD2 . LEU A 1 49  ? 5.017   -8.380  17.275  1.00 14.88 ? 49  LEU A CD2 1 
ATOM   407  N  N   . LYS A 1 50  ? 3.609   -4.965  20.676  1.00 18.39 ? 50  LYS A N   1 
ATOM   408  C  CA  . LYS A 1 50  ? 3.379   -3.780  21.472  1.00 18.93 ? 50  LYS A CA  1 
ATOM   409  C  C   . LYS A 1 50  ? 4.392   -2.660  21.212  1.00 18.13 ? 50  LYS A C   1 
ATOM   410  O  O   . LYS A 1 50  ? 4.121   -1.505  21.486  1.00 21.39 ? 50  LYS A O   1 
ATOM   411  C  CB  . LYS A 1 50  ? 3.385   -4.119  22.941  1.00 21.79 ? 50  LYS A CB  1 
ATOM   412  C  CG  . LYS A 1 50  ? 2.299   -5.092  23.352  1.00 27.38 ? 50  LYS A CG  1 
ATOM   413  C  CD  . LYS A 1 50  ? 1.242   -4.400  24.177  1.00 30.99 ? 50  LYS A CD  1 
ATOM   414  C  CE  . LYS A 1 50  ? 1.836   -3.806  25.452  1.00 33.92 ? 50  LYS A CE  1 
ATOM   415  N  NZ  . LYS A 1 50  ? 1.604   -4.675  26.666  1.00 36.82 ? 50  LYS A NZ  1 
ATOM   416  N  N   . THR A 1 51  ? 5.577   -2.991  20.737  1.00 13.15 ? 51  THR A N   1 
ATOM   417  C  CA  . THR A 1 51  ? 6.581   -1.947  20.617  1.00 10.07 ? 51  THR A CA  1 
ATOM   418  C  C   . THR A 1 51  ? 7.078   -2.013  19.204  1.00 9.64  ? 51  THR A C   1 
ATOM   419  O  O   . THR A 1 51  ? 6.959   -3.057  18.561  1.00 9.56  ? 51  THR A O   1 
ATOM   420  C  CB  . THR A 1 51  ? 7.771   -2.151  21.588  1.00 10.52 ? 51  THR A CB  1 
ATOM   421  O  OG1 . THR A 1 51  ? 8.394   -3.402  21.192  1.00 9.63  ? 51  THR A OG1 1 
ATOM   422  C  CG2 . THR A 1 51  ? 7.326   -2.211  23.059  1.00 10.62 ? 51  THR A CG2 1 
ATOM   423  N  N   . GLU A 1 52  ? 7.815   -0.997  18.775  1.00 9.05  ? 52  GLU A N   1 
ATOM   424  C  CA  . GLU A 1 52  ? 8.386   -1.001  17.465  1.00 8.31  ? 52  GLU A CA  1 
ATOM   425  C  C   . GLU A 1 52  ? 9.461   -2.051  17.375  1.00 8.35  ? 52  GLU A C   1 
ATOM   426  O  O   . GLU A 1 52  ? 9.659   -2.655  16.306  1.00 9.11  ? 52  GLU A O   1 
ATOM   427  C  CB  . GLU A 1 52  ? 8.966   0.369   17.196  1.00 11.49 ? 52  GLU A CB  1 
ATOM   428  C  CG  . GLU A 1 52  ? 9.734   0.473   15.918  1.00 11.30 ? 52  GLU A CG  1 
ATOM   429  C  CD  . GLU A 1 52  ? 9.922   1.907   15.492  1.00 13.98 ? 52  GLU A CD  1 
ATOM   430  O  OE1 . GLU A 1 52  ? 9.631   2.815   16.269  1.00 15.93 ? 52  GLU A OE1 1 
ATOM   431  O  OE2 . GLU A 1 52  ? 10.434  2.132   14.399  1.00 17.88 ? 52  GLU A OE2 1 
ATOM   432  N  N   . ALA A 1 53  ? 10.174  -2.302  18.488  1.00 8.24  ? 53  ALA A N   1 
ATOM   433  C  CA  . ALA A 1 53  ? 11.227  -3.347  18.403  1.00 7.48  ? 53  ALA A CA  1 
ATOM   434  C  C   . ALA A 1 53  ? 10.603  -4.727  18.187  1.00 8.32  ? 53  ALA A C   1 
ATOM   435  O  O   . ALA A 1 53  ? 11.136  -5.509  17.387  1.00 10.73 ? 53  ALA A O   1 
ATOM   436  C  CB  . ALA A 1 53  ? 12.041  -3.364  19.667  1.00 9.37  ? 53  ALA A CB  1 
ATOM   437  N  N   . GLU A 1 54  ? 9.470   -5.009  18.841  1.00 7.96  ? 54  GLU A N   1 
ATOM   438  C  CA  . GLU A 1 54  ? 8.778   -6.287  18.604  1.00 8.30  ? 54  GLU A CA  1 
ATOM   439  C  C   . GLU A 1 54  ? 8.267   -6.396  17.184  1.00 8.56  ? 54  GLU A C   1 
ATOM   440  O  O   . GLU A 1 54  ? 8.443   -7.428  16.535  1.00 8.86  ? 54  GLU A O   1 
ATOM   441  C  CB  . GLU A 1 54  ? 7.615   -6.442  19.528  1.00 9.06  ? 54  GLU A CB  1 
ATOM   442  C  CG  . GLU A 1 54  ? 8.056   -6.611  20.972  1.00 13.00 ? 54  GLU A CG  1 
ATOM   443  C  CD  . GLU A 1 54  ? 6.906   -6.567  21.970  1.00 17.05 ? 54  GLU A CD  1 
ATOM   444  O  OE1 . GLU A 1 54  ? 5.786   -6.183  21.595  1.00 14.72 ? 54  GLU A OE1 1 
ATOM   445  O  OE2 . GLU A 1 54  ? 7.134   -6.863  23.187  1.00 19.28 ? 54  GLU A OE2 1 
ATOM   446  N  N   . MET A 1 55  ? 7.819   -5.287  16.622  1.00 7.86  ? 55  MET A N   1 
ATOM   447  C  CA  . MET A 1 55  ? 7.361   -5.325  15.241  1.00 7.38  ? 55  MET A CA  1 
ATOM   448  C  C   . MET A 1 55  ? 8.540   -5.619  14.307  1.00 8.07  ? 55  MET A C   1 
ATOM   449  O  O   . MET A 1 55  ? 8.401   -6.346  13.303  1.00 9.27  ? 55  MET A O   1 
ATOM   450  C  CB  . MET A 1 55  ? 6.698   -3.964  14.893  1.00 8.21  ? 55  MET A CB  1 
ATOM   451  C  CG  . MET A 1 55  ? 5.448   -3.731  15.716  1.00 7.37  ? 55  MET A CG  1 
ATOM   452  S  SD  . MET A 1 55  ? 4.727   -2.116  15.202  1.00 11.88 ? 55  MET A SD  1 
ATOM   453  C  CE  . MET A 1 55  ? 3.437   -1.961  16.371  1.00 11.36 ? 55  MET A CE  1 
ATOM   454  N  N   . LYS A 1 56  ? 9.656   -4.933  14.524  1.00 9.36  ? 56  LYS A N   1 
ATOM   455  C  CA  . LYS A 1 56  ? 10.827  -5.134  13.687  1.00 11.12 ? 56  LYS A CA  1 
ATOM   456  C  C   . LYS A 1 56  ? 11.386  -6.564  13.742  1.00 11.32 ? 56  LYS A C   1 
ATOM   457  O  O   . LYS A 1 56  ? 11.888  -7.055  12.742  1.00 11.40 ? 56  LYS A O   1 
ATOM   458  C  CB  . LYS A 1 56  ? 11.919  -4.140  14.060  1.00 14.28 ? 56  LYS A CB  1 
ATOM   459  C  CG  . LYS A 1 56  ? 11.517  -2.720  13.662  1.00 20.94 ? 56  LYS A CG  1 
ATOM   460  C  CD  . LYS A 1 56  ? 12.674  -1.736  13.526  1.00 25.67 ? 56  LYS A CD  1 
ATOM   461  C  CE  . LYS A 1 56  ? 12.117  -0.311  13.260  1.00 28.09 ? 56  LYS A CE  1 
ATOM   462  N  NZ  . LYS A 1 56  ? 12.893  0.443   12.218  1.00 31.73 ? 56  LYS A NZ  1 
ATOM   463  N  N   . ALA A 1 57  ? 11.126  -7.262  14.836  1.00 9.08  ? 57  ALA A N   1 
ATOM   464  C  CA  . ALA A 1 57  ? 11.659  -8.608  15.021  1.00 9.96  ? 57  ALA A CA  1 
ATOM   465  C  C   . ALA A 1 57  ? 10.735  -9.693  14.491  1.00 11.23 ? 57  ALA A C   1 
ATOM   466  O  O   . ALA A 1 57  ? 11.068  -10.866 14.551  1.00 11.81 ? 57  ALA A O   1 
ATOM   467  C  CB  . ALA A 1 57  ? 11.915  -8.833  16.496  1.00 9.44  ? 57  ALA A CB  1 
ATOM   468  N  N   . SER A 1 58  ? 9.508   -9.328  14.104  1.00 11.20 ? 58  SER A N   1 
ATOM   469  C  CA  . SER A 1 58  ? 8.505   -10.327 13.738  1.00 9.13  ? 58  SER A CA  1 
ATOM   470  C  C   . SER A 1 58  ? 8.720   -10.813 12.313  1.00 9.84  ? 58  SER A C   1 
ATOM   471  O  O   . SER A 1 58  ? 8.543   -10.047 11.367  1.00 11.73 ? 58  SER A O   1 
ATOM   472  C  CB  . SER A 1 58  ? 7.087   -9.732  13.882  1.00 9.31  ? 58  SER A CB  1 
ATOM   473  O  OG  . SER A 1 58  ? 6.154   -10.648 13.326  1.00 10.65 ? 58  SER A OG  1 
ATOM   474  N  N   . GLU A 1 59  ? 9.037   -12.097 12.118  1.00 9.31  ? 59  GLU A N   1 
ATOM   475  C  CA  . GLU A 1 59  ? 9.219   -12.598 10.746  1.00 9.45  ? 59  GLU A CA  1 
ATOM   476  C  C   . GLU A 1 59  ? 7.852   -12.663 10.057  1.00 9.13  ? 59  GLU A C   1 
ATOM   477  O  O   . GLU A 1 59  ? 7.753   -12.556 8.836   1.00 9.70  ? 59  GLU A O   1 
ATOM   478  C  CB  . GLU A 1 59  ? 9.851   -14.009 10.757  1.00 10.63 ? 59  GLU A CB  1 
ATOM   479  C  CG  . GLU A 1 59  ? 10.310  -14.474 9.337   1.00 12.54 ? 59  GLU A CG  1 
ATOM   480  C  CD  . GLU A 1 59  ? 11.501  -13.668 8.820   1.00 12.37 ? 59  GLU A CD  1 
ATOM   481  O  OE1 . GLU A 1 59  ? 12.071  -12.800 9.524   1.00 13.68 ? 59  GLU A OE1 1 
ATOM   482  O  OE2 . GLU A 1 59  ? 11.865  -13.887 7.657   1.00 15.40 ? 59  GLU A OE2 1 
ATOM   483  N  N   . ASP A 1 60  ? 6.809   -12.922 10.823  1.00 9.71  ? 60  ASP A N   1 
ATOM   484  C  CA  . ASP A 1 60  ? 5.477   -13.048 10.213  1.00 11.14 ? 60  ASP A CA  1 
ATOM   485  C  C   . ASP A 1 60  ? 5.067   -11.701 9.656   1.00 11.58 ? 60  ASP A C   1 
ATOM   486  O  O   . ASP A 1 60  ? 4.427   -11.648 8.606   1.00 13.56 ? 60  ASP A O   1 
ATOM   487  C  CB  . ASP A 1 60  ? 4.457   -13.493 11.235  1.00 12.10 ? 60  ASP A CB  1 
ATOM   488  C  CG  . ASP A 1 60  ? 3.188   -14.040 10.582  1.00 16.39 ? 60  ASP A CG  1 
ATOM   489  O  OD1 . ASP A 1 60  ? 3.270   -14.891 9.671   1.00 18.96 ? 60  ASP A OD1 1 
ATOM   490  O  OD2 . ASP A 1 60  ? 2.115   -13.657 11.023  1.00 17.57 ? 60  ASP A OD2 1 
ATOM   491  N  N   . LEU A 1 61  ? 5.262   -10.632 10.423  1.00 10.28 ? 61  LEU A N   1 
ATOM   492  C  CA  . LEU A 1 61  ? 5.007   -9.260  9.929   1.00 9.49  ? 61  LEU A CA  1 
ATOM   493  C  C   . LEU A 1 61  ? 5.803   -8.950  8.643   1.00 9.73  ? 61  LEU A C   1 
ATOM   494  O  O   . LEU A 1 61  ? 5.243   -8.539  7.626   1.00 9.12  ? 61  LEU A O   1 
ATOM   495  C  CB  . LEU A 1 61  ? 5.357   -8.241  11.029  1.00 10.10 ? 61  LEU A CB  1 
ATOM   496  C  CG  . LEU A 1 61  ? 5.117   -6.745  10.730  1.00 12.19 ? 61  LEU A CG  1 
ATOM   497  C  CD1 . LEU A 1 61  ? 3.841   -6.664  9.926   1.00 17.46 ? 61  LEU A CD1 1 
ATOM   498  C  CD2 . LEU A 1 61  ? 4.916   -5.934  12.005  1.00 10.72 ? 61  LEU A CD2 1 
ATOM   499  N  N   . LYS A 1 62  ? 7.083   -9.317  8.618   1.00 9.29  ? 62  LYS A N   1 
ATOM   500  C  CA  . LYS A 1 62  ? 7.913   -9.081  7.434   1.00 9.70  ? 62  LYS A CA  1 
ATOM   501  C  C   . LYS A 1 62  ? 7.355   -9.843  6.259   1.00 10.01 ? 62  LYS A C   1 
ATOM   502  O  O   . LYS A 1 62  ? 7.284   -9.328  5.147   1.00 10.72 ? 62  LYS A O   1 
ATOM   503  C  CB  . LYS A 1 62  ? 9.372   -9.538  7.728   1.00 11.79 ? 62  LYS A CB  1 
ATOM   504  C  CG  . LYS A 1 62  ? 10.313  -9.454  6.552   1.00 15.78 ? 62  LYS A CG  1 
ATOM   505  C  CD  . LYS A 1 62  ? 11.780  -9.546  7.099   1.00 16.88 ? 62  LYS A CD  1 
ATOM   506  C  CE  . LYS A 1 62  ? 12.802  -9.656  5.986   1.00 20.05 ? 62  LYS A CE  1 
ATOM   507  N  NZ  . LYS A 1 62  ? 14.194  -9.892  6.549   1.00 21.94 ? 62  LYS A NZ  1 
ATOM   508  N  N   . LYS A 1 63  ? 6.914   -11.066 6.493   1.00 9.69  ? 63  LYS A N   1 
ATOM   509  C  CA  . LYS A 1 63  ? 6.357   -11.887 5.402   1.00 11.98 ? 63  LYS A CA  1 
ATOM   510  C  C   . LYS A 1 63  ? 5.096   -11.274 4.826   1.00 11.61 ? 63  LYS A C   1 
ATOM   511  O  O   . LYS A 1 63  ? 4.890   -11.300 3.626   1.00 12.53 ? 63  LYS A O   1 
ATOM   512  C  CB  . LYS A 1 63  ? 6.013   -13.293 5.916   1.00 15.03 ? 63  LYS A CB  1 
ATOM   513  C  CG  . LYS A 1 63  ? 6.954   -14.372 5.462   1.00 19.31 ? 63  LYS A CG  1 
ATOM   514  C  CD  . LYS A 1 63  ? 6.770   -15.628 6.368   1.00 23.10 ? 63  LYS A CD  1 
ATOM   515  C  CE  . LYS A 1 63  ? 5.454   -16.357 6.055   1.00 24.52 ? 63  LYS A CE  1 
ATOM   516  N  NZ  . LYS A 1 63  ? 5.316   -17.569 6.920   1.00 25.77 ? 63  LYS A NZ  1 
ATOM   517  N  N   . HIS A 1 64  ? 4.269   -10.689 5.689   1.00 11.46 ? 64  HIS A N   1 
ATOM   518  C  CA  . HIS A 1 64  ? 3.028   -10.052 5.239   1.00 11.83 ? 64  HIS A CA  1 
ATOM   519  C  C   . HIS A 1 64  ? 3.255   -8.739  4.544   1.00 11.58 ? 64  HIS A C   1 
ATOM   520  O  O   . HIS A 1 64  ? 2.523   -8.414  3.610   1.00 13.22 ? 64  HIS A O   1 
ATOM   521  C  CB  . HIS A 1 64  ? 2.071   -9.890  6.413   1.00 13.42 ? 64  HIS A CB  1 
ATOM   522  C  CG  . HIS A 1 64  ? 1.468   -11.198 6.856   0.53 15.51 ? 64  HIS A CG  1 
ATOM   523  N  ND1 . HIS A 1 64  ? 2.218   -12.227 7.376   0.53 15.52 ? 64  HIS A ND1 1 
ATOM   524  C  CD2 . HIS A 1 64  ? 0.216   -11.701 6.698   0.53 16.73 ? 64  HIS A CD2 1 
ATOM   525  C  CE1 . HIS A 1 64  ? 1.385   -13.295 7.479   0.53 16.19 ? 64  HIS A CE1 1 
ATOM   526  N  NE2 . HIS A 1 64  ? 0.174   -12.972 7.073   0.53 17.20 ? 64  HIS A NE2 1 
ATOM   527  N  N   . GLY A 1 65  ? 4.337   -8.039  4.890   1.00 10.00 ? 65  GLY A N   1 
ATOM   528  C  CA  . GLY A 1 65  ? 4.784   -6.894  4.106   1.00 8.75  ? 65  GLY A CA  1 
ATOM   529  C  C   . GLY A 1 65  ? 5.208   -7.220  2.688   1.00 8.70  ? 65  GLY A C   1 
ATOM   530  O  O   . GLY A 1 65  ? 4.849   -6.517  1.745   1.00 8.74  ? 65  GLY A O   1 
ATOM   531  N  N   . VAL A 1 66  ? 5.863   -8.355  2.474   1.00 7.58  ? 66  VAL A N   1 
ATOM   532  C  CA  . VAL A 1 66  ? 6.123   -8.817  1.103   1.00 8.12  ? 66  VAL A CA  1 
ATOM   533  C  C   . VAL A 1 66  ? 4.821   -9.118  0.355   1.00 9.15  ? 66  VAL A C   1 
ATOM   534  O  O   . VAL A 1 66  ? 4.699   -8.737  -0.814  1.00 9.75  ? 66  VAL A O   1 
ATOM   535  C  CB  . VAL A 1 66  ? 7.047   -10.071 1.089   1.00 9.11  ? 66  VAL A CB  1 
ATOM   536  C  CG1 . VAL A 1 66  ? 7.215   -10.624 -0.301  1.00 9.65  ? 66  VAL A CG1 1 
ATOM   537  C  CG2 . VAL A 1 66  ? 8.393   -9.690  1.717   1.00 9.03  ? 66  VAL A CG2 1 
ATOM   538  N  N   . THR A 1 67  ? 3.836   -9.719  1.028   1.00 10.02 ? 67  THR A N   1 
ATOM   539  C  CA  . THR A 1 67  ? 2.538   -10.029 0.403   1.00 12.05 ? 67  THR A CA  1 
ATOM   540  C  C   . THR A 1 67  ? 1.875   -8.784  -0.118  1.00 11.07 ? 67  THR A C   1 
ATOM   541  O  O   . THR A 1 67  ? 1.528   -8.715  -1.300  1.00 11.86 ? 67  THR A O   1 
ATOM   542  C  CB  . THR A 1 67  ? 1.568   -10.743 1.384   1.00 13.92 ? 67  THR A CB  1 
ATOM   543  O  OG1 . THR A 1 67  ? 2.068   -12.075 1.644   1.00 16.27 ? 67  THR A OG1 1 
ATOM   544  C  CG2 . THR A 1 67  ? 0.145   -10.874 0.761   1.00 15.20 ? 67  THR A CG2 1 
ATOM   545  N  N   . VAL A 1 68  ? 1.833   -7.754  0.715   1.00 9.34  ? 68  VAL A N   1 
ATOM   546  C  CA  . VAL A 1 68  ? 1.199   -6.478  0.355   1.00 9.46  ? 68  VAL A CA  1 
ATOM   547  C  C   . VAL A 1 68  ? 1.908   -5.755  -0.800  1.00 9.85  ? 68  VAL A C   1 
ATOM   548  O  O   . VAL A 1 68  ? 1.291   -5.335  -1.781  1.00 8.39  ? 68  VAL A O   1 
ATOM   549  C  CB  . VAL A 1 68  ? 1.166   -5.546  1.559   1.00 10.10 ? 68  VAL A CB  1 
ATOM   550  C  CG1 . VAL A 1 68  ? 0.616   -4.216  1.176   1.00 12.56 ? 68  VAL A CG1 1 
ATOM   551  C  CG2 . VAL A 1 68  ? 0.376   -6.163  2.649   1.00 12.79 ? 68  VAL A CG2 1 
ATOM   552  N  N   . LEU A 1 69  ? 3.237   -5.654  -0.745  1.00 8.78  ? 69  LEU A N   1 
ATOM   553  C  CA  . LEU A 1 69  ? 3.929   -4.938  -1.803  1.00 7.28  ? 69  LEU A CA  1 
ATOM   554  C  C   . LEU A 1 69  ? 3.972   -5.690  -3.090  1.00 7.19  ? 69  LEU A C   1 
ATOM   555  O  O   . LEU A 1 69  ? 4.039   -5.096  -4.155  1.00 10.58 ? 69  LEU A O   1 
ATOM   556  C  CB  . LEU A 1 69  ? 5.329   -4.553  -1.383  1.00 6.38  ? 69  LEU A CB  1 
ATOM   557  C  CG  . LEU A 1 69  ? 5.319   -3.576  -0.207  1.00 8.34  ? 69  LEU A CG  1 
ATOM   558  C  CD1 . LEU A 1 69  ? 6.780   -3.138  0.063   1.00 11.00 ? 69  LEU A CD1 1 
ATOM   559  C  CD2 . LEU A 1 69  ? 4.459   -2.347  -0.434  1.00 10.90 ? 69  LEU A CD2 1 
ATOM   560  N  N   . THR A 1 70  ? 3.969   -7.005  -3.025  1.00 7.71  ? 70  THR A N   1 
ATOM   561  C  CA  . THR A 1 70  ? 3.950   -7.815  -4.255  1.00 8.72  ? 70  THR A CA  1 
ATOM   562  C  C   . THR A 1 70  ? 2.620   -7.636  -5.016  1.00 8.25  ? 70  THR A C   1 
ATOM   563  O  O   . THR A 1 70  ? 2.624   -7.555  -6.266  1.00 9.33  ? 70  THR A O   1 
ATOM   564  C  CB  . THR A 1 70  ? 4.095   -9.286  -3.884  1.00 10.47 ? 70  THR A CB  1 
ATOM   565  O  OG1 . THR A 1 70  ? 5.412   -9.455  -3.322  1.00 15.19 ? 70  THR A OG1 1 
ATOM   566  C  CG2 . THR A 1 70  ? 3.933   -10.138 -5.092  1.00 13.69 ? 70  THR A CG2 1 
ATOM   567  N  N   . ALA A 1 71  ? 1.532   -7.523  -4.262  1.00 7.65  ? 71  ALA A N   1 
ATOM   568  C  CA  . ALA A 1 71  ? 0.163   -7.368  -4.883  1.00 6.89  ? 71  ALA A CA  1 
ATOM   569  C  C   . ALA A 1 71  ? 0.057   -5.944  -5.374  1.00 7.68  ? 71  ALA A C   1 
ATOM   570  O  O   . ALA A 1 71  ? -0.452  -5.693  -6.446  1.00 8.76  ? 71  ALA A O   1 
ATOM   571  C  CB  . ALA A 1 71  ? -0.893  -7.621  -3.850  1.00 5.24  ? 71  ALA A CB  1 
ATOM   572  N  N   . LEU A 1 72  ? 0.597   -4.981  -4.643  1.00 7.84  ? 72  LEU A N   1 
ATOM   573  C  CA  . LEU A 1 72  ? 0.525   -3.597  -5.152  1.00 7.54  ? 72  LEU A CA  1 
ATOM   574  C  C   . LEU A 1 72  ? 1.376   -3.435  -6.382  1.00 8.01  ? 72  LEU A C   1 
ATOM   575  O  O   . LEU A 1 72  ? 0.995   -2.763  -7.349  1.00 9.28  ? 72  LEU A O   1 
ATOM   576  C  CB  . LEU A 1 72  ? 0.970   -2.630  -4.078  1.00 7.34  ? 72  LEU A CB  1 
ATOM   577  C  CG  . LEU A 1 72  ? 0.874   -1.127  -4.384  1.00 9.76  ? 72  LEU A CG  1 
ATOM   578  C  CD1 . LEU A 1 72  ? -0.581  -0.730  -4.655  1.00 10.81 ? 72  LEU A CD1 1 
ATOM   579  C  CD2 . LEU A 1 72  ? 1.239   -0.365  -3.090  1.00 10.78 ? 72  LEU A CD2 1 
ATOM   580  N  N   . GLY A 1 73  ? 2.573   -4.014  -6.379  1.00 7.81  ? 73  GLY A N   1 
ATOM   581  C  CA  . GLY A 1 73  ? 3.413   -3.869  -7.541  1.00 7.65  ? 73  GLY A CA  1 
ATOM   582  C  C   . GLY A 1 73  ? 2.727   -4.445  -8.757  1.00 9.81  ? 73  GLY A C   1 
ATOM   583  O  O   . GLY A 1 73  ? 2.885   -3.904  -9.851  1.00 11.50 ? 73  GLY A O   1 
ATOM   584  N  N   . ALA A 1 74  ? 2.053   -5.589  -8.623  1.00 9.06  ? 74  ALA A N   1 
ATOM   585  C  CA  . ALA A 1 74  ? 1.378   -6.191  -9.774  1.00 9.66  ? 74  ALA A CA  1 
ATOM   586  C  C   . ALA A 1 74  ? 0.309   -5.233  -10.297 1.00 10.77 ? 74  ALA A C   1 
ATOM   587  O  O   . ALA A 1 74  ? 0.122   -5.132  -11.499 1.00 11.92 ? 74  ALA A O   1 
ATOM   588  C  CB  . ALA A 1 74  ? 0.736   -7.494  -9.377  1.00 10.80 ? 74  ALA A CB  1 
ATOM   589  N  N   . ILE A 1 75  ? -0.319  -4.476  -9.408  1.00 9.42  ? 75  ILE A N   1 
ATOM   590  C  CA  . ILE A 1 75  ? -1.363  -3.521  -9.861  1.00 10.15 ? 75  ILE A CA  1 
ATOM   591  C  C   . ILE A 1 75  ? -0.747  -2.329  -10.580 1.00 10.30 ? 75  ILE A C   1 
ATOM   592  O  O   . ILE A 1 75  ? -1.118  -1.993  -11.696 1.00 9.78  ? 75  ILE A O   1 
ATOM   593  C  CB  . ILE A 1 75  ? -2.216  -3.053  -8.658  1.00 10.76 ? 75  ILE A CB  1 
ATOM   594  C  CG1 . ILE A 1 75  ? -3.133  -4.180  -8.164  1.00 8.21  ? 75  ILE A CG1 1 
ATOM   595  C  CG2 . ILE A 1 75  ? -3.009  -1.805  -9.004  1.00 11.12 ? 75  ILE A CG2 1 
ATOM   596  C  CD1 . ILE A 1 75  ? -3.535  -3.941  -6.726  1.00 9.94  ? 75  ILE A CD1 1 
ATOM   597  N  N   . LEU A 1 76  ? 0.301   -1.761  -9.995  1.00 10.23 ? 76  LEU A N   1 
ATOM   598  C  CA  . LEU A 1 76  ? 0.984   -0.631  -10.588 1.00 10.42 ? 76  LEU A CA  1 
ATOM   599  C  C   . LEU A 1 76  ? 1.491   -0.916  -11.988 1.00 11.42 ? 76  LEU A C   1 
ATOM   600  O  O   . LEU A 1 76  ? 1.434   -0.048  -12.856 1.00 11.64 ? 76  LEU A O   1 
ATOM   601  C  CB  . LEU A 1 76  ? 2.161   -0.173  -9.682  1.00 9.44  ? 76  LEU A CB  1 
ATOM   602  C  CG  . LEU A 1 76  ? 1.774   0.417   -8.326  1.00 10.68 ? 76  LEU A CG  1 
ATOM   603  C  CD1 . LEU A 1 76  ? 3.076   0.958   -7.696  1.00 12.15 ? 76  LEU A CD1 1 
ATOM   604  C  CD2 . LEU A 1 76  ? 0.794   1.579   -8.425  1.00 11.31 ? 76  LEU A CD2 1 
ATOM   605  N  N   . LYS A 1 77  ? 1.970   -2.133  -12.232 1.00 11.74 ? 77  LYS A N   1 
ATOM   606  C  CA  . LYS A 1 77  ? 2.611   -2.420  -13.517 1.00 11.26 ? 77  LYS A CA  1 
ATOM   607  C  C   . LYS A 1 77  ? 1.551   -2.564  -14.578 1.00 11.67 ? 77  LYS A C   1 
ATOM   608  O  O   . LYS A 1 77  ? 1.882   -2.680  -15.769 1.00 10.87 ? 77  LYS A O   1 
ATOM   609  C  CB  . LYS A 1 77  ? 3.443   -3.700  -13.431 1.00 11.89 ? 77  LYS A CB  1 
ATOM   610  C  CG  . LYS A 1 77  ? 4.760   -3.464  -12.733 1.00 12.49 ? 77  LYS A CG  1 
ATOM   611  C  CD  . LYS A 1 77  ? 5.359   -4.770  -12.260 1.00 15.18 ? 77  LYS A CD  1 
ATOM   612  C  CE  . LYS A 1 77  ? 6.659   -4.498  -11.488 1.00 16.57 ? 77  LYS A CE  1 
ATOM   613  N  NZ  . LYS A 1 77  ? 7.359   -5.797  -11.178 1.00 16.18 ? 77  LYS A NZ  1 
ATOM   614  N  N   . LYS A 1 78  ? 0.283   -2.601  -14.155 1.00 11.94 ? 78  LYS A N   1 
ATOM   615  C  CA  . LYS A 1 78  ? -0.823  -2.642  -15.115 1.00 13.58 ? 78  LYS A CA  1 
ATOM   616  C  C   . LYS A 1 78  ? -1.188  -1.260  -15.572 1.00 13.99 ? 78  LYS A C   1 
ATOM   617  O  O   . LYS A 1 78  ? -2.082  -1.108  -16.421 1.00 14.96 ? 78  LYS A O   1 
ATOM   618  C  CB  . LYS A 1 78  ? -2.067  -3.251  -14.497 1.00 16.44 ? 78  LYS A CB  1 
ATOM   619  C  CG  . LYS A 1 78  ? -1.972  -4.691  -14.207 1.00 19.66 ? 78  LYS A CG  1 
ATOM   620  C  CD  . LYS A 1 78  ? -1.750  -5.448  -15.421 1.00 22.23 ? 78  LYS A CD  1 
ATOM   621  C  CE  . LYS A 1 78  ? -1.305  -6.803  -14.962 1.00 27.10 ? 78  LYS A CE  1 
ATOM   622  N  NZ  . LYS A 1 78  ? -1.908  -7.833  -15.821 1.00 30.29 ? 78  LYS A NZ  1 
ATOM   623  N  N   . LYS A 1 79  ? -0.648  -0.253  -14.900 1.00 13.06 ? 79  LYS A N   1 
ATOM   624  C  CA  . LYS A 1 79  ? -0.843  1.135   -15.324 1.00 13.85 ? 79  LYS A CA  1 
ATOM   625  C  C   . LYS A 1 79  ? -2.326  1.446   -15.522 1.00 16.24 ? 79  LYS A C   1 
ATOM   626  O  O   . LYS A 1 79  ? -2.754  1.959   -16.557 1.00 16.69 ? 79  LYS A O   1 
ATOM   627  C  CB  . LYS A 1 79  ? -0.066  1.402   -16.604 1.00 13.53 ? 79  LYS A CB  1 
ATOM   628  C  CG  . LYS A 1 79  ? 1.460   1.296   -16.403 1.00 14.62 ? 79  LYS A CG  1 
ATOM   629  C  CD  . LYS A 1 79  ? 2.199   1.067   -17.721 1.00 15.82 ? 79  LYS A CD  1 
ATOM   630  C  CE  . LYS A 1 79  ? 2.300   2.301   -18.522 1.00 15.86 ? 79  LYS A CE  1 
ATOM   631  N  NZ  . LYS A 1 79  ? 2.963   2.038   -19.853 1.00 16.31 ? 79  LYS A NZ  1 
ATOM   632  N  N   . GLY A 1 80  ? -3.121  1.253   -14.500 1.00 16.29 ? 80  GLY A N   1 
ATOM   633  C  CA  . GLY A 1 80  ? -4.504  1.659   -14.717 1.00 21.40 ? 80  GLY A CA  1 
ATOM   634  C  C   . GLY A 1 80  ? -5.333  0.814   -15.694 1.00 22.85 ? 80  GLY A C   1 
ATOM   635  O  O   . GLY A 1 80  ? -6.461  1.200   -15.997 1.00 25.84 ? 80  GLY A O   1 
ATOM   636  N  N   . HIS A 1 81  ? -4.821  -0.325  -16.164 1.00 21.02 ? 81  HIS A N   1 
ATOM   637  C  CA  . HIS A 1 81  ? -5.689  -1.395  -16.618 1.00 20.76 ? 81  HIS A CA  1 
ATOM   638  C  C   . HIS A 1 81  ? -5.604  -2.507  -15.601 1.00 18.76 ? 81  HIS A C   1 
ATOM   639  O  O   . HIS A 1 81  ? -5.176  -3.602  -15.925 1.00 18.23 ? 81  HIS A O   1 
ATOM   640  C  CB  . HIS A 1 81  ? -5.242  -1.921  -17.988 1.00 23.42 ? 81  HIS A CB  1 
ATOM   641  C  CG  . HIS A 1 81  ? -5.315  -0.894  -19.071 1.00 28.49 ? 81  HIS A CG  1 
ATOM   642  N  ND1 . HIS A 1 81  ? -4.210  -0.205  -19.516 1.00 30.82 ? 81  HIS A ND1 1 
ATOM   643  C  CD2 . HIS A 1 81  ? -6.378  -0.354  -19.731 1.00 29.42 ? 81  HIS A CD2 1 
ATOM   644  C  CE1 . HIS A 1 81  ? -4.666  0.720   -20.419 1.00 30.65 ? 81  HIS A CE1 1 
ATOM   645  N  NE2 . HIS A 1 81  ? -5.978  0.621   -20.541 1.00 32.04 ? 81  HIS A NE2 1 
ATOM   646  N  N   . HIS A 1 82  ? -6.075  -2.271  -14.390 1.00 17.06 ? 82  HIS A N   1 
ATOM   647  C  CA  . HIS A 1 82  ? -5.792  -3.211  -13.321 1.00 16.24 ? 82  HIS A CA  1 
ATOM   648  C  C   . HIS A 1 82  ? -7.024  -3.913  -12.784 1.00 17.79 ? 82  HIS A C   1 
ATOM   649  O  O   . HIS A 1 82  ? -7.020  -4.452  -11.677 1.00 17.88 ? 82  HIS A O   1 
ATOM   650  C  CB  . HIS A 1 82  ? -5.067  -2.481  -12.196 1.00 15.17 ? 82  HIS A CB  1 
ATOM   651  C  CG  . HIS A 1 82  ? -5.729  -1.201  -11.778 1.00 14.70 ? 82  HIS A CG  1 
ATOM   652  N  ND1 . HIS A 1 82  ? -5.004  -0.081  -11.432 1.00 13.65 ? 82  HIS A ND1 1 
ATOM   653  C  CD2 . HIS A 1 82  ? -7.039  -0.873  -11.586 1.00 14.73 ? 82  HIS A CD2 1 
ATOM   654  C  CE1 . HIS A 1 82  ? -5.914  0.854   -11.040 1.00 15.74 ? 82  HIS A CE1 1 
ATOM   655  N  NE2 . HIS A 1 82  ? -7.148  0.379   -11.147 1.00 14.22 ? 82  HIS A NE2 1 
ATOM   656  N  N   . GLU A 1 83  ? -8.060  -4.007  -13.606 1.00 19.46 ? 83  GLU A N   1 
ATOM   657  C  CA  . GLU A 1 83  ? -9.343  -4.538  -13.167 1.00 21.55 ? 83  GLU A CA  1 
ATOM   658  C  C   . GLU A 1 83  ? -9.256  -5.983  -12.617 1.00 22.15 ? 83  GLU A C   1 
ATOM   659  O  O   . GLU A 1 83  ? -9.826  -6.306  -11.562 1.00 22.22 ? 83  GLU A O   1 
ATOM   660  C  CB  . GLU A 1 83  ? -10.320 -4.473  -14.349 1.00 24.62 ? 83  GLU A CB  1 
ATOM   661  C  CG  . GLU A 1 83  ? -10.373 -3.085  -15.026 1.00 30.04 ? 83  GLU A CG  1 
ATOM   662  C  CD  . GLU A 1 83  ? -9.471  -2.903  -16.278 1.00 32.47 ? 83  GLU A CD  1 
ATOM   663  O  OE1 . GLU A 1 83  ? -8.539  -3.700  -16.554 1.00 33.63 ? 83  GLU A OE1 1 
ATOM   664  O  OE2 . GLU A 1 83  ? -9.715  -1.914  -16.998 1.00 35.00 ? 83  GLU A OE2 1 
ATOM   665  N  N   . ALA A 1 84  ? -8.584  -6.866  -13.344 1.00 22.22 ? 84  ALA A N   1 
ATOM   666  C  CA  . ALA A 1 84  ? -8.503  -8.265  -12.929 1.00 22.16 ? 84  ALA A CA  1 
ATOM   667  C  C   . ALA A 1 84  ? -7.790  -8.408  -11.586 1.00 22.08 ? 84  ALA A C   1 
ATOM   668  O  O   . ALA A 1 84  ? -8.121  -9.289  -10.781 1.00 21.45 ? 84  ALA A O   1 
ATOM   669  C  CB  . ALA A 1 84  ? -7.760  -9.078  -13.986 1.00 23.25 ? 84  ALA A CB  1 
ATOM   670  N  N   . GLU A 1 85  ? -6.749  -7.597  -11.386 1.00 21.92 ? 85  GLU A N   1 
ATOM   671  C  CA  . GLU A 1 85  ? -5.963  -7.623  -10.151 1.00 22.07 ? 85  GLU A CA  1 
ATOM   672  C  C   . GLU A 1 85  ? -6.707  -6.975  -8.990  1.00 21.49 ? 85  GLU A C   1 
ATOM   673  O  O   . GLU A 1 85  ? -6.667  -7.461  -7.869  1.00 21.11 ? 85  GLU A O   1 
ATOM   674  C  CB  . GLU A 1 85  ? -4.629  -6.911  -10.359 1.00 24.26 ? 85  GLU A CB  1 
ATOM   675  C  CG  . GLU A 1 85  ? -3.637  -7.660  -11.228 1.00 27.39 ? 85  GLU A CG  1 
ATOM   676  C  CD  . GLU A 1 85  ? -3.926  -7.564  -12.719 1.00 31.12 ? 85  GLU A CD  1 
ATOM   677  O  OE1 . GLU A 1 85  ? -4.830  -6.804  -13.147 1.00 30.86 ? 85  GLU A OE1 1 
ATOM   678  O  OE2 . GLU A 1 85  ? -3.241  -8.277  -13.490 1.00 33.95 ? 85  GLU A OE2 1 
ATOM   679  N  N   . LEU A 1 86  ? -7.454  -5.914  -9.263  1.00 20.05 ? 86  LEU A N   1 
ATOM   680  C  CA  . LEU A 1 86  ? -8.017  -5.148  -8.182  1.00 19.22 ? 86  LEU A CA  1 
ATOM   681  C  C   . LEU A 1 86  ? -9.262  -5.813  -7.620  1.00 19.56 ? 86  LEU A C   1 
ATOM   682  O  O   . LEU A 1 86  ? -9.481  -5.824  -6.419  1.00 18.35 ? 86  LEU A O   1 
ATOM   683  C  CB  . LEU A 1 86  ? -8.302  -3.735  -8.686  1.00 18.70 ? 86  LEU A CB  1 
ATOM   684  C  CG  . LEU A 1 86  ? -8.623  -2.700  -7.654  1.00 19.56 ? 86  LEU A CG  1 
ATOM   685  C  CD1 . LEU A 1 86  ? -8.077  -1.376  -8.063  1.00 18.84 ? 86  LEU A CD1 1 
ATOM   686  C  CD2 . LEU A 1 86  ? -10.134 -2.637  -7.547  1.00 21.47 ? 86  LEU A CD2 1 
ATOM   687  N  N   . LYS A 1 87  ? -10.026 -6.499  -8.461  1.00 19.50 ? 87  LYS A N   1 
ATOM   688  C  CA  . LYS A 1 87  ? -11.345 -6.946  -8.034  1.00 20.12 ? 87  LYS A CA  1 
ATOM   689  C  C   . LYS A 1 87  ? -11.285 -7.969  -6.920  1.00 18.51 ? 87  LYS A C   1 
ATOM   690  O  O   . LYS A 1 87  ? -12.020 -7.869  -5.934  1.00 19.67 ? 87  LYS A O   1 
ATOM   691  C  CB  . LYS A 1 87  ? -12.117 -7.509  -9.220  1.00 22.79 ? 87  LYS A CB  1 
ATOM   692  C  CG  . LYS A 1 87  ? -13.563 -7.671  -8.988  1.00 27.18 ? 87  LYS A CG  1 
ATOM   693  C  CD  . LYS A 1 87  ? -14.087 -8.651  -10.015 1.00 30.83 ? 87  LYS A CD  1 
ATOM   694  C  CE  . LYS A 1 87  ? -15.421 -9.220  -9.564  1.00 32.11 ? 87  LYS A CE  1 
ATOM   695  N  NZ  . LYS A 1 87  ? -16.091 -9.927  -10.689 1.00 34.70 ? 87  LYS A NZ  1 
ATOM   696  N  N   . PRO A 1 88  ? -10.352 -8.926  -6.994  1.00 17.70 ? 88  PRO A N   1 
ATOM   697  C  CA  . PRO A 1 88  ? -10.304 -9.896  -5.893  1.00 15.83 ? 88  PRO A CA  1 
ATOM   698  C  C   . PRO A 1 88  ? -9.849  -9.245  -4.603  1.00 15.16 ? 88  PRO A C   1 
ATOM   699  O  O   . PRO A 1 88  ? -10.212 -9.652  -3.481  1.00 15.55 ? 88  PRO A O   1 
ATOM   700  C  CB  . PRO A 1 88  ? -9.304  -10.924 -6.378  1.00 16.86 ? 88  PRO A CB  1 
ATOM   701  C  CG  . PRO A 1 88  ? -9.299  -10.808 -7.825  1.00 16.31 ? 88  PRO A CG  1 
ATOM   702  C  CD  . PRO A 1 88  ? -9.601  -9.384  -8.166  1.00 17.57 ? 88  PRO A CD  1 
ATOM   703  N  N   . LEU A 1 89  ? -8.986  -8.261  -4.748  1.00 14.50 ? 89  LEU A N   1 
ATOM   704  C  CA  . LEU A 1 89  ? -8.505  -7.531  -3.597  1.00 15.39 ? 89  LEU A CA  1 
ATOM   705  C  C   . LEU A 1 89  ? -9.632  -6.720  -2.919  1.00 15.09 ? 89  LEU A C   1 
ATOM   706  O  O   . LEU A 1 89  ? -9.783  -6.736  -1.700  1.00 13.68 ? 89  LEU A O   1 
ATOM   707  C  CB  . LEU A 1 89  ? -7.355  -6.625  -4.041  1.00 18.07 ? 89  LEU A CB  1 
ATOM   708  C  CG  . LEU A 1 89  ? -6.335  -6.238  -2.989  1.00 21.42 ? 89  LEU A CG  1 
ATOM   709  C  CD1 . LEU A 1 89  ? -5.336  -5.248  -3.547  1.00 23.27 ? 89  LEU A CD1 1 
ATOM   710  C  CD2 . LEU A 1 89  ? -7.046  -5.598  -1.850  1.00 24.85 ? 89  LEU A CD2 1 
ATOM   711  N  N   . ALA A 1 90  ? -10.409 -5.987  -3.705  1.00 13.38 ? 90  ALA A N   1 
ATOM   712  C  CA  . ALA A 1 90  ? -11.480 -5.200  -3.113  1.00 13.72 ? 90  ALA A CA  1 
ATOM   713  C  C   . ALA A 1 90  ? -12.524 -6.082  -2.486  1.00 13.55 ? 90  ALA A C   1 
ATOM   714  O  O   . ALA A 1 90  ? -12.991 -5.789  -1.408  1.00 13.87 ? 90  ALA A O   1 
ATOM   715  C  CB  . ALA A 1 90  ? -12.116 -4.320  -4.154  1.00 14.02 ? 90  ALA A CB  1 
ATOM   716  N  N   . GLN A 1 91  ? -12.867 -7.199  -3.104  1.00 14.50 ? 91  GLN A N   1 
ATOM   717  C  CA  . GLN A 1 91  ? -13.823 -8.101  -2.469  1.00 16.67 ? 91  GLN A CA  1 
ATOM   718  C  C   . GLN A 1 91  ? -13.343 -8.675  -1.118  1.00 16.21 ? 91  GLN A C   1 
ATOM   719  O  O   . GLN A 1 91  ? -14.103 -8.686  -0.120  1.00 16.19 ? 91  GLN A O   1 
ATOM   720  C  CB  . GLN A 1 91  ? -14.188 -9.255  -3.409  1.00 20.30 ? 91  GLN A CB  1 
ATOM   721  C  CG  . GLN A 1 91  ? -14.661 -8.814  -4.769  1.00 24.25 ? 91  GLN A CG  1 
ATOM   722  C  CD  . GLN A 1 91  ? -15.016 -9.989  -5.716  1.00 28.64 ? 91  GLN A CD  1 
ATOM   723  O  OE1 . GLN A 1 91  ? -15.667 -9.781  -6.757  1.00 29.82 ? 91  GLN A OE1 1 
ATOM   724  N  NE2 . GLN A 1 91  ? -14.524 -11.202 -5.401  1.00 28.77 ? 91  GLN A NE2 1 
ATOM   725  N  N   . SER A 1 92  ? -12.082 -9.112  -1.017  1.00 14.50 ? 92  SER A N   1 
ATOM   726  C  CA  . SER A 1 92  ? -11.714 -9.689  0.244   1.00 12.87 ? 92  SER A CA  1 
ATOM   727  C  C   . SER A 1 92  ? -11.591 -8.591  1.265   1.00 11.34 ? 92  SER A C   1 
ATOM   728  O  O   . SER A 1 92  ? -11.912 -8.806  2.429   1.00 14.33 ? 92  SER A O   1 
ATOM   729  C  CB  . SER A 1 92  ? -10.429 -10.500 0.139   1.00 14.68 ? 92  SER A CB  1 
ATOM   730  O  OG  . SER A 1 92  ? -9.324  -9.650  -0.100  1.00 17.44 ? 92  SER A OG  1 
ATOM   731  N  N   . HIS A 1 93  ? -11.085 -7.417  0.893   1.00 10.74 ? 93  HIS A N   1 
ATOM   732  C  CA  . HIS A 1 93  ? -10.890 -6.399  1.925   1.00 10.06 ? 93  HIS A CA  1 
ATOM   733  C  C   . HIS A 1 93  ? -12.183 -5.737  2.335   1.00 9.89  ? 93  HIS A C   1 
ATOM   734  O  O   . HIS A 1 93  ? -12.350 -5.407  3.477   1.00 10.48 ? 93  HIS A O   1 
ATOM   735  C  CB  . HIS A 1 93  ? -9.868  -5.337  1.502   1.00 10.22 ? 93  HIS A CB  1 
ATOM   736  C  CG  . HIS A 1 93  ? -8.455  -5.831  1.562   1.00 10.07 ? 93  HIS A CG  1 
ATOM   737  N  ND1 . HIS A 1 93  ? -7.984  -6.813  0.726   1.00 12.57 ? 93  HIS A ND1 1 
ATOM   738  C  CD2 . HIS A 1 93  ? -7.424  -5.525  2.399   1.00 11.81 ? 93  HIS A CD2 1 
ATOM   739  C  CE1 . HIS A 1 93  ? -6.679  -7.043  1.117   1.00 10.71 ? 93  HIS A CE1 1 
ATOM   740  N  NE2 . HIS A 1 93  ? -6.354  -6.263  2.109   1.00 7.83  ? 93  HIS A NE2 1 
ATOM   741  N  N   . ALA A 1 94  ? -13.175 -5.741  1.469   1.00 12.05 ? 94  ALA A N   1 
ATOM   742  C  CA  . ALA A 1 94  ? -14.490 -5.275  1.896   1.00 14.35 ? 94  ALA A CA  1 
ATOM   743  C  C   . ALA A 1 94  ? -15.196 -6.285  2.798   1.00 15.47 ? 94  ALA A C   1 
ATOM   744  O  O   . ALA A 1 94  ? -15.725 -5.916  3.862   1.00 16.32 ? 94  ALA A O   1 
ATOM   745  C  CB  . ALA A 1 94  ? -15.382 -4.979  0.654   1.00 13.17 ? 94  ALA A CB  1 
ATOM   746  N  N   . THR A 1 95  ? -15.371 -7.499  2.292   1.00 17.54 ? 95  THR A N   1 
ATOM   747  C  CA  . THR A 1 95  ? -16.287 -8.435  2.924   1.00 19.65 ? 95  THR A CA  1 
ATOM   748  C  C   . THR A 1 95  ? -15.660 -9.406  3.907   1.00 21.38 ? 95  THR A C   1 
ATOM   749  O  O   . THR A 1 95  ? -16.356 -9.920  4.798   1.00 22.68 ? 95  THR A O   1 
ATOM   750  C  CB  . THR A 1 95  ? -17.043 -9.217  1.878   1.00 21.32 ? 95  THR A CB  1 
ATOM   751  O  OG1 . THR A 1 95  ? -16.244 -10.307 1.415   1.00 25.19 ? 95  THR A OG1 1 
ATOM   752  C  CG2 . THR A 1 95  ? -17.345 -8.335  0.695   1.00 20.36 ? 95  THR A CG2 1 
ATOM   753  N  N   . LYS A 1 96  ? -14.385 -9.736  3.726   1.00 20.39 ? 96  LYS A N   1 
ATOM   754  C  CA  . LYS A 1 96  ? -13.725 -10.609 4.704   1.00 21.07 ? 96  LYS A CA  1 
ATOM   755  C  C   . LYS A 1 96  ? -12.947 -9.829  5.717   1.00 19.90 ? 96  LYS A C   1 
ATOM   756  O  O   . LYS A 1 96  ? -13.209 -9.912  6.917   1.00 21.64 ? 96  LYS A O   1 
ATOM   757  C  CB  . LYS A 1 96  ? -12.814 -11.644 4.028   1.00 22.66 ? 96  LYS A CB  1 
ATOM   758  C  CG  . LYS A 1 96  ? -12.485 -12.845 4.962   1.00 27.72 ? 96  LYS A CG  1 
ATOM   759  C  CD  . LYS A 1 96  ? -12.184 -14.136 4.182   1.00 31.12 ? 96  LYS A CD  1 
ATOM   760  C  CE  . LYS A 1 96  ? -10.975 -13.931 3.249   1.00 32.10 ? 96  LYS A CE  1 
ATOM   761  N  NZ  . LYS A 1 96  ? -10.822 -14.996 2.213   1.00 33.87 ? 96  LYS A NZ  1 
ATOM   762  N  N   . HIS A 1 97  ? -12.019 -9.007  5.265   1.00 18.21 ? 97  HIS A N   1 
ATOM   763  C  CA  . HIS A 1 97  ? -11.197 -8.259  6.216   1.00 16.55 ? 97  HIS A CA  1 
ATOM   764  C  C   . HIS A 1 97  ? -11.845 -7.035  6.865   1.00 17.19 ? 97  HIS A C   1 
ATOM   765  O  O   . HIS A 1 97  ? -11.438 -6.595  7.946   1.00 16.94 ? 97  HIS A O   1 
ATOM   766  C  CB  . HIS A 1 97  ? -9.893  -7.897  5.509   1.00 15.74 ? 97  HIS A CB  1 
ATOM   767  C  CG  . HIS A 1 97  ? -9.230  -9.086  4.892   1.00 14.82 ? 97  HIS A CG  1 
ATOM   768  N  ND1 . HIS A 1 97  ? -9.176  -10.302 5.531   1.00 14.46 ? 97  HIS A ND1 1 
ATOM   769  C  CD2 . HIS A 1 97  ? -8.729  -9.300  3.651   1.00 14.47 ? 97  HIS A CD2 1 
ATOM   770  C  CE1 . HIS A 1 97  ? -8.640  -11.172 4.639   1.00 14.09 ? 97  HIS A CE1 1 
ATOM   771  N  NE2 . HIS A 1 97  ? -8.363  -10.570 3.513   1.00 12.83 ? 97  HIS A NE2 1 
ATOM   772  N  N   . LYS A 1 98  ? -12.893 -6.505  6.245   1.00 16.40 ? 98  LYS A N   1 
ATOM   773  C  CA  . LYS A 1 98  ? -13.569 -5.341  6.783   1.00 17.51 ? 98  LYS A CA  1 
ATOM   774  C  C   . LYS A 1 98  ? -12.629 -4.158  6.942   1.00 15.41 ? 98  LYS A C   1 
ATOM   775  O  O   . LYS A 1 98  ? -12.634 -3.519  7.998   1.00 17.08 ? 98  LYS A O   1 
ATOM   776  C  CB  . LYS A 1 98  ? -14.164 -5.646  8.156   1.00 19.83 ? 98  LYS A CB  1 
ATOM   777  C  CG  . LYS A 1 98  ? -14.979 -6.936  8.204   1.00 25.74 ? 98  LYS A CG  1 
ATOM   778  C  CD  . LYS A 1 98  ? -16.284 -6.807  7.434   1.00 28.57 ? 98  LYS A CD  1 
ATOM   779  C  CE  . LYS A 1 98  ? -17.192 -7.955  7.814   1.00 30.48 ? 98  LYS A CE  1 
ATOM   780  N  NZ  . LYS A 1 98  ? -16.792 -9.188  7.058   1.00 33.42 ? 98  LYS A NZ  1 
ATOM   781  N  N   . ILE A 1 99  ? -11.991 -3.730  5.865   1.00 13.45 ? 99  ILE A N   1 
ATOM   782  C  CA  . ILE A 1 99  ? -11.065 -2.584  5.921   1.00 13.11 ? 99  ILE A CA  1 
ATOM   783  C  C   . ILE A 1 99  ? -11.739 -1.350  5.310   1.00 14.29 ? 99  ILE A C   1 
ATOM   784  O  O   . ILE A 1 99  ? -11.844 -1.275  4.080   1.00 16.60 ? 99  ILE A O   1 
ATOM   785  C  CB  . ILE A 1 99  ? -9.812  -2.880  5.080   1.00 11.95 ? 99  ILE A CB  1 
ATOM   786  C  CG1 . ILE A 1 99  ? -9.172  -4.221  5.510   1.00 13.55 ? 99  ILE A CG1 1 
ATOM   787  C  CG2 . ILE A 1 99  ? -8.867  -1.738  5.125   1.00 12.24 ? 99  ILE A CG2 1 
ATOM   788  C  CD1 . ILE A 1 99  ? -8.843  -4.300  6.973   1.00 12.88 ? 99  ILE A CD1 1 
ATOM   789  N  N   . PRO A 1 100 ? -11.958 -0.292  6.096   1.00 15.15 ? 100 PRO A N   1 
ATOM   790  C  CA  . PRO A 1 100 ? -12.555 0.904   5.500   1.00 15.82 ? 100 PRO A CA  1 
ATOM   791  C  C   . PRO A 1 100 ? -11.599 1.608   4.547   1.00 16.65 ? 100 PRO A C   1 
ATOM   792  O  O   . PRO A 1 100 ? -10.380 1.543   4.689   1.00 15.15 ? 100 PRO A O   1 
ATOM   793  C  CB  . PRO A 1 100 ? -12.907 1.779   6.690   1.00 17.24 ? 100 PRO A CB  1 
ATOM   794  C  CG  . PRO A 1 100 ? -12.112 1.247   7.794   1.00 17.44 ? 100 PRO A CG  1 
ATOM   795  C  CD  . PRO A 1 100 ? -11.919 -0.205  7.555   1.00 16.01 ? 100 PRO A CD  1 
ATOM   796  N  N   . ILE A 1 101 ? -12.155 2.332   3.585   1.00 14.48 ? 101 ILE A N   1 
ATOM   797  C  CA  . ILE A 1 101 ? -11.332 3.016   2.604   1.00 14.73 ? 101 ILE A CA  1 
ATOM   798  C  C   . ILE A 1 101 ? -10.342 3.933   3.253   1.00 12.78 ? 101 ILE A C   1 
ATOM   799  O  O   . ILE A 1 101 ? -9.266  4.154   2.707   1.00 13.16 ? 101 ILE A O   1 
ATOM   800  C  CB  . ILE A 1 101 ? -12.209 3.804   1.615   1.00 14.88 ? 101 ILE A CB  1 
ATOM   801  C  CG1 . ILE A 1 101 ? -13.006 2.806   0.769   1.00 15.97 ? 101 ILE A CG1 1 
ATOM   802  C  CG2 . ILE A 1 101 ? -11.326 4.577   0.648   1.00 17.64 ? 101 ILE A CG2 1 
ATOM   803  C  CD1 . ILE A 1 101 ? -12.107 2.018   -0.160  1.00 17.63 ? 101 ILE A CD1 1 
ATOM   804  N  N   . LYS A 1 102 ? -10.735 4.500   4.401   1.00 13.14 ? 102 LYS A N   1 
ATOM   805  C  CA  . LYS A 1 102 ? -9.922  5.451   5.124   1.00 13.06 ? 102 LYS A CA  1 
ATOM   806  C  C   . LYS A 1 102 ? -8.548  4.835   5.453   1.00 12.19 ? 102 LYS A C   1 
ATOM   807  O  O   . LYS A 1 102 ? -7.539  5.502   5.334   1.00 12.27 ? 102 LYS A O   1 
ATOM   808  C  CB  . LYS A 1 102 ? -10.601 5.863   6.427   1.00 14.05 ? 102 LYS A CB  1 
ATOM   809  C  CG  . LYS A 1 102 ? -9.864  6.964   7.158   1.00 16.32 ? 102 LYS A CG  1 
ATOM   810  C  CD  . LYS A 1 102 ? -9.917  8.250   6.315   1.00 20.86 ? 102 LYS A CD  1 
ATOM   811  C  CE  . LYS A 1 102 ? -9.211  9.460   6.901   1.00 21.65 ? 102 LYS A CE  1 
ATOM   812  N  NZ  . LYS A 1 102 ? -9.389  10.621  5.995   1.00 22.01 ? 102 LYS A NZ  1 
ATOM   813  N  N   . TYR A 1 103 ? -8.526  3.543   5.760   1.00 11.50 ? 103 TYR A N   1 
ATOM   814  C  CA  . TYR A 1 103 ? -7.274  2.849   6.102   1.00 9.07  ? 103 TYR A CA  1 
ATOM   815  C  C   . TYR A 1 103 ? -6.425  2.687   4.872   1.00 9.50  ? 103 TYR A C   1 
ATOM   816  O  O   . TYR A 1 103 ? -5.224  2.632   4.965   1.00 8.62  ? 103 TYR A O   1 
ATOM   817  C  CB  . TYR A 1 103 ? -7.554  1.456   6.662   1.00 9.61  ? 103 TYR A CB  1 
ATOM   818  C  CG  . TYR A 1 103 ? -8.165  1.413   8.056   1.00 10.71 ? 103 TYR A CG  1 
ATOM   819  C  CD1 . TYR A 1 103 ? -8.694  2.551   8.637   1.00 11.98 ? 103 TYR A CD1 1 
ATOM   820  C  CD2 . TYR A 1 103 ? -8.238  0.211   8.763   1.00 10.60 ? 103 TYR A CD2 1 
ATOM   821  C  CE1 . TYR A 1 103 ? -9.314  2.512   9.873   1.00 14.24 ? 103 TYR A CE1 1 
ATOM   822  C  CE2 . TYR A 1 103 ? -8.802  0.159   10.023  1.00 11.59 ? 103 TYR A CE2 1 
ATOM   823  C  CZ  . TYR A 1 103 ? -9.357  1.319   10.556  1.00 12.73 ? 103 TYR A CZ  1 
ATOM   824  O  OH  . TYR A 1 103 ? -9.949  1.306   11.800  1.00 17.19 ? 103 TYR A OH  1 
ATOM   825  N  N   . LEU A 1 104 ? -7.018  2.605   3.690   1.00 8.77  ? 104 LEU A N   1 
ATOM   826  C  CA  . LEU A 1 104 ? -6.204  2.601   2.469   1.00 8.89  ? 104 LEU A CA  1 
ATOM   827  C  C   . LEU A 1 104 ? -5.570  3.968   2.160   1.00 9.84  ? 104 LEU A C   1 
ATOM   828  O  O   . LEU A 1 104 ? -4.460  4.037   1.582   1.00 10.63 ? 104 LEU A O   1 
ATOM   829  C  CB  . LEU A 1 104 ? -6.999  2.112   1.250   1.00 10.52 ? 104 LEU A CB  1 
ATOM   830  C  CG  . LEU A 1 104 ? -7.574  0.698   1.337   1.00 14.41 ? 104 LEU A CG  1 
ATOM   831  C  CD1 . LEU A 1 104 ? -8.498  0.507   0.160   1.00 18.32 ? 104 LEU A CD1 1 
ATOM   832  C  CD2 . LEU A 1 104 ? -6.509  -0.366  1.222   1.00 17.13 ? 104 LEU A CD2 1 
ATOM   833  N  N   . GLU A 1 105 ? -6.207  5.043   2.627   1.00 9.05  ? 105 GLU A N   1 
ATOM   834  C  CA  . GLU A 1 105 ? -5.579  6.335   2.590   1.00 8.71  ? 105 GLU A CA  1 
ATOM   835  C  C   . GLU A 1 105 ? -4.370  6.334   3.557   1.00 9.06  ? 105 GLU A C   1 
ATOM   836  O  O   . GLU A 1 105 ? -3.304  6.859   3.240   1.00 8.76  ? 105 GLU A O   1 
ATOM   837  C  CB  . GLU A 1 105 ? -6.579  7.408   3.024   1.00 11.19 ? 105 GLU A CB  1 
ATOM   838  C  CG  . GLU A 1 105 ? -6.038  8.818   2.913   1.00 14.37 ? 105 GLU A CG  1 
ATOM   839  C  CD  . GLU A 1 105 ? -7.039  9.869   3.400   1.00 17.79 ? 105 GLU A CD  1 
ATOM   840  O  OE1 . GLU A 1 105 ? -8.079  9.531   4.003   1.00 19.45 ? 105 GLU A OE1 1 
ATOM   841  O  OE2 . GLU A 1 105 ? -6.718  11.068  3.311   1.00 21.08 ? 105 GLU A OE2 1 
ATOM   842  N  N   . PHE A 1 106 ? -4.543  5.763   4.735   1.00 7.64  ? 106 PHE A N   1 
ATOM   843  C  CA  . PHE A 1 106 ? -3.454  5.753   5.717   1.00 8.06  ? 106 PHE A CA  1 
ATOM   844  C  C   . PHE A 1 106 ? -2.254  5.016   5.170   1.00 7.23  ? 106 PHE A C   1 
ATOM   845  O  O   . PHE A 1 106 ? -1.129  5.516   5.257   1.00 9.15  ? 106 PHE A O   1 
ATOM   846  C  CB  . PHE A 1 106 ? -3.854  5.060   7.034   1.00 8.60  ? 106 PHE A CB  1 
ATOM   847  C  CG  . PHE A 1 106 ? -4.953  5.755   7.808   1.00 10.23 ? 106 PHE A CG  1 
ATOM   848  C  CD1 . PHE A 1 106 ? -5.197  7.122   7.647   1.00 11.58 ? 106 PHE A CD1 1 
ATOM   849  C  CD2 . PHE A 1 106 ? -5.724  5.027   8.710   1.00 11.00 ? 106 PHE A CD2 1 
ATOM   850  C  CE1 . PHE A 1 106 ? -6.222  7.741   8.356   1.00 13.94 ? 106 PHE A CE1 1 
ATOM   851  C  CE2 . PHE A 1 106 ? -6.739  5.633   9.423   1.00 13.96 ? 106 PHE A CE2 1 
ATOM   852  C  CZ  . PHE A 1 106 ? -6.995  6.994   9.230   1.00 13.96 ? 106 PHE A CZ  1 
ATOM   853  N  N   . ILE A 1 107 ? -2.471  3.838   4.603   1.00 6.41  ? 107 ILE A N   1 
ATOM   854  C  CA  . ILE A 1 107 ? -1.325  3.093   4.124   1.00 6.67  ? 107 ILE A CA  1 
ATOM   855  C  C   . ILE A 1 107 ? -0.682  3.738   2.904   1.00 8.17  ? 107 ILE A C   1 
ATOM   856  O  O   . ILE A 1 107 ? 0.558   3.683   2.733   1.00 7.88  ? 107 ILE A O   1 
ATOM   857  C  CB  . ILE A 1 107 ? -1.643  1.595   3.831   1.00 7.45  ? 107 ILE A CB  1 
ATOM   858  C  CG1 . ILE A 1 107 ? -0.283  0.812   3.783   1.00 7.92  ? 107 ILE A CG1 1 
ATOM   859  C  CG2 . ILE A 1 107 ? -2.382  1.413   2.468   1.00 7.42  ? 107 ILE A CG2 1 
ATOM   860  C  CD1 . ILE A 1 107 ? -0.458  -0.671  3.691   1.00 8.04  ? 107 ILE A CD1 1 
ATOM   861  N  N   . SER A 1 108 ? -1.480  4.451   2.095   1.00 6.15  ? 108 SER A N   1 
ATOM   862  C  CA  . SER A 1 108 ? -0.904  5.237   1.031   1.00 5.48  ? 108 SER A CA  1 
ATOM   863  C  C   . SER A 1 108 ? 0.088   6.254   1.542   1.00 5.00  ? 108 SER A C   1 
ATOM   864  O  O   . SER A 1 108 ? 1.064   6.502   0.883   1.00 6.19  ? 108 SER A O   1 
ATOM   865  C  CB  . SER A 1 108 ? -2.029  5.950   0.253   1.00 7.65  ? 108 SER A CB  1 
ATOM   866  O  OG  . SER A 1 108 ? -2.832  4.931   -0.359  1.00 9.30  ? 108 SER A OG  1 
ATOM   867  N  N   . GLU A 1 109 ? -0.276  6.968   2.600   1.00 6.42  ? 109 GLU A N   1 
ATOM   868  C  CA  . GLU A 1 109 ? 0.591   7.976   3.183   1.00 8.95  ? 109 GLU A CA  1 
ATOM   869  C  C   . GLU A 1 109 ? 1.856   7.355   3.773   1.00 8.57  ? 109 GLU A C   1 
ATOM   870  O  O   . GLU A 1 109 ? 2.922   7.903   3.583   1.00 9.06  ? 109 GLU A O   1 
ATOM   871  C  CB  . GLU A 1 109 ? -0.143  8.786   4.253   1.00 13.12 ? 109 GLU A CB  1 
ATOM   872  C  CG  . GLU A 1 109 ? -1.321  9.630   3.666   1.00 21.03 ? 109 GLU A CG  1 
ATOM   873  C  CD  . GLU A 1 109 ? -0.845  10.684  2.629   1.00 27.35 ? 109 GLU A CD  1 
ATOM   874  O  OE1 . GLU A 1 109 ? 0.010   11.503  3.056   1.00 32.13 ? 109 GLU A OE1 1 
ATOM   875  O  OE2 . GLU A 1 109 ? -1.276  10.685  1.430   1.00 30.31 ? 109 GLU A OE2 1 
ATOM   876  N  N   . ALA A 1 110 ? 1.779   6.128   4.272   1.00 8.93  ? 110 ALA A N   1 
ATOM   877  C  CA  . ALA A 1 110 ? 2.996   5.443   4.791   1.00 8.82  ? 110 ALA A CA  1 
ATOM   878  C  C   . ALA A 1 110 ? 3.887   5.053   3.608   1.00 10.20 ? 110 ALA A C   1 
ATOM   879  O  O   . ALA A 1 110 ? 5.126   5.150   3.674   1.00 11.05 ? 110 ALA A O   1 
ATOM   880  C  CB  . ALA A 1 110 ? 2.606   4.189   5.602   1.00 7.45  ? 110 ALA A CB  1 
ATOM   881  N  N   . ILE A 1 111 ? 3.262   4.614   2.507   1.00 7.75  ? 111 ILE A N   1 
ATOM   882  C  CA  . ILE A 1 111 ? 4.056   4.222   1.362   1.00 8.66  ? 111 ILE A CA  1 
ATOM   883  C  C   . ILE A 1 111 ? 4.830   5.408   0.845   1.00 10.27 ? 111 ILE A C   1 
ATOM   884  O  O   . ILE A 1 111 ? 6.017   5.313   0.579   1.00 10.89 ? 111 ILE A O   1 
ATOM   885  C  CB  . ILE A 1 111 ? 3.189   3.657   0.237   1.00 8.06  ? 111 ILE A CB  1 
ATOM   886  C  CG1 . ILE A 1 111 ? 2.586   2.323   0.680   1.00 8.70  ? 111 ILE A CG1 1 
ATOM   887  C  CG2 . ILE A 1 111 ? 4.012   3.533   -1.068  1.00 10.24 ? 111 ILE A CG2 1 
ATOM   888  C  CD1 . ILE A 1 111 ? 1.533   1.814   -0.267  1.00 8.31  ? 111 ILE A CD1 1 
ATOM   889  N  N   . ILE A 1 112 ? 4.172   6.548   0.715   1.00 9.07  ? 112 ILE A N   1 
ATOM   890  C  CA  . ILE A 1 112 ? 4.851   7.730   0.221   1.00 11.47 ? 112 ILE A CA  1 
ATOM   891  C  C   . ILE A 1 112 ? 5.916   8.248   1.178   1.00 10.33 ? 112 ILE A C   1 
ATOM   892  O  O   . ILE A 1 112 ? 6.994   8.627   0.757   1.00 12.73 ? 112 ILE A O   1 
ATOM   893  C  CB  . ILE A 1 112 ? 3.836   8.838   -0.105  1.00 11.00 ? 112 ILE A CB  1 
ATOM   894  C  CG1 . ILE A 1 112 ? 3.173   8.485   -1.423  1.00 12.95 ? 112 ILE A CG1 1 
ATOM   895  C  CG2 . ILE A 1 112 ? 4.530   10.184  -0.201  1.00 12.52 ? 112 ILE A CG2 1 
ATOM   896  C  CD1 . ILE A 1 112 ? 1.936   9.239   -1.641  1.00 16.73 ? 112 ILE A CD1 1 
ATOM   897  N  N   . HIS A 1 113 ? 5.687   8.121   2.460   1.00 11.14 ? 113 HIS A N   1 
ATOM   898  C  CA  . HIS A 1 113 ? 6.742   8.513   3.391   1.00 14.01 ? 113 HIS A CA  1 
ATOM   899  C  C   . HIS A 1 113 ? 8.004   7.622   3.266   1.00 14.67 ? 113 HIS A C   1 
ATOM   900  O  O   . HIS A 1 113 ? 9.157   8.105   3.281   1.00 14.13 ? 113 HIS A O   1 
ATOM   901  C  CB  . HIS A 1 113 ? 6.237   8.405   4.805   1.00 16.69 ? 113 HIS A CB  1 
ATOM   902  C  CG  . HIS A 1 113 ? 7.195   8.962   5.805   1.00 20.67 ? 113 HIS A CG  1 
ATOM   903  N  ND1 . HIS A 1 113 ? 7.364   10.310  5.991   1.00 23.07 ? 113 HIS A ND1 1 
ATOM   904  C  CD2 . HIS A 1 113 ? 8.096   8.359   6.611   1.00 23.11 ? 113 HIS A CD2 1 
ATOM   905  C  CE1 . HIS A 1 113 ? 8.353   10.451  6.895   1.00 24.10 ? 113 HIS A CE1 1 
ATOM   906  N  NE2 . HIS A 1 113 ? 8.792   9.272   7.272   1.00 23.87 ? 113 HIS A NE2 1 
ATOM   907  N  N   . VAL A 1 114 ? 7.790   6.319   3.192   1.00 13.10 ? 114 VAL A N   1 
ATOM   908  C  CA  . VAL A 1 114 ? 8.907   5.405   3.127   1.00 12.14 ? 114 VAL A CA  1 
ATOM   909  C  C   . VAL A 1 114 ? 9.663   5.575   1.811   1.00 13.60 ? 114 VAL A C   1 
ATOM   910  O  O   . VAL A 1 114 ? 10.898  5.611   1.796   1.00 11.95 ? 114 VAL A O   1 
ATOM   911  C  CB  . VAL A 1 114 ? 8.409   3.953   3.321   1.00 11.80 ? 114 VAL A CB  1 
ATOM   912  C  CG1 . VAL A 1 114 ? 9.531   2.927   2.959   1.00 11.80 ? 114 VAL A CG1 1 
ATOM   913  C  CG2 . VAL A 1 114 ? 7.939   3.797   4.769   1.00 11.15 ? 114 VAL A CG2 1 
ATOM   914  N  N   . LEU A 1 115 ? 8.950   5.819   0.712   1.00 12.77 ? 115 LEU A N   1 
ATOM   915  C  CA  . LEU A 1 115 ? 9.651   5.941   -0.559  1.00 14.82 ? 115 LEU A CA  1 
ATOM   916  C  C   . LEU A 1 115 ? 10.577  7.156   -0.499  1.00 15.32 ? 115 LEU A C   1 
ATOM   917  O  O   . LEU A 1 115 ? 11.636  7.198   -1.149  1.00 15.37 ? 115 LEU A O   1 
ATOM   918  C  CB  . LEU A 1 115 ? 8.670   6.115   -1.727  1.00 15.92 ? 115 LEU A CB  1 
ATOM   919  C  CG  . LEU A 1 115 ? 7.882   4.863   -2.049  1.00 17.67 ? 115 LEU A CG  1 
ATOM   920  C  CD1 . LEU A 1 115 ? 7.098   5.047   -3.326  1.00 17.07 ? 115 LEU A CD1 1 
ATOM   921  C  CD2 . LEU A 1 115 ? 8.815   3.713   -2.166  1.00 18.82 ? 115 LEU A CD2 1 
ATOM   922  N  N   . HIS A 1 116 ? 10.109  8.202   0.154   1.00 16.18 ? 116 HIS A N   1 
ATOM   923  C  CA  . HIS A 1 116 ? 10.851  9.448   0.179   1.00 19.48 ? 116 HIS A CA  1 
ATOM   924  C  C   . HIS A 1 116 ? 12.082  9.281   1.083   1.00 20.09 ? 116 HIS A C   1 
ATOM   925  O  O   . HIS A 1 116 ? 13.125  9.848   0.777   1.00 19.59 ? 116 HIS A O   1 
ATOM   926  C  CB  . HIS A 1 116 ? 9.967   10.614  0.671   1.00 21.62 ? 116 HIS A CB  1 
ATOM   927  C  CG  . HIS A 1 116 ? 10.681  11.947  0.724   1.00 26.43 ? 116 HIS A CG  1 
ATOM   928  N  ND1 . HIS A 1 116 ? 10.850  12.755  -0.380  1.00 27.92 ? 116 HIS A ND1 1 
ATOM   929  C  CD2 . HIS A 1 116 ? 11.393  12.543  1.725   1.00 26.51 ? 116 HIS A CD2 1 
ATOM   930  C  CE1 . HIS A 1 116 ? 11.663  13.780  0.009   1.00 27.63 ? 116 HIS A CE1 1 
ATOM   931  N  NE2 . HIS A 1 116 ? 11.986  13.647  1.288   1.00 27.81 ? 116 HIS A NE2 1 
ATOM   932  N  N   . SER A 1 117 ? 11.958  8.516   2.177   1.00 20.03 ? 117 SER A N   1 
ATOM   933  C  CA  . SER A 1 117 ? 13.110  8.236   3.056   1.00 21.32 ? 117 SER A CA  1 
ATOM   934  C  C   . SER A 1 117 ? 14.190  7.429   2.330   1.00 21.80 ? 117 SER A C   1 
ATOM   935  O  O   . SER A 1 117 ? 15.378  7.641   2.535   1.00 23.27 ? 117 SER A O   1 
ATOM   936  C  CB  . SER A 1 117 ? 12.701  7.424   4.276   1.00 21.73 ? 117 SER A CB  1 
ATOM   937  O  OG  . SER A 1 117 ? 11.817  8.146   5.107   1.00 25.58 ? 117 SER A OG  1 
ATOM   938  N  N   . ARG A 1 118 ? 13.781  6.369   1.650   1.00 20.09 ? 118 ARG A N   1 
ATOM   939  C  CA  . ARG A 1 118 ? 14.720  5.470   1.047   1.00 18.64 ? 118 ARG A CA  1 
ATOM   940  C  C   . ARG A 1 118 ? 15.252  5.883   -0.330  1.00 19.69 ? 118 ARG A C   1 
ATOM   941  O  O   . ARG A 1 118 ? 16.248  5.275   -0.810  1.00 17.88 ? 118 ARG A O   1 
ATOM   942  C  CB  . ARG A 1 118 ? 14.059  4.120   0.934   1.00 19.20 ? 118 ARG A CB  1 
ATOM   943  C  CG  . ARG A 1 118 ? 13.779  3.481   2.266   1.00 20.74 ? 118 ARG A CG  1 
ATOM   944  C  CD  . ARG A 1 118 ? 13.519  2.021   1.981   1.00 22.11 ? 118 ARG A CD  1 
ATOM   945  N  NE  . ARG A 1 118 ? 13.515  1.204   3.174   1.00 24.49 ? 118 ARG A NE  1 
ATOM   946  C  CZ  . ARG A 1 118 ? 14.178  0.064   3.300   1.00 22.64 ? 118 ARG A CZ  1 
ATOM   947  N  NH1 . ARG A 1 118 ? 15.004  -0.352  2.346   1.00 21.66 ? 118 ARG A NH1 1 
ATOM   948  N  NH2 . ARG A 1 118 ? 14.071  -0.596  4.430   1.00 22.78 ? 118 ARG A NH2 1 
ATOM   949  N  N   . HIS A 1 119 ? 14.460  6.664   -1.090  1.00 17.66 ? 119 HIS A N   1 
ATOM   950  C  CA  . HIS A 1 119 ? 14.846  6.964   -2.471  1.00 17.86 ? 119 HIS A CA  1 
ATOM   951  C  C   . HIS A 1 119 ? 14.699  8.423   -2.877  1.00 18.63 ? 119 HIS A C   1 
ATOM   952  O  O   . HIS A 1 119 ? 14.294  8.697   -4.036  1.00 19.46 ? 119 HIS A O   1 
ATOM   953  C  CB  . HIS A 1 119 ? 14.071  6.120   -3.466  1.00 16.03 ? 119 HIS A CB  1 
ATOM   954  C  CG  . HIS A 1 119 ? 13.981  4.681   -3.092  1.00 18.43 ? 119 HIS A CG  1 
ATOM   955  N  ND1 . HIS A 1 119 ? 15.000  3.782   -3.320  1.00 17.56 ? 119 HIS A ND1 1 
ATOM   956  C  CD2 . HIS A 1 119 ? 13.010  3.985   -2.443  1.00 19.44 ? 119 HIS A CD2 1 
ATOM   957  C  CE1 . HIS A 1 119 ? 14.582  2.594   -2.785  1.00 18.97 ? 119 HIS A CE1 1 
ATOM   958  N  NE2 . HIS A 1 119 ? 13.379  2.727   -2.256  1.00 20.58 ? 119 HIS A NE2 1 
ATOM   959  N  N   . PRO A 1 120 ? 15.294  9.343   -2.095  1.00 19.23 ? 120 PRO A N   1 
ATOM   960  C  CA  . PRO A 1 120 ? 15.293  10.786  -2.378  1.00 20.38 ? 120 PRO A CA  1 
ATOM   961  C  C   . PRO A 1 120 ? 15.625  11.210  -3.815  1.00 20.94 ? 120 PRO A C   1 
ATOM   962  O  O   . PRO A 1 120 ? 14.818  11.904  -4.451  1.00 23.50 ? 120 PRO A O   1 
ATOM   963  C  CB  . PRO A 1 120 ? 16.277  11.370  -1.355  1.00 20.15 ? 120 PRO A CB  1 
ATOM   964  C  CG  . PRO A 1 120 ? 17.010  10.201  -0.798  1.00 21.32 ? 120 PRO A CG  1 
ATOM   965  C  CD  . PRO A 1 120 ? 16.067  9.051   -0.878  1.00 20.65 ? 120 PRO A CD  1 
ATOM   966  N  N   . GLY A 1 121 ? 16.579  10.549  -4.442  1.00 20.70 ? 121 GLY A N   1 
ATOM   967  C  CA  . GLY A 1 121 ? 17.003  11.007  -5.745  1.00 20.05 ? 121 GLY A CA  1 
ATOM   968  C  C   . GLY A 1 121 ? 16.064  10.538  -6.816  1.00 21.92 ? 121 GLY A C   1 
ATOM   969  O  O   . GLY A 1 121 ? 16.109  11.038  -7.972  1.00 23.19 ? 121 GLY A O   1 
ATOM   970  N  N   . ASP A 1 122 ? 15.295  9.495   -6.525  1.00 21.16 ? 122 ASP A N   1 
ATOM   971  C  CA  . ASP A 1 122 ? 14.317  9.029   -7.507  1.00 20.92 ? 122 ASP A CA  1 
ATOM   972  C  C   . ASP A 1 122 ? 12.902  9.419   -7.126  1.00 18.42 ? 122 ASP A C   1 
ATOM   973  O  O   . ASP A 1 122 ? 11.935  8.900   -7.735  1.00 19.10 ? 122 ASP A O   1 
ATOM   974  C  CB  . ASP A 1 122 ? 14.387  7.525   -7.674  1.00 24.02 ? 122 ASP A CB  1 
ATOM   975  C  CG  . ASP A 1 122 ? 15.544  7.111   -8.523  1.00 28.14 ? 122 ASP A CG  1 
ATOM   976  O  OD1 . ASP A 1 122 ? 15.729  7.710   -9.604  1.00 30.37 ? 122 ASP A OD1 1 
ATOM   977  O  OD2 . ASP A 1 122 ? 16.309  6.226   -8.083  1.00 32.34 ? 122 ASP A OD2 1 
ATOM   978  N  N   . PHE A 1 123 ? 12.785  10.191  -6.039  1.00 15.55 ? 123 PHE A N   1 
ATOM   979  C  CA  . PHE A 1 123 ? 11.474  10.533  -5.496  1.00 13.48 ? 123 PHE A CA  1 
ATOM   980  C  C   . PHE A 1 123 ? 11.361  12.005  -5.132  1.00 11.74 ? 123 PHE A C   1 
ATOM   981  O  O   . PHE A 1 123 ? 11.081  12.359  -4.004  1.00 12.42 ? 123 PHE A O   1 
ATOM   982  C  CB  . PHE A 1 123 ? 11.155  9.663   -4.282  1.00 12.76 ? 123 PHE A CB  1 
ATOM   983  C  CG  . PHE A 1 123 ? 9.676   9.414   -4.087  1.00 10.05 ? 123 PHE A CG  1 
ATOM   984  C  CD1 . PHE A 1 123 ? 8.919   8.792   -5.076  1.00 10.72 ? 123 PHE A CD1 1 
ATOM   985  C  CD2 . PHE A 1 123 ? 9.034   9.825   -2.921  1.00 10.86 ? 123 PHE A CD2 1 
ATOM   986  C  CE1 . PHE A 1 123 ? 7.533   8.577   -4.889  1.00 10.68 ? 123 PHE A CE1 1 
ATOM   987  C  CE2 . PHE A 1 123 ? 7.635   9.594   -2.750  1.00 10.56 ? 123 PHE A CE2 1 
ATOM   988  C  CZ  . PHE A 1 123 ? 6.915   8.970   -3.727  1.00 8.38  ? 123 PHE A CZ  1 
ATOM   989  N  N   . GLY A 1 124 ? 11.692  12.853  -6.088  1.00 12.24 ? 124 GLY A N   1 
ATOM   990  C  CA  . GLY A 1 124 ? 11.516  14.277  -5.888  1.00 12.61 ? 124 GLY A CA  1 
ATOM   991  C  C   . GLY A 1 124 ? 10.040  14.616  -6.109  1.00 14.08 ? 124 GLY A C   1 
ATOM   992  O  O   . GLY A 1 124 ? 9.238   13.714  -6.296  1.00 13.30 ? 124 GLY A O   1 
ATOM   993  N  N   . ALA A 1 125 ? 9.701   15.896  -6.218  1.00 14.23 ? 125 ALA A N   1 
ATOM   994  C  CA  . ALA A 1 125 ? 8.279   16.330  -6.218  1.00 14.35 ? 125 ALA A CA  1 
ATOM   995  C  C   . ALA A 1 125 ? 7.490   15.736  -7.374  1.00 13.90 ? 125 ALA A C   1 
ATOM   996  O  O   . ALA A 1 125 ? 6.322   15.324  -7.200  1.00 15.36 ? 125 ALA A O   1 
ATOM   997  C  CB  . ALA A 1 125 ? 8.186   17.856  -6.269  1.00 15.72 ? 125 ALA A CB  1 
ATOM   998  N  N   . ASP A 1 126 ? 8.098   15.667  -8.545  1.00 13.09 ? 126 ASP A N   1 
ATOM   999  C  CA  . ASP A 1 126 ? 7.413   15.170  -9.713  1.00 14.53 ? 126 ASP A CA  1 
ATOM   1000 C  C   . ASP A 1 126 ? 7.025   13.696  -9.614  1.00 14.49 ? 126 ASP A C   1 
ATOM   1001 O  O   . ASP A 1 126 ? 5.853   13.343  -9.855  1.00 12.85 ? 126 ASP A O   1 
ATOM   1002 C  CB  . ASP A 1 126 ? 8.236   15.443  -10.968 1.00 18.72 ? 126 ASP A CB  1 
ATOM   1003 C  CG  . ASP A 1 126 ? 9.644   14.850  -10.909 1.00 23.73 ? 126 ASP A CG  1 
ATOM   1004 O  OD1 . ASP A 1 126 ? 10.179  14.561  -9.791  1.00 24.67 ? 126 ASP A OD1 1 
ATOM   1005 O  OD2 . ASP A 1 126 ? 10.251  14.729  -12.022 1.00 28.77 ? 126 ASP A OD2 1 
ATOM   1006 N  N   . ALA A 1 127 ? 7.935   12.863  -9.089  1.00 12.61 ? 127 ALA A N   1 
ATOM   1007 C  CA  . ALA A 1 127 ? 7.608   11.472  -8.770  1.00 10.60 ? 127 ALA A CA  1 
ATOM   1008 C  C   . ALA A 1 127 ? 6.631   11.340  -7.631  1.00 8.74  ? 127 ALA A C   1 
ATOM   1009 O  O   . ALA A 1 127 ? 5.835   10.411  -7.613  1.00 10.04 ? 127 ALA A O   1 
ATOM   1010 C  CB  . ALA A 1 127 ? 8.926   10.673  -8.435  1.00 11.05 ? 127 ALA A CB  1 
ATOM   1011 N  N   . GLN A 1 128 ? 6.789   12.137  -6.591  1.00 7.85  ? 128 GLN A N   1 
ATOM   1012 C  CA  . GLN A 1 128 ? 5.853   12.099  -5.474  1.00 8.53  ? 128 GLN A CA  1 
ATOM   1013 C  C   . GLN A 1 128 ? 4.435   12.408  -5.994  1.00 9.97  ? 128 GLN A C   1 
ATOM   1014 O  O   . GLN A 1 128 ? 3.489   11.685  -5.682  1.00 10.43 ? 128 GLN A O   1 
ATOM   1015 C  CB  . GLN A 1 128 ? 6.233   13.164  -4.454  1.00 10.19 ? 128 GLN A CB  1 
ATOM   1016 C  CG  . GLN A 1 128 ? 5.307   13.226  -3.241  0.48 9.45  ? 128 GLN A CG  1 
ATOM   1017 C  CD  . GLN A 1 128 ? 5.861   14.164  -2.195  0.48 12.14 ? 128 GLN A CD  1 
ATOM   1018 O  OE1 . GLN A 1 128 ? 6.965   14.698  -2.357  0.48 11.56 ? 128 GLN A OE1 1 
ATOM   1019 N  NE2 . GLN A 1 128 ? 5.131   14.346  -1.110  0.48 12.04 ? 128 GLN A NE2 1 
ATOM   1020 N  N   . GLY A 1 129 ? 4.330   13.395  -6.880  1.00 8.85  ? 129 GLY A N   1 
ATOM   1021 C  CA  . GLY A 1 129 ? 3.005   13.713  -7.441  1.00 9.93  ? 129 GLY A CA  1 
ATOM   1022 C  C   . GLY A 1 129 ? 2.383   12.607  -8.275  1.00 9.51  ? 129 GLY A C   1 
ATOM   1023 O  O   . GLY A 1 129 ? 1.229   12.268  -8.068  1.00 9.47  ? 129 GLY A O   1 
ATOM   1024 N  N   . ALA A 1 130 ? 3.199   11.916  -9.061  1.00 8.69  ? 130 ALA A N   1 
ATOM   1025 C  CA  . ALA A 1 130 ? 2.752   10.794  -9.864  1.00 8.06  ? 130 ALA A CA  1 
ATOM   1026 C  C   . ALA A 1 130 ? 2.382   9.631   -8.992  1.00 7.62  ? 130 ALA A C   1 
ATOM   1027 O  O   . ALA A 1 130 ? 1.367   9.002   -9.207  1.00 7.07  ? 130 ALA A O   1 
ATOM   1028 C  CB  . ALA A 1 130 ? 3.842   10.345  -10.841 1.00 7.81  ? 130 ALA A CB  1 
ATOM   1029 N  N   . MET A 1 131 ? 3.154   9.375   -7.934  1.00 7.04  ? 131 MET A N   1 
ATOM   1030 C  CA  . MET A 1 131 ? 2.821   8.248   -7.055  1.00 8.14  ? 131 MET A CA  1 
ATOM   1031 C  C   . MET A 1 131 ? 1.516   8.520   -6.295  1.00 8.13  ? 131 MET A C   1 
ATOM   1032 O  O   . MET A 1 131 ? 0.677   7.618   -6.111  1.00 7.59  ? 131 MET A O   1 
ATOM   1033 C  CB  . MET A 1 131 ? 3.959   7.941   -6.057  1.00 7.34  ? 131 MET A CB  1 
ATOM   1034 C  CG  . MET A 1 131 ? 3.618   6.713   -5.161  1.00 8.98  ? 131 MET A CG  1 
ATOM   1035 S  SD  . MET A 1 131 ? 3.553   5.121   -6.046  1.00 15.09 ? 131 MET A SD  1 
ATOM   1036 C  CE  . MET A 1 131 ? 5.237   5.065   -6.443  1.00 11.71 ? 131 MET A CE  1 
ATOM   1037 N  N   . ASN A 1 132 ? 1.338   9.749   -5.843  1.00 8.88  ? 132 ASN A N   1 
ATOM   1038 C  CA  . ASN A 1 132 ? 0.105   10.074  -5.143  1.00 9.49  ? 132 ASN A CA  1 
ATOM   1039 C  C   . ASN A 1 132 ? -1.045  9.866   -6.092  1.00 8.76  ? 132 ASN A C   1 
ATOM   1040 O  O   . ASN A 1 132 ? -2.043  9.255   -5.706  1.00 9.90  ? 132 ASN A O   1 
ATOM   1041 C  CB  . ASN A 1 132 ? 0.115   11.498  -4.640  1.00 13.54 ? 132 ASN A CB  1 
ATOM   1042 C  CG  . ASN A 1 132 ? -1.173  11.839  -3.817  1.00 19.29 ? 132 ASN A CG  1 
ATOM   1043 O  OD1 . ASN A 1 132 ? -1.444  11.231  -2.776  1.00 22.28 ? 132 ASN A OD1 1 
ATOM   1044 N  ND2 . ASN A 1 132 ? -1.941  12.833  -4.280  1.00 23.08 ? 132 ASN A ND2 1 
ATOM   1045 N  N   . LYS A 1 133 ? -0.887  10.226  -7.365  1.00 9.91  ? 133 LYS A N   1 
ATOM   1046 C  CA  . LYS A 1 133 ? -1.991  10.021  -8.349  1.00 8.17  ? 133 LYS A CA  1 
ATOM   1047 C  C   . LYS A 1 133 ? -2.268  8.529   -8.576  1.00 9.07  ? 133 LYS A C   1 
ATOM   1048 O  O   . LYS A 1 133 ? -3.440  8.112   -8.709  1.00 8.37  ? 133 LYS A O   1 
ATOM   1049 C  CB  . LYS A 1 133 ? -1.637  10.625  -9.700  1.00 11.33 ? 133 LYS A CB  1 
ATOM   1050 C  CG  . LYS A 1 133 ? -1.822  12.125  -9.830  1.00 14.04 ? 133 LYS A CG  1 
ATOM   1051 C  CD  . LYS A 1 133 ? -1.686  12.446  -11.317 1.00 17.42 ? 133 LYS A CD  1 
ATOM   1052 C  CE  . LYS A 1 133 ? -1.720  13.957  -11.599 1.00 23.49 ? 133 LYS A CE  1 
ATOM   1053 N  NZ  . LYS A 1 133 ? -2.084  14.261  -13.069 1.00 25.85 ? 133 LYS A NZ  1 
ATOM   1054 N  N   . ALA A 1 134 ? -1.208  7.713   -8.660  1.00 5.80  ? 134 ALA A N   1 
ATOM   1055 C  CA  . ALA A 1 134 ? -1.410  6.280   -8.822  1.00 6.10  ? 134 ALA A CA  1 
ATOM   1056 C  C   . ALA A 1 134 ? -2.131  5.689   -7.619  1.00 5.52  ? 134 ALA A C   1 
ATOM   1057 O  O   . ALA A 1 134 ? -2.936  4.749   -7.789  1.00 7.93  ? 134 ALA A O   1 
ATOM   1058 C  CB  . ALA A 1 134 ? -0.059  5.557   -9.031  1.00 5.91  ? 134 ALA A CB  1 
ATOM   1059 N  N   . LEU A 1 135 ? -1.786  6.096   -6.397  1.00 4.39  ? 135 LEU A N   1 
ATOM   1060 C  CA  . LEU A 1 135 ? -2.453  5.503   -5.244  1.00 4.73  ? 135 LEU A CA  1 
ATOM   1061 C  C   . LEU A 1 135 ? -3.938  6.041   -5.150  1.00 7.16  ? 135 LEU A C   1 
ATOM   1062 O  O   . LEU A 1 135 ? -4.810  5.406   -4.550  1.00 7.20  ? 135 LEU A O   1 
ATOM   1063 C  CB  . LEU A 1 135 ? -1.673  5.804   -3.962  1.00 4.43  ? 135 LEU A CB  1 
ATOM   1064 C  CG  . LEU A 1 135 ? -0.254  5.116   -4.049  1.00 7.76  ? 135 LEU A CG  1 
ATOM   1065 C  CD1 . LEU A 1 135 ? 0.678   5.596   -2.923  1.00 7.05  ? 135 LEU A CD1 1 
ATOM   1066 C  CD2 . LEU A 1 135 ? -0.430  3.666   -3.961  1.00 10.18 ? 135 LEU A CD2 1 
ATOM   1067 N  N   . GLU A 1 136 ? -4.164  7.261   -5.584  1.00 6.87  ? 136 GLU A N   1 
ATOM   1068 C  CA  . GLU A 1 136 ? -5.552  7.772   -5.570  1.00 7.79  ? 136 GLU A CA  1 
ATOM   1069 C  C   . GLU A 1 136 ? -6.372  6.945   -6.529  1.00 6.88  ? 136 GLU A C   1 
ATOM   1070 O  O   . GLU A 1 136 ? -7.515  6.618   -6.235  1.00 10.55 ? 136 GLU A O   1 
ATOM   1071 C  CB  . GLU A 1 136 ? -5.562  9.222   -6.027  1.00 10.94 ? 136 GLU A CB  1 
ATOM   1072 C  CG  . GLU A 1 136 ? -4.898  10.125  -5.014  1.00 16.01 ? 136 GLU A CG  1 
ATOM   1073 C  CD  . GLU A 1 136 ? -5.112  11.595  -5.328  1.00 21.83 ? 136 GLU A CD  1 
ATOM   1074 O  OE1 . GLU A 1 136 ? -4.798  12.014  -6.470  1.00 23.31 ? 136 GLU A OE1 1 
ATOM   1075 O  OE2 . GLU A 1 136 ? -5.612  12.315  -4.425  1.00 24.77 ? 136 GLU A OE2 1 
ATOM   1076 N  N   . LEU A 1 137 ? -5.850  6.648   -7.701  1.00 7.00  ? 137 LEU A N   1 
ATOM   1077 C  CA  . LEU A 1 137 ? -6.576  5.800   -8.655  1.00 7.99  ? 137 LEU A CA  1 
ATOM   1078 C  C   . LEU A 1 137 ? -6.882  4.427   -8.065  1.00 10.48 ? 137 LEU A C   1 
ATOM   1079 O  O   . LEU A 1 137 ? -8.026  3.904   -8.182  1.00 10.24 ? 137 LEU A O   1 
ATOM   1080 C  CB  . LEU A 1 137 ? -5.770  5.654   -9.946  1.00 8.75  ? 137 LEU A CB  1 
ATOM   1081 C  CG  . LEU A 1 137 ? -6.326  4.722   -11.014 1.00 11.75 ? 137 LEU A CG  1 
ATOM   1082 C  CD1 . LEU A 1 137 ? -7.714  5.259   -11.477 1.00 13.91 ? 137 LEU A CD1 1 
ATOM   1083 C  CD2 . LEU A 1 137 ? -5.319  4.653   -12.207 1.00 12.01 ? 137 LEU A CD2 1 
ATOM   1084 N  N   . PHE A 1 138 ? -5.881  3.831   -7.402  1.00 8.41  ? 138 PHE A N   1 
ATOM   1085 C  CA  . PHE A 1 138 ? -6.065  2.575   -6.680  1.00 7.87  ? 138 PHE A CA  1 
ATOM   1086 C  C   . PHE A 1 138 ? -7.234  2.647   -5.707  1.00 8.16  ? 138 PHE A C   1 
ATOM   1087 O  O   . PHE A 1 138 ? -8.120  1.807   -5.768  1.00 8.36  ? 138 PHE A O   1 
ATOM   1088 C  CB  . PHE A 1 138 ? -4.735  2.262   -5.942  1.00 9.47  ? 138 PHE A CB  1 
ATOM   1089 C  CG  . PHE A 1 138 ? -4.817  1.137   -4.949  1.00 11.16 ? 138 PHE A CG  1 
ATOM   1090 C  CD1 . PHE A 1 138 ? -4.745  -0.182  -5.366  1.00 13.93 ? 138 PHE A CD1 1 
ATOM   1091 C  CD2 . PHE A 1 138 ? -4.849  1.401   -3.594  1.00 13.96 ? 138 PHE A CD2 1 
ATOM   1092 C  CE1 . PHE A 1 138 ? -4.678  -1.237  -4.427  1.00 13.54 ? 138 PHE A CE1 1 
ATOM   1093 C  CE2 . PHE A 1 138 ? -4.812  0.359   -2.660  1.00 15.18 ? 138 PHE A CE2 1 
ATOM   1094 C  CZ  . PHE A 1 138 ? -4.719  -0.966  -3.105  1.00 14.50 ? 138 PHE A CZ  1 
ATOM   1095 N  N   . ARG A 1 139 ? -7.290  3.702   -4.882  1.00 8.02  ? 139 ARG A N   1 
ATOM   1096 C  CA  . ARG A 1 139 ? -8.309  3.853   -3.842  1.00 7.47  ? 139 ARG A CA  1 
ATOM   1097 C  C   . ARG A 1 139 ? -9.689  4.097   -4.516  1.00 9.52  ? 139 ARG A C   1 
ATOM   1098 O  O   . ARG A 1 139 ? -10.733 3.657   -4.048  1.00 9.10  ? 139 ARG A O   1 
ATOM   1099 C  CB  . ARG A 1 139 ? -7.991  5.101   -3.058  1.00 9.65  ? 139 ARG A CB  1 
ATOM   1100 C  CG  . ARG A 1 139 ? -7.165  5.011   -1.853  1.00 14.40 ? 139 ARG A CG  1 
ATOM   1101 C  CD  . ARG A 1 139 ? -7.684  6.194   -1.054  1.00 14.68 ? 139 ARG A CD  1 
ATOM   1102 N  NE  . ARG A 1 139 ? -6.683  7.139   -0.700  1.00 14.66 ? 139 ARG A NE  1 
ATOM   1103 C  CZ  . ARG A 1 139 ? -5.899  7.838   -1.484  1.00 12.25 ? 139 ARG A CZ  1 
ATOM   1104 N  NH1 . ARG A 1 139 ? -4.662  7.383   -1.525  1.00 13.12 ? 139 ARG A NH1 1 
ATOM   1105 N  NH2 . ARG A 1 139 ? -5.997  9.159   -1.444  1.00 11.30 ? 139 ARG A NH2 1 
ATOM   1106 N  N   . LYS A 1 140 ? -9.676  4.898   -5.565  1.00 9.60  ? 140 LYS A N   1 
ATOM   1107 C  CA  . LYS A 1 140 ? -10.933 5.292   -6.258  1.00 11.37 ? 140 LYS A CA  1 
ATOM   1108 C  C   . LYS A 1 140 ? -11.553 4.027   -6.814  1.00 11.95 ? 140 LYS A C   1 
ATOM   1109 O  O   . LYS A 1 140 ? -12.780 3.810   -6.677  1.00 11.57 ? 140 LYS A O   1 
ATOM   1110 C  CB  . LYS A 1 140 ? -10.583 6.218   -7.421  1.00 10.74 ? 140 LYS A CB  1 
ATOM   1111 C  CG  . LYS A 1 140 ? -11.754 6.709   -8.243  1.00 16.32 ? 140 LYS A CG  1 
ATOM   1112 C  CD  . LYS A 1 140 ? -11.236 7.558   -9.351  1.00 17.29 ? 140 LYS A CD  1 
ATOM   1113 C  CE  . LYS A 1 140 ? -11.360 6.781   -10.624 1.00 23.70 ? 140 LYS A CE  1 
ATOM   1114 N  NZ  . LYS A 1 140 ? -12.647 7.213   -11.356 1.00 28.34 ? 140 LYS A NZ  1 
ATOM   1115 N  N   . ASP A 1 141 ? -10.716 3.165   -7.423  1.00 11.77 ? 141 ASP A N   1 
ATOM   1116 C  CA  . ASP A 1 141 ? -11.240 1.937   -8.035  1.00 11.28 ? 141 ASP A CA  1 
ATOM   1117 C  C   . ASP A 1 141 ? -11.730 0.893   -7.039  1.00 12.58 ? 141 ASP A C   1 
ATOM   1118 O  O   . ASP A 1 141 ? -12.807 0.282   -7.198  1.00 12.88 ? 141 ASP A O   1 
ATOM   1119 C  CB  . ASP A 1 141 ? -10.218 1.371   -8.998  1.00 10.74 ? 141 ASP A CB  1 
ATOM   1120 C  CG  . ASP A 1 141 ? -10.191 2.132   -10.312 1.00 12.85 ? 141 ASP A CG  1 
ATOM   1121 O  OD1 . ASP A 1 141 ? -11.030 3.064   -10.504 1.00 14.28 ? 141 ASP A OD1 1 
ATOM   1122 O  OD2 . ASP A 1 141 ? -9.331  1.826   -11.166 1.00 13.36 ? 141 ASP A OD2 1 
ATOM   1123 N  N   . ILE A 1 142 ? -11.095 0.880   -5.884  1.00 10.64 ? 142 ILE A N   1 
ATOM   1124 C  CA  . ILE A 1 142 ? -11.523 -0.029  -4.821  1.00 12.01 ? 142 ILE A CA  1 
ATOM   1125 C  C   . ILE A 1 142 ? -12.838 0.487   -4.255  1.00 11.09 ? 142 ILE A C   1 
ATOM   1126 O  O   . ILE A 1 142 ? -13.715 -0.293  -3.849  1.00 12.05 ? 142 ILE A O   1 
ATOM   1127 C  CB  . ILE A 1 142 ? -10.492 -0.075  -3.677  1.00 11.38 ? 142 ILE A CB  1 
ATOM   1128 C  CG1 . ILE A 1 142 ? -9.275  -0.819  -4.171  1.00 14.21 ? 142 ILE A CG1 1 
ATOM   1129 C  CG2 . ILE A 1 142 ? -11.090 -0.721  -2.492  1.00 11.57 ? 142 ILE A CG2 1 
ATOM   1130 C  CD1 . ILE A 1 142 ? -9.211  -2.219  -3.651  1.00 19.31 ? 142 ILE A CD1 1 
ATOM   1131 N  N   . ALA A 1 143 ? -12.911 1.793   -4.094  1.00 10.30 ? 143 ALA A N   1 
ATOM   1132 C  CA  . ALA A 1 143 ? -14.059 2.396   -3.419  1.00 11.38 ? 143 ALA A CA  1 
ATOM   1133 C  C   . ALA A 1 143 ? -15.293 2.159   -4.296  1.00 11.36 ? 143 ALA A C   1 
ATOM   1134 O  O   . ALA A 1 143 ? -16.366 1.926   -3.761  1.00 12.49 ? 143 ALA A O   1 
ATOM   1135 C  CB  . ALA A 1 143 ? -13.840 3.925   -3.193  1.00 11.95 ? 143 ALA A CB  1 
ATOM   1136 N  N   . ALA A 1 144 ? -15.113 2.078   -5.603  1.00 10.67 ? 144 ALA A N   1 
ATOM   1137 C  CA  . ALA A 1 144 ? -16.273 1.845   -6.492  1.00 13.53 ? 144 ALA A CA  1 
ATOM   1138 C  C   . ALA A 1 144 ? -16.795 0.446   -6.263  1.00 14.90 ? 144 ALA A C   1 
ATOM   1139 O  O   . ALA A 1 144 ? -18.009 0.205   -6.284  1.00 15.07 ? 144 ALA A O   1 
ATOM   1140 C  CB  . ALA A 1 144 ? -15.865 2.007   -7.956  1.00 12.24 ? 144 ALA A CB  1 
ATOM   1141 N  N   . LYS A 1 145 ? -15.868 -0.488  -6.038  1.00 14.58 ? 145 LYS A N   1 
ATOM   1142 C  CA  . LYS A 1 145 ? -16.196 -1.894  -5.769  1.00 14.77 ? 145 LYS A CA  1 
ATOM   1143 C  C   . LYS A 1 145 ? -16.893 -1.998  -4.430  1.00 13.08 ? 145 LYS A C   1 
ATOM   1144 O  O   . LYS A 1 145 ? -17.795 -2.796  -4.260  1.00 14.07 ? 145 LYS A O   1 
ATOM   1145 C  CB  . LYS A 1 145 ? -14.911 -2.722  -5.701  1.00 18.03 ? 145 LYS A CB  1 
ATOM   1146 C  CG  . LYS A 1 145 ? -14.467 -3.424  -6.971  1.00 23.83 ? 145 LYS A CG  1 
ATOM   1147 C  CD  . LYS A 1 145 ? -14.631 -2.563  -8.216  1.00 27.42 ? 145 LYS A CD  1 
ATOM   1148 C  CE  . LYS A 1 145 ? -13.309 -1.928  -8.768  1.00 26.85 ? 145 LYS A CE  1 
ATOM   1149 N  NZ  . LYS A 1 145 ? -13.605 -0.693  -9.646  1.00 25.93 ? 145 LYS A NZ  1 
ATOM   1150 N  N   . TYR A 1 146 ? -16.389 -1.284  -3.434  1.00 11.91 ? 146 TYR A N   1 
ATOM   1151 C  CA  . TYR A 1 146 ? -17.004 -1.285  -2.128  1.00 11.62 ? 146 TYR A CA  1 
ATOM   1152 C  C   . TYR A 1 146 ? -18.475 -0.840  -2.275  1.00 13.83 ? 146 TYR A C   1 
ATOM   1153 O  O   . TYR A 1 146 ? -19.346 -1.274  -1.520  1.00 13.37 ? 146 TYR A O   1 
ATOM   1154 C  CB  . TYR A 1 146 ? -16.280 -0.304  -1.208  1.00 12.61 ? 146 TYR A CB  1 
ATOM   1155 C  CG  . TYR A 1 146 ? -15.104 -0.892  -0.412  1.00 13.07 ? 146 TYR A CG  1 
ATOM   1156 C  CD1 . TYR A 1 146 ? -14.247 -1.840  -0.975  1.00 12.77 ? 146 TYR A CD1 1 
ATOM   1157 C  CD2 . TYR A 1 146 ? -14.839 -0.456  0.880   1.00 13.60 ? 146 TYR A CD2 1 
ATOM   1158 C  CE1 . TYR A 1 146 ? -13.154 -2.353  -0.257  1.00 12.32 ? 146 TYR A CE1 1 
ATOM   1159 C  CE2 . TYR A 1 146 ? -13.731 -0.955  1.604   1.00 14.54 ? 146 TYR A CE2 1 
ATOM   1160 C  CZ  . TYR A 1 146 ? -12.904 -1.899  1.019   1.00 14.22 ? 146 TYR A CZ  1 
ATOM   1161 O  OH  . TYR A 1 146 ? -11.782 -2.337  1.733   1.00 15.13 ? 146 TYR A OH  1 
ATOM   1162 N  N   . LYS A 1 147 ? -18.676 0.252   -2.996  1.00 13.37 ? 147 LYS A N   1 
ATOM   1163 C  CA  . LYS A 1 147 ? -20.020 0.862   -3.066  1.00 15.29 ? 147 LYS A CA  1 
ATOM   1164 C  C   . LYS A 1 147 ? -20.990 -0.172  -3.617  1.00 15.63 ? 147 LYS A C   1 
ATOM   1165 O  O   . LYS A 1 147 ? -22.068 -0.393  -3.059  1.00 17.66 ? 147 LYS A O   1 
ATOM   1166 C  CB  . LYS A 1 147 ? -19.981 2.084   -3.997  1.00 15.96 ? 147 LYS A CB  1 
ATOM   1167 C  CG  . LYS A 1 147 ? -21.281 2.890   -4.082  1.00 19.06 ? 147 LYS A CG  1 
ATOM   1168 C  CD  . LYS A 1 147 ? -21.069 4.065   -4.992  1.00 20.20 ? 147 LYS A CD  1 
ATOM   1169 C  CE  . LYS A 1 147 ? -22.362 4.525   -5.594  1.00 25.92 ? 147 LYS A CE  1 
ATOM   1170 N  NZ  . LYS A 1 147 ? -23.218 5.093   -4.534  1.00 27.44 ? 147 LYS A NZ  1 
ATOM   1171 N  N   . GLU A 1 148 ? -20.610 -0.797  -4.730  1.00 15.69 ? 148 GLU A N   1 
ATOM   1172 C  CA  . GLU A 1 148 ? -21.401 -1.866  -5.304  1.00 16.46 ? 148 GLU A CA  1 
ATOM   1173 C  C   . GLU A 1 148 ? -21.849 -2.918  -4.288  1.00 18.54 ? 148 GLU A C   1 
ATOM   1174 O  O   . GLU A 1 148 ? -22.998 -3.356  -4.322  1.00 20.66 ? 148 GLU A O   1 
ATOM   1175 C  CB  . GLU A 1 148 ? -20.623 -2.545  -6.415  1.00 17.88 ? 148 GLU A CB  1 
ATOM   1176 C  CG  . GLU A 1 148 ? -21.272 -3.794  -6.914  1.00 20.72 ? 148 GLU A CG  1 
ATOM   1177 C  CD  . GLU A 1 148 ? -20.382 -4.562  -7.879  1.00 23.95 ? 148 GLU A CD  1 
ATOM   1178 O  OE1 . GLU A 1 148 ? -19.462 -3.962  -8.493  1.00 23.94 ? 148 GLU A OE1 1 
ATOM   1179 O  OE2 . GLU A 1 148 ? -20.548 -5.804  -7.950  1.00 27.60 ? 148 GLU A OE2 1 
ATOM   1180 N  N   . LEU A 1 149 ? -20.914 -3.413  -3.473  1.00 15.99 ? 149 LEU A N   1 
ATOM   1181 C  CA  . LEU A 1 149 ? -21.188 -4.454  -2.487  1.00 15.66 ? 149 LEU A CA  1 
ATOM   1182 C  C   . LEU A 1 149 ? -21.876 -3.956  -1.223  1.00 15.94 ? 149 LEU A C   1 
ATOM   1183 O  O   . LEU A 1 149 ? -22.103 -4.756  -0.325  1.00 17.73 ? 149 LEU A O   1 
ATOM   1184 C  CB  . LEU A 1 149 ? -19.867 -5.132  -2.074  1.00 15.04 ? 149 LEU A CB  1 
ATOM   1185 C  CG  . LEU A 1 149 ? -19.131 -5.905  -3.169  1.00 16.88 ? 149 LEU A CG  1 
ATOM   1186 C  CD1 . LEU A 1 149 ? -17.663 -6.204  -2.716  1.00 15.73 ? 149 LEU A CD1 1 
ATOM   1187 C  CD2 . LEU A 1 149 ? -19.870 -7.217  -3.450  1.00 16.97 ? 149 LEU A CD2 1 
ATOM   1188 N  N   . GLY A 1 150 ? -21.942 -2.645  -1.003  1.00 15.56 ? 150 GLY A N   1 
ATOM   1189 C  CA  . GLY A 1 150 ? -22.658 -2.157  0.162   1.00 16.10 ? 150 GLY A CA  1 
ATOM   1190 C  C   . GLY A 1 150 ? -21.773 -1.789  1.317   1.00 18.93 ? 150 GLY A C   1 
ATOM   1191 O  O   . GLY A 1 150 ? -22.246 -1.642  2.441   1.00 15.71 ? 150 GLY A O   1 
ATOM   1192 N  N   . TYR A 1 151 ? -20.496 -1.555  1.030   1.00 22.13 ? 151 TYR A N   1 
ATOM   1193 C  CA  . TYR A 1 151 ? -19.526 -1.253  2.076   1.00 26.27 ? 151 TYR A CA  1 
ATOM   1194 C  C   . TYR A 1 151 ? -18.959 0.163   2.043   1.00 30.57 ? 151 TYR A C   1 
ATOM   1195 O  O   . TYR A 1 151 ? -18.197 0.525   2.940   1.00 33.01 ? 151 TYR A O   1 
ATOM   1196 C  CB  . TYR A 1 151 ? -18.347 -2.226  1.983   1.00 24.98 ? 151 TYR A CB  1 
ATOM   1197 C  CG  . TYR A 1 151 ? -18.683 -3.618  2.383   1.00 24.43 ? 151 TYR A CG  1 
ATOM   1198 C  CD1 . TYR A 1 151 ? -19.321 -4.474  1.496   1.00 24.15 ? 151 TYR A CD1 1 
ATOM   1199 C  CD2 . TYR A 1 151 ? -18.417 -4.080  3.679   1.00 24.74 ? 151 TYR A CD2 1 
ATOM   1200 C  CE1 . TYR A 1 151 ? -19.689 -5.760  1.892   1.00 24.34 ? 151 TYR A CE1 1 
ATOM   1201 C  CE2 . TYR A 1 151 ? -18.795 -5.356  4.079   1.00 23.22 ? 151 TYR A CE2 1 
ATOM   1202 C  CZ  . TYR A 1 151 ? -19.429 -6.175  3.183   1.00 23.73 ? 151 TYR A CZ  1 
ATOM   1203 O  OH  . TYR A 1 151 ? -19.949 -7.383  3.587   1.00 26.19 ? 151 TYR A OH  1 
ATOM   1204 N  N   . GLN A 1 152 ? -19.153 0.883   0.945   1.00 34.30 ? 152 GLN A N   1 
ATOM   1205 C  CA  . GLN A 1 152 ? -18.405 2.112   0.708   1.00 38.78 ? 152 GLN A CA  1 
ATOM   1206 C  C   . GLN A 1 152 ? -17.539 2.648   1.879   1.00 40.96 ? 152 GLN A C   1 
ATOM   1207 O  O   . GLN A 1 152 ? -17.994 3.450   2.717   1.00 41.88 ? 152 GLN A O   1 
ATOM   1208 C  CB  . GLN A 1 152 ? -19.342 3.208   0.215   1.00 40.13 ? 152 GLN A CB  1 
ATOM   1209 C  CG  . GLN A 1 152 ? -18.594 4.461   -0.204  1.00 43.05 ? 152 GLN A CG  1 
ATOM   1210 C  CD  . GLN A 1 152 ? -17.341 4.156   -1.031  1.00 43.69 ? 152 GLN A CD  1 
ATOM   1211 O  OE1 . GLN A 1 152 ? -16.453 3.422   -0.591  1.00 44.51 ? 152 GLN A OE1 1 
ATOM   1212 N  NE2 . GLN A 1 152 ? -17.236 4.791   -2.204  1.00 44.13 ? 152 GLN A NE2 1 
ATOM   1213 N  N   . GLY A 1 153 ? -16.333 2.096   1.998   1.00 42.66 ? 153 GLY A N   1 
ATOM   1214 C  CA  . GLY A 1 153 ? -15.451 2.420   3.113   1.00 42.38 ? 153 GLY A CA  1 
ATOM   1215 C  C   . GLY A 1 153 ? -15.893 1.710   4.367   1.00 43.00 ? 153 GLY A C   1 
ATOM   1216 O  O   . GLY A 1 153 ? -16.069 0.479   4.314   1.00 43.28 ? 153 GLY A O   1 
ATOM   1217 O  OXT . GLY A 1 153 ? -16.132 2.393   5.384   1.00 44.38 ? 153 GLY A OXT 1 
HETATM 1218 S  S   . SO4 B 2 .   ? 7.128   -14.172 14.618  0.98 11.54 ? 156 SO4 A S   1 
HETATM 1219 O  O1  . SO4 B 2 .   ? 7.011   -14.613 13.290  0.98 11.50 ? 156 SO4 A O1  1 
HETATM 1220 O  O2  . SO4 B 2 .   ? 6.876   -15.201 15.526  0.98 13.13 ? 156 SO4 A O2  1 
HETATM 1221 O  O3  . SO4 B 2 .   ? 6.196   -13.102 14.894  0.98 14.85 ? 156 SO4 A O3  1 
HETATM 1222 O  O4  . SO4 B 2 .   ? 8.495   -13.661 14.795  0.98 15.44 ? 156 SO4 A O4  1 
HETATM 1223 C  CHA . HEM C 3 .   ? -4.690  -9.636  3.465   1.00 9.65  ? 154 HEM A CHA 1 
HETATM 1224 C  CHB . HEM C 3 .   ? -3.117  -6.719  -0.045  1.00 6.82  ? 154 HEM A CHB 1 
HETATM 1225 C  CHC . HEM C 3 .   ? -4.162  -2.845  2.669   1.00 5.29  ? 154 HEM A CHC 1 
HETATM 1226 C  CHD . HEM C 3 .   ? -5.775  -5.779  6.131   1.00 9.91  ? 154 HEM A CHD 1 
HETATM 1227 C  C1A . HEM C 3 .   ? -4.108  -9.151  2.272   1.00 10.83 ? 154 HEM A C1A 1 
HETATM 1228 C  C2A . HEM C 3 .   ? -3.731  -10.004 1.186   1.00 11.05 ? 154 HEM A C2A 1 
HETATM 1229 C  C3A . HEM C 3 .   ? -3.270  -9.181  0.228   1.00 10.39 ? 154 HEM A C3A 1 
HETATM 1230 C  C4A . HEM C 3 .   ? -3.415  -7.788  0.715   1.00 8.43  ? 154 HEM A C4A 1 
HETATM 1231 C  CMA . HEM C 3 .   ? -2.706  -9.575  -1.143  1.00 9.15  ? 154 HEM A CMA 1 
HETATM 1232 C  CAA . HEM C 3 .   ? -3.809  -11.529 1.129   1.00 15.99 ? 154 HEM A CAA 1 
HETATM 1233 C  CBA . HEM C 3 .   ? -4.875  -12.062 0.175   1.00 20.46 ? 154 HEM A CBA 1 
HETATM 1234 C  CGA . HEM C 3 .   ? -6.286  -11.593 0.544   1.00 23.11 ? 154 HEM A CGA 1 
HETATM 1235 O  O1A . HEM C 3 .   ? -6.697  -11.797 1.712   1.00 24.05 ? 154 HEM A O1A 1 
HETATM 1236 O  O2A . HEM C 3 .   ? -6.959  -11.010 -0.325  1.00 24.51 ? 154 HEM A O2A 1 
HETATM 1237 C  C1B . HEM C 3 .   ? -3.285  -5.377  0.401   1.00 7.22  ? 154 HEM A C1B 1 
HETATM 1238 C  C2B . HEM C 3 .   ? -2.878  -4.190  -0.333  1.00 6.89  ? 154 HEM A C2B 1 
HETATM 1239 C  C3B . HEM C 3 .   ? -3.167  -3.134  0.456   1.00 7.97  ? 154 HEM A C3B 1 
HETATM 1240 C  C4B . HEM C 3 .   ? -3.723  -3.658  1.631   1.00 5.79  ? 154 HEM A C4B 1 
HETATM 1241 C  CMB . HEM C 3 .   ? -2.226  -4.291  -1.724  1.00 8.24  ? 154 HEM A CMB 1 
HETATM 1242 C  CAB . HEM C 3 .   ? -2.902  -1.736  0.215   1.00 8.43  ? 154 HEM A CAB 1 
HETATM 1243 C  CBB . HEM C 3 .   ? -1.751  -1.212  -0.409  1.00 10.11 ? 154 HEM A CBB 1 
HETATM 1244 C  C1C . HEM C 3 .   ? -4.625  -3.342  3.858   1.00 6.34  ? 154 HEM A C1C 1 
HETATM 1245 C  C2C . HEM C 3 .   ? -4.858  -2.554  4.969   1.00 6.90  ? 154 HEM A C2C 1 
HETATM 1246 C  C3C . HEM C 3 .   ? -5.342  -3.371  5.950   1.00 8.29  ? 154 HEM A C3C 1 
HETATM 1247 C  C4C . HEM C 3 .   ? -5.402  -4.663  5.392   1.00 8.34  ? 154 HEM A C4C 1 
HETATM 1248 C  CMC . HEM C 3 .   ? -4.760  -1.035  5.003   1.00 8.75  ? 154 HEM A CMC 1 
HETATM 1249 C  CAC . HEM C 3 .   ? -5.642  -3.213  7.347   1.00 11.34 ? 154 HEM A CAC 1 
HETATM 1250 C  CBC . HEM C 3 .   ? -5.577  -1.967  8.084   1.00 13.79 ? 154 HEM A CBC 1 
HETATM 1251 C  C1D . HEM C 3 .   ? -5.633  -7.106  5.711   1.00 9.90  ? 154 HEM A C1D 1 
HETATM 1252 C  C2D . HEM C 3 .   ? -5.977  -8.334  6.529   1.00 9.25  ? 154 HEM A C2D 1 
HETATM 1253 C  C3D . HEM C 3 .   ? -5.621  -9.375  5.787   1.00 10.72 ? 154 HEM A C3D 1 
HETATM 1254 C  C4D . HEM C 3 .   ? -5.099  -8.837  4.532   1.00 10.27 ? 154 HEM A C4D 1 
HETATM 1255 C  CMD . HEM C 3 .   ? -6.696  -8.280  7.861   1.00 10.66 ? 154 HEM A CMD 1 
HETATM 1256 C  CAD . HEM C 3 .   ? -5.548  -10.884 6.112   1.00 15.84 ? 154 HEM A CAD 1 
HETATM 1257 C  CBD . HEM C 3 .   ? -4.197  -11.059 6.818   1.00 20.92 ? 154 HEM A CBD 1 
HETATM 1258 C  CGD . HEM C 3 .   ? -4.057  -12.418 7.471   1.00 27.38 ? 154 HEM A CGD 1 
HETATM 1259 O  O1D . HEM C 3 .   ? -4.482  -12.567 8.639   1.00 29.97 ? 154 HEM A O1D 1 
HETATM 1260 O  O2D . HEM C 3 .   ? -3.601  -13.383 6.801   1.00 29.59 ? 154 HEM A O2D 1 
HETATM 1261 N  NA  . HEM C 3 .   ? -3.977  -7.746  1.959   1.00 9.00  ? 154 HEM A NA  1 
HETATM 1262 N  NB  . HEM C 3 .   ? -3.804  -5.077  1.639   1.00 7.30  ? 154 HEM A NB  1 
HETATM 1263 N  NC  . HEM C 3 .   ? -4.902  -4.718  4.143   1.00 7.55  ? 154 HEM A NC  1 
HETATM 1264 N  ND  . HEM C 3 .   ? -5.120  -7.425  4.520   1.00 9.38  ? 154 HEM A ND  1 
HETATM 1265 FE FE  . HEM C 3 .   ? -4.504  -6.337  3.059   1.00 10.53 ? 154 HEM A FE  1 
HETATM 1266 C  C   . ENC D 4 .   ? -1.073  -5.706  5.838   0.89 19.24 ? 155 ENC A C   1 
HETATM 1267 N  N   . ENC D 4 .   ? -2.127  -6.498  4.811   0.89 18.58 ? 155 ENC A N   1 
HETATM 1268 C  C1  . ENC D 4 .   ? -2.691  -6.042  4.081   0.89 11.75 ? 155 ENC A C1  1 
HETATM 1269 H  H   . ENC D 4 .   ? -1.305  -4.178  5.799   0.89 22.05 ? 155 ENC A H   1 
HETATM 1270 O  O   . HOH E 5 .   ? 0.182   6.169   7.785   0.52 7.84  ? 158 HOH A O   1 
HETATM 1271 O  O   . HOH E 5 .   ? 18.190  5.796   -11.602 1.00 44.18 ? 159 HOH A O   1 
HETATM 1272 O  O   . HOH E 5 .   ? -1.484  -11.964 17.941  0.58 13.64 ? 160 HOH A O   1 
HETATM 1273 O  O   . HOH E 5 .   ? -4.032  11.427  -2.074  0.53 10.09 ? 161 HOH A O   1 
HETATM 1274 O  O   . HOH E 5 .   ? -9.918  -8.240  10.068  0.99 17.97 ? 162 HOH A O   1 
HETATM 1275 O  O   . HOH E 5 .   ? -7.319  -10.548 11.505  0.52 25.81 ? 163 HOH A O   1 
HETATM 1276 O  O   . HOH E 5 .   ? -4.896  -11.831 10.960  1.00 30.09 ? 164 HOH A O   1 
HETATM 1277 O  O   . HOH E 5 .   ? 1.260   -7.049  -13.362 1.00 25.74 ? 165 HOH A O   1 
HETATM 1278 O  O   . HOH E 5 .   ? -16.140 -1.334  -10.174 0.89 38.17 ? 167 HOH A O   1 
HETATM 1279 O  O   . HOH E 5 .   ? -5.832  7.482   12.702  0.51 6.89  ? 168 HOH A O   1 
HETATM 1280 O  O   . HOH E 5 .   ? -9.836  -11.272 8.013   1.00 38.79 ? 172 HOH A O   1 
HETATM 1281 O  O   . HOH E 5 .   ? -1.856  2.645   -19.536 1.00 40.98 ? 173 HOH A O   1 
HETATM 1282 O  O   . HOH E 5 .   ? 4.102   14.540  -11.479 0.85 14.44 ? 175 HOH A O   1 
HETATM 1283 O  O   . HOH E 5 .   ? -1.111  -18.678 7.879   1.00 46.34 ? 177 HOH A O   1 
HETATM 1284 O  O   . HOH E 5 .   ? -2.167  -2.365  -19.130 1.00 38.04 ? 178 HOH A O   1 
HETATM 1285 O  O   . HOH E 5 .   ? -13.541 2.621   -11.150 1.00 36.51 ? 181 HOH A O   1 
HETATM 1286 O  O   . HOH E 5 .   ? 16.261  -1.721  -8.673  0.93 25.07 ? 186 HOH A O   1 
HETATM 1287 O  O   . HOH E 5 .   ? 13.523  -7.598  -2.685  0.41 15.83 ? 187 HOH A O   1 
HETATM 1288 O  O   . HOH E 5 .   ? 13.567  -2.322  7.884   0.94 29.50 ? 190 HOH A O   1 
HETATM 1289 O  O   . HOH E 5 .   ? 3.993   10.451  13.118  0.84 50.20 ? 192 HOH A O   1 
HETATM 1290 O  O   . HOH E 5 .   ? 3.686   7.581   15.877  0.94 50.44 ? 193 HOH A O   1 
HETATM 1291 O  O   . HOH E 5 .   ? 1.708   4.797   18.305  1.00 33.80 ? 194 HOH A O   1 
HETATM 1292 O  O   . HOH E 5 .   ? 0.683   1.123   17.421  0.72 17.52 ? 195 HOH A O   1 
HETATM 1293 O  O   . HOH E 5 .   ? -4.904  6.839   15.199  1.00 17.64 ? 196 HOH A O   1 
HETATM 1294 O  O   . HOH E 5 .   ? 5.588   5.169   -20.307 1.00 34.08 ? 197 HOH A O   1 
HETATM 1295 O  O   . HOH E 5 .   ? -9.305  -8.717  14.776  1.00 40.40 ? 198 HOH A O   1 
HETATM 1296 O  O   . HOH E 5 .   ? 3.496   -13.848 15.347  1.00 14.19 ? 200 HOH A O   1 
HETATM 1297 O  O   . HOH E 5 .   ? 1.812   -13.455 13.425  1.00 23.30 ? 201 HOH A O   1 
HETATM 1298 O  O   . HOH E 5 .   ? 17.451  4.381   -4.129  0.96 16.33 ? 202 HOH A O   1 
HETATM 1299 O  O   . HOH E 5 .   ? -8.824  -6.439  -16.970 0.88 48.73 ? 205 HOH A O   1 
HETATM 1300 O  O   . HOH E 5 .   ? -10.416 -0.786  -12.890 1.00 34.84 ? 207 HOH A O   1 
HETATM 1301 O  O   . HOH E 5 .   ? -13.591 4.989   5.363   1.00 18.17 ? 208 HOH A O   1 
HETATM 1302 O  O   . HOH E 5 .   ? -16.769 -11.837 6.796   1.00 36.43 ? 209 HOH A O   1 
HETATM 1303 O  O   . HOH E 5 .   ? -0.402  12.298  -0.630  0.94 35.61 ? 210 HOH A O   1 
HETATM 1304 O  O   . HOH E 5 .   ? 16.103  0.866   0.233   1.00 27.20 ? 213 HOH A O   1 
HETATM 1305 O  O   . HOH E 5 .   ? 8.589   -13.768 2.123   0.98 52.81 ? 214 HOH A O   1 
HETATM 1306 O  O   . HOH E 5 .   ? 5.242   -13.421 1.663   1.00 26.00 ? 215 HOH A O   1 
HETATM 1307 O  O   . HOH E 5 .   ? 11.760  -16.200 6.460   1.00 18.52 ? 216 HOH A O   1 
HETATM 1308 O  O   . HOH E 5 .   ? 15.344  14.566  -5.764  0.57 19.16 ? 218 HOH A O   1 
HETATM 1309 O  O   . HOH E 5 .   ? -4.040  -15.181 13.210  1.00 44.16 ? 221 HOH A O   1 
HETATM 1310 O  O   . HOH E 5 .   ? 12.439  3.462   -15.431 1.00 24.98 ? 227 HOH A O   1 
HETATM 1311 O  O   . HOH E 5 .   ? 1.740   6.476   20.425  0.28 6.07  ? 228 HOH A O   1 
HETATM 1312 O  O   . HOH E 5 .   ? -2.531  0.552   -11.626 0.91 12.87 ? 229 HOH A O   1 
HETATM 1313 O  O   . HOH E 5 .   ? 16.105  9.225   4.781   0.60 35.51 ? 233 HOH A O   1 
HETATM 1314 O  O   . HOH E 5 .   ? -5.715  -13.751 3.385   0.51 18.46 ? 234 HOH A O   1 
HETATM 1315 O  O   . HOH E 5 .   ? 10.985  16.688  -2.593  1.00 28.49 ? 235 HOH A O   1 
HETATM 1316 O  O   . HOH E 5 .   ? -4.483  -5.146  21.556  1.00 45.57 ? 236 HOH A O   1 
HETATM 1317 O  O   . HOH E 5 .   ? -19.789 1.544   4.903   1.00 45.18 ? 237 HOH A O   1 
HETATM 1318 O  O   . HOH E 5 .   ? -1.075  8.633   7.851   1.00 30.68 ? 240 HOH A O   1 
HETATM 1319 O  O   . HOH E 5 .   ? 1.234   -13.168 3.816   0.88 23.59 ? 255 HOH A O   1 
HETATM 1320 O  O   . HOH E 5 .   ? 0.860   -10.890 -5.785  0.52 21.00 ? 257 HOH A O   1 
HETATM 1321 O  O   . HOH E 5 .   ? -1.395  -10.229 -7.381  0.77 18.61 ? 258 HOH A O   1 
HETATM 1322 O  O   . HOH E 5 .   ? 18.153  -3.837  -8.343  0.92 22.63 ? 259 HOH A O   1 
HETATM 1323 O  O   . HOH E 5 .   ? -23.540 -1.635  4.898   0.64 13.03 ? 261 HOH A O   1 
HETATM 1324 O  O   . HOH E 5 .   ? -6.810  -10.119 -2.633  0.83 45.59 ? 265 HOH A O   1 
HETATM 1325 O  O   . HOH E 5 .   ? 1.217   0.693   -21.704 1.00 34.52 ? 266 HOH A O   1 
HETATM 1326 O  O   . HOH E 5 .   ? 13.821  -5.683  17.033  1.00 20.89 ? 267 HOH A O   1 
HETATM 1327 O  O   . HOH E 5 .   ? -10.039 -11.189 -11.480 0.84 17.49 ? 268 HOH A O   1 
HETATM 1328 O  O   . HOH E 5 .   ? 7.558   12.411  0.753   0.93 44.32 ? 269 HOH A O   1 
HETATM 1329 O  O   . HOH E 5 .   ? -8.712  -13.625 1.323   1.00 42.73 ? 270 HOH A O   1 
HETATM 1330 O  O   . HOH E 5 .   ? -3.697  -1.121  18.353  0.62 13.23 ? 273 HOH A O   1 
HETATM 1331 O  O   . HOH E 5 .   ? -8.404  2.578   -13.989 0.69 24.07 ? 276 HOH A O   1 
HETATM 1332 O  O   . HOH E 5 .   ? 8.019   -6.732  4.607   0.85 14.56 ? 277 HOH A O   1 
HETATM 1333 O  O   . HOH E 5 .   ? 8.772   9.938   -17.149 0.56 28.06 ? 278 HOH A O   1 
HETATM 1334 O  O   . HOH E 5 .   ? -0.741  14.025  -6.943  0.67 15.68 ? 282 HOH A O   1 
HETATM 1335 O  O   . HOH E 5 .   ? -18.940 4.346   -7.545  0.38 16.22 ? 283 HOH A O   1 
HETATM 1336 O  O   . HOH E 5 .   ? -10.066 -17.322 1.997   1.00 30.76 ? 284 HOH A O   1 
HETATM 1337 O  O   . HOH E 5 .   ? -8.641  -0.310  -14.861 0.93 52.23 ? 285 HOH A O   1 
HETATM 1338 O  O   . HOH E 5 .   ? 4.566   -7.906  -8.040  0.99 20.84 ? 286 HOH A O   1 
HETATM 1339 O  O   . HOH E 5 .   ? -8.515  12.823  3.872   0.83 20.35 ? 289 HOH A O   1 
HETATM 1340 O  O   . HOH E 5 .   ? 2.097   8.975   8.161   1.00 33.77 ? 290 HOH A O   1 
HETATM 1341 O  O   . HOH E 5 .   ? 0.246   10.050  -22.253 0.46 11.45 ? 291 HOH A O   1 
HETATM 1342 O  O   . HOH E 5 .   ? 14.778  2.530   6.749   0.40 24.37 ? 292 HOH A O   1 
HETATM 1343 O  O   . HOH E 5 .   ? -5.298  11.402  6.304   0.64 43.46 ? 295 HOH A O   1 
HETATM 1344 O  O   . HOH E 5 .   ? -4.691  -7.513  -6.036  0.38 10.58 ? 296 HOH A O   1 
HETATM 1345 O  O   . HOH E 5 .   ? 8.811   2.599   9.591   0.53 7.35  ? 297 HOH A O   1 
HETATM 1346 O  O   . HOH E 5 .   ? 9.894   3.492   -15.506 0.88 22.18 ? 298 HOH A O   1 
HETATM 1347 O  O   . HOH E 5 .   ? -11.711 11.422  5.039   0.57 29.69 ? 299 HOH A O   1 
HETATM 1348 O  O   . HOH E 5 .   ? 0.435   -10.846 -2.932  0.89 21.43 ? 300 HOH A O   1 
HETATM 1349 O  O   . HOH E 5 .   ? -3.351  5.951   -16.900 1.00 35.59 ? 301 HOH A O   1 
HETATM 1350 O  O   . HOH E 5 .   ? 19.188  -5.314  -6.164  0.81 34.80 ? 305 HOH A O   1 
HETATM 1351 O  O   . HOH E 5 .   ? 13.132  14.452  -2.478  0.76 45.76 ? 307 HOH A O   1 
HETATM 1352 O  O   . HOH E 5 .   ? -4.829  6.372   -14.991 1.00 32.17 ? 308 HOH A O   1 
HETATM 1353 O  O   . HOH E 5 .   ? 8.582   -1.271  -11.650 1.00 19.94 ? 311 HOH A O   1 
HETATM 1354 O  O   . HOH E 5 .   ? 10.459  -4.226  22.871  0.99 15.84 ? 314 HOH A O   1 
HETATM 1355 O  O   . HOH E 5 .   ? 2.011   -0.233  22.738  0.91 39.12 ? 317 HOH A O   1 
HETATM 1356 O  O   . HOH E 5 .   ? -6.087  -14.589 7.254   1.00 40.13 ? 325 HOH A O   1 
HETATM 1357 O  O   . HOH E 5 .   ? 9.952   -3.703  -11.592 0.72 22.08 ? 326 HOH A O   1 
HETATM 1358 O  O   . HOH E 5 .   ? 11.852  12.724  -9.358  1.00 29.40 ? 327 HOH A O   1 
HETATM 1359 O  O   . HOH E 5 .   ? -21.564 -8.734  1.917   0.85 14.09 ? 338 HOH A O   1 
HETATM 1360 O  O   . HOH E 5 .   ? -20.049 -10.328 -0.230  1.00 41.69 ? 350 HOH A O   1 
HETATM 1361 O  O   . HOH E 5 .   ? 12.188  -11.384 11.634  0.63 13.42 ? 361 HOH A O   1 
HETATM 1362 O  O   . HOH E 5 .   ? 8.437   -9.957  17.743  0.91 13.25 ? 362 HOH A O   1 
HETATM 1363 O  O   . HOH E 5 .   ? 7.002   8.185   -8.514  0.54 25.80 ? 368 HOH A O   1 
HETATM 1364 O  O   . HOH E 5 .   ? 10.633  5.991   6.693   0.27 4.94  ? 371 HOH A O   1 
HETATM 1365 O  O   . HOH E 5 .   ? 11.039  5.754   -19.319 0.41 19.17 ? 372 HOH A O   1 
HETATM 1366 O  O   . HOH E 5 .   ? 9.731   -12.599 17.195  0.71 20.76 ? 373 HOH A O   1 
HETATM 1367 O  O   . HOH E 5 .   ? 6.111   -11.802 17.265  0.78 12.96 ? 380 HOH A O   1 
HETATM 1368 O  O   . HOH E 5 .   ? -2.516  8.776   -2.368  0.80 19.47 ? 382 HOH A O   1 
HETATM 1369 O  O   . HOH E 5 .   ? 17.662  0.344   -10.155 1.00 28.89 ? 389 HOH A O   1 
HETATM 1370 O  O   . HOH E 5 .   ? -6.386  -6.140  -15.685 0.50 19.25 ? 392 HOH A O   1 
HETATM 1371 O  O   . HOH E 5 .   ? -2.291  -7.655  -7.327  0.91 12.34 ? 397 HOH A O   1 
HETATM 1372 O  O   . HOH E 5 .   ? 16.687  13.837  0.883   1.00 43.16 ? 400 HOH A O   1 
HETATM 1373 O  O   . HOH E 5 .   ? -5.480  9.333   -10.020 0.58 7.23  ? 402 HOH A O   1 
HETATM 1374 O  O   . HOH E 5 .   ? -0.603  -9.301  -13.010 0.80 42.11 ? 403 HOH A O   1 
HETATM 1375 O  O   . HOH E 5 .   ? 9.326   -7.327  10.894  1.00 14.03 ? 407 HOH A O   1 
HETATM 1376 O  O   . HOH E 5 .   ? 5.016   -7.611  -10.506 0.87 29.04 ? 413 HOH A O   1 
HETATM 1377 O  O   . HOH E 5 .   ? 11.225  5.164   15.952  0.76 28.98 ? 414 HOH A O   1 
HETATM 1378 O  O   . HOH E 5 .   ? -11.682 1.885   13.699  0.81 29.90 ? 418 HOH A O   1 
HETATM 1379 O  O   . HOH E 5 .   ? 1.454   13.765  -11.549 0.51 9.72  ? 419 HOH A O   1 
HETATM 1380 O  O   . HOH E 5 .   ? 11.643  -6.697  22.313  1.00 24.22 ? 430 HOH A O   1 
HETATM 1381 O  O   . HOH E 5 .   ? -7.005  5.021   -15.307 0.37 14.23 ? 434 HOH A O   1 
HETATM 1382 O  O   . HOH E 5 .   ? 12.386  -5.334  7.351   0.42 8.13  ? 435 HOH A O   1 
HETATM 1383 O  O   . HOH E 5 .   ? 5.151   1.990   18.041  0.54 33.53 ? 439 HOH A O   1 
HETATM 1384 O  O   . HOH E 5 .   ? -2.166  -12.701 20.410  0.64 32.93 ? 441 HOH A O   1 
HETATM 1385 O  O   . HOH E 5 .   ? -11.346 10.159  -13.953 0.68 37.81 ? 443 HOH A O   1 
HETATM 1386 O  O   . HOH E 5 .   ? -0.292  4.814   -19.898 1.00 33.75 ? 444 HOH A O   1 
HETATM 1387 O  O   . HOH E 5 .   ? 1.406   11.990  1.254   0.78 34.20 ? 448 HOH A O   1 
HETATM 1388 O  O   . HOH E 5 .   ? 11.222  8.206   -10.301 0.72 13.85 ? 449 HOH A O   1 
HETATM 1389 O  O   . HOH E 5 .   ? -11.361 -12.206 -3.007  0.54 22.55 ? 451 HOH A O   1 
HETATM 1390 O  O   . HOH E 5 .   ? -4.577  -9.661  -4.199  0.67 25.37 ? 454 HOH A O   1 
HETATM 1391 O  O   . HOH E 5 .   ? 19.810  8.446   -4.474  1.00 16.22 ? 461 HOH A O   1 
HETATM 1392 O  O   . HOH E 5 .   ? 5.072   14.806  -13.989 1.00 35.32 ? 463 HOH A O   1 
HETATM 1393 O  O   . HOH E 5 .   ? 16.761  6.687   -5.669  0.74 20.79 ? 464 HOH A O   1 
HETATM 1394 O  O   . HOH E 5 .   ? 12.063  3.776   6.214   0.86 26.48 ? 467 HOH A O   1 
HETATM 1395 O  O   . HOH E 5 .   ? -2.473  10.033  6.216   1.00 46.46 ? 468 HOH A O   1 
HETATM 1396 O  O   . HOH E 5 .   ? 16.359  -2.704  4.724   0.55 26.64 ? 471 HOH A O   1 
HETATM 1397 O  O   . HOH E 5 .   ? -18.382 -5.186  -10.723 1.00 53.18 ? 473 HOH A O   1 
HETATM 1398 O  O   . HOH E 5 .   ? -3.494  2.267   -9.579  0.72 12.00 ? 475 HOH A O   1 
HETATM 1399 O  O   . HOH E 5 .   ? -3.266  -3.789  19.306  1.00 50.26 ? 477 HOH A O   1 
HETATM 1400 O  O   . HOH E 5 .   ? 11.314  -11.570 -0.361  1.00 50.00 ? 478 HOH A O   1 
HETATM 1401 O  O   . HOH E 5 .   ? -7.195  -6.970  20.662  1.00 49.10 ? 479 HOH A O   1 
HETATM 1402 O  O   . HOH E 5 .   ? -11.819 -1.974  -11.209 0.76 29.65 ? 480 HOH A O   1 
HETATM 1403 O  O   . HOH E 5 .   ? -12.033 -4.729  -9.983  0.63 28.57 ? 482 HOH A O   1 
HETATM 1404 O  O   . HOH E 5 .   ? -15.839 -2.323  4.976   1.00 47.70 ? 484 HOH A O   1 
HETATM 1405 O  O   . HOH E 5 .   ? 1.100   -10.995 -8.277  1.00 48.71 ? 493 HOH A O   1 
HETATM 1406 O  O   . HOH E 5 .   ? 7.150   -11.449 -3.792  1.00 48.59 ? 494 HOH A O   1 
HETATM 1407 O  O   . HOH E 5 .   ? 4.725   -12.995 -2.599  0.99 43.15 ? 495 HOH A O   1 
HETATM 1408 O  O   . HOH E 5 .   ? 7.445   6.214   11.935  0.91 44.30 ? 519 HOH A O   1 
HETATM 1409 O  O   . HOH E 5 .   ? -0.774  -4.762  -20.320 0.99 52.19 ? 524 HOH A O   1 
HETATM 1410 O  O   . HOH E 5 .   ? 3.732   -10.184 -9.102  1.00 44.56 ? 525 HOH A O   1 
HETATM 1411 O  O   . HOH E 5 .   ? 8.058   3.752   13.214  1.00 52.94 ? 526 HOH A O   1 
HETATM 1412 O  O   . HOH E 5 .   ? 1.756   -6.373  -15.790 0.90 47.31 ? 531 HOH A O   1 
HETATM 1413 O  O   . HOH E 5 .   ? -0.643  -6.383  23.562  0.71 43.67 ? 536 HOH A O   1 
HETATM 1414 O  O   . HOH E 5 .   ? -4.221  14.304  -3.425  1.00 45.53 ? 545 HOH A O   1 
HETATM 1415 O  O   . HOH E 5 .   ? 3.296   11.543  -21.081 0.57 14.72 ? 549 HOH A O   1 
HETATM 1416 O  O   . HOH E 5 .   ? -9.675  -1.169  13.381  0.75 21.42 ? 551 HOH A O   1 
HETATM 1417 O  O   . HOH E 5 .   ? 6.401   -5.442  -6.375  0.97 29.14 ? 569 HOH A O   1 
HETATM 1418 O  O   . HOH E 5 .   ? 20.608  6.278   -6.543  1.00 40.26 ? 576 HOH A O   1 
HETATM 1419 O  O   . HOH E 5 .   ? -14.618 4.750   -10.327 1.00 47.06 ? 577 HOH A O   1 
HETATM 1420 O  O   . HOH E 5 .   ? -12.982 2.932   11.630  1.00 32.79 ? 584 HOH A O   1 
HETATM 1421 O  O   . HOH E 5 .   ? 15.467  -9.031  4.403   0.57 12.99 ? 586 HOH A O   1 
HETATM 1422 O  O   . HOH E 5 .   ? -16.406 5.401   1.254   1.00 53.71 ? 588 HOH A O   1 
HETATM 1423 O  O   . HOH E 5 .   ? 11.364  -8.007  19.865  0.67 32.04 ? 590 HOH A O   1 
HETATM 1424 O  O   . HOH E 5 .   ? -3.649  2.681   -22.100 0.82 51.29 ? 592 HOH A O   1 
HETATM 1425 O  O   . HOH E 5 .   ? 16.072  -6.071  3.730   1.00 41.93 ? 603 HOH A O   1 
HETATM 1426 O  O   . HOH E 5 .   ? -11.653 -10.117 -14.008 0.37 17.29 ? 604 HOH A O   1 
HETATM 1427 O  O   . HOH E 5 .   ? 14.674  -5.879  6.235   0.67 22.40 ? 615 HOH A O   1 
HETATM 1428 O  O   . HOH E 5 .   ? 20.398  11.914  -2.873  1.00 37.65 ? 624 HOH A O   1 
HETATM 1429 O  O   . HOH E 5 .   ? 11.085  -1.085  10.031  0.55 34.08 ? 630 HOH A O   1 
HETATM 1430 O  O   . HOH E 5 .   ? -2.460  13.809  -1.661  1.00 45.16 ? 642 HOH A O   1 
HETATM 1431 O  O   . HOH E 5 .   ? 10.684  10.616  4.482   0.85 38.55 ? 652 HOH A O   1 
HETATM 1432 O  O   . HOH E 5 .   ? 14.753  12.253  1.944   0.94 50.01 ? 657 HOH A O   1 
HETATM 1433 O  O   . HOH E 5 .   ? -3.749  -15.364 16.013  1.00 48.20 ? 660 HOH A O   1 
HETATM 1434 O  O   . HOH E 5 .   ? -1.420  -13.047 3.682   0.59 33.46 ? 661 HOH A O   1 
HETATM 1435 O  O   . HOH E 5 .   ? -11.007 4.459   -12.741 0.76 33.91 ? 667 HOH A O   1 
HETATM 1436 O  O   . HOH E 5 .   ? -7.750  -14.958 4.969   1.00 49.46 ? 679 HOH A O   1 
HETATM 1437 O  O   . HOH E 5 .   ? 3.086   -17.478 8.848   0.73 33.35 ? 680 HOH A O   1 
HETATM 1438 O  O   . HOH E 5 .   ? -8.527  -13.321 7.074   1.00 37.39 ? 682 HOH A O   1 
HETATM 1439 O  O   . HOH E 5 .   ? -16.837 -5.329  -6.341  0.91 33.09 ? 688 HOH A O   1 
HETATM 1440 O  O   . HOH E 5 .   ? -3.038  13.121  -18.201 1.00 42.39 ? 692 HOH A O   1 
HETATM 1441 O  O   . HOH E 5 .   ? 17.982  3.507   -13.812 0.83 42.29 ? 693 HOH A O   1 
HETATM 1442 O  O   . HOH E 5 .   ? -6.410  -0.129  -24.170 0.37 23.27 ? 695 HOH A O   1 
HETATM 1443 O  O   . HOH E 5 .   ? 13.687  12.225  4.269   0.70 32.42 ? 700 HOH A O   1 
HETATM 1444 O  O   . HOH E 5 .   ? -7.235  -10.176 -17.098 1.00 50.29 ? 705 HOH A O   1 
HETATM 1445 O  O   . HOH E 5 .   ? 16.177  -1.894  7.182   0.80 50.92 ? 770 HOH A O   1 
HETATM 1446 O  O   . HOH E 5 .   ? 13.713  -12.884 -0.874  1.00 49.42 ? 785 HOH A O   1 
HETATM 1447 O  O   . HOH E 5 .   ? 14.060  -4.671  11.172  0.66 31.71 ? 790 HOH A O   1 
HETATM 1448 O  O   . HOH E 5 .   ? 12.701  -9.189  -0.168  0.46 9.55  ? 805 HOH A O   1 
HETATM 1449 O  O   . HOH E 5 .   ? -4.729  -9.092  -16.059 0.89 34.12 ? 820 HOH A O   1 
HETATM 1450 O  O   . HOH E 5 .   ? -5.642  -14.061 11.412  0.85 40.33 ? 825 HOH A O   1 
HETATM 1451 O  O   . HOH E 5 .   ? 6.890   10.121  13.267  0.94 44.46 ? 830 HOH A O   1 
HETATM 1452 O  O   . HOH E 5 .   ? -4.846  -6.041  -18.491 0.83 49.56 ? 835 HOH A O   1 
HETATM 1453 O  O   . HOH E 5 .   ? -0.561  -8.233  4.876   1.00 35.39 ? 836 HOH A O   1 
HETATM 1454 O  O   . HOH E 5 .   ? 9.427   14.565  -3.001  0.74 27.80 ? 841 HOH A O   1 
# 
